data_4MY8
#
_entry.id   4MY8
#
_cell.length_a   111.433
_cell.length_b   56.226
_cell.length_c   111.395
_cell.angle_alpha   90.00
_cell.angle_beta   89.83
_cell.angle_gamma   90.00
#
_symmetry.space_group_name_H-M   'P 1 2 1'
#
loop_
_entity.id
_entity.type
_entity.pdbx_description
1 polymer "Inosine-5'-monophosphate dehydrogenase"
2 non-polymer 'INOSINIC ACID'
3 non-polymer (2S)-2-(naphthalen-1-yloxy)-N-[2-(pyridin-4-yl)-1,3-benzoxazol-5-yl]propanamide
4 non-polymer 1,2-ETHANEDIOL
5 non-polymer 'FORMIC ACID'
6 non-polymer 'ACETIC ACID'
7 water water
#
_entity_poly.entity_id   1
_entity_poly.type   'polypeptide(L)'
_entity_poly.pdbx_seq_one_letter_code
;MHHHHHHSSGVDLGTENLYFQSNAMWESKFVKEGLTFDDVLLVPAKSDVLPREVSVKTVLSESLQLNIPLISAGMDTVTE
ADMAIAMARQGGLGIIHKNMSIEQQAEQVDKVKRSGGLLVGAAVGVTADAMTRIDALVKASVDAIVLDTAHGHSQGVIDK
VKEVRAKYPSLNIIAGNVATAEATKALIEAGANVVKVGIGPGSICTTRVVAGVGVPQLTAVYDCATEARKHGIPVIADGG
IKYSGDMVKALAAGAHVVMLGSMFAGVAESPGETEIYQGRQFKVYRGMGSVGAMEKGSKDRYFQEGNKKLVPEGIEGRVP
YKGPLADTVHQLVGGLRAGMGYCGAQDLEFLRENAQFIRMSGAGLLESHPHHVQITKEAPNYSL
;
_entity_poly.pdbx_strand_id   A,B,C,D
#
# COMPACT_ATOMS: atom_id res chain seq x y z
N ASN A 23 -25.08 35.01 17.08
CA ASN A 23 -23.92 35.85 17.33
C ASN A 23 -22.65 35.02 17.51
N ALA A 24 -22.79 33.70 17.45
CA ALA A 24 -21.65 32.82 17.58
C ALA A 24 -20.75 33.01 16.38
N MET A 25 -21.35 33.17 15.20
CA MET A 25 -20.61 33.38 13.96
C MET A 25 -19.95 34.77 13.94
N TRP A 26 -20.56 35.71 14.65
CA TRP A 26 -20.02 37.05 14.71
C TRP A 26 -18.74 37.03 15.54
N GLU A 27 -18.76 36.25 16.62
CA GLU A 27 -17.64 36.20 17.55
C GLU A 27 -16.43 35.43 17.02
N SER A 28 -16.66 34.59 16.01
CA SER A 28 -15.60 33.71 15.50
C SER A 28 -15.04 34.19 14.18
N LYS A 29 -15.43 35.40 13.77
CA LYS A 29 -15.08 35.93 12.46
C LYS A 29 -13.58 35.93 12.17
N PHE A 30 -12.79 36.17 13.23
CA PHE A 30 -11.34 36.35 13.08
C PHE A 30 -10.50 35.31 13.83
N VAL A 31 -11.09 34.18 14.22
CA VAL A 31 -10.33 33.22 15.02
C VAL A 31 -9.33 32.39 14.20
N LYS A 32 -9.71 32.01 12.99
CA LYS A 32 -8.97 31.06 12.18
C LYS A 32 -7.64 31.64 11.68
N GLU A 33 -6.60 30.82 11.67
CA GLU A 33 -5.29 31.19 11.15
C GLU A 33 -4.86 30.17 10.11
N GLY A 34 -4.16 30.60 9.08
CA GLY A 34 -3.74 29.71 8.02
C GLY A 34 -2.31 29.93 7.54
N LEU A 35 -1.65 28.86 7.11
CA LEU A 35 -0.26 28.93 6.68
C LEU A 35 -0.14 28.64 5.20
N THR A 36 0.80 29.30 4.55
CA THR A 36 1.12 28.98 3.16
C THR A 36 2.51 28.34 3.11
N PHE A 37 3.03 28.08 1.91
CA PHE A 37 4.29 27.32 1.73
C PHE A 37 5.49 27.98 2.40
N ASP A 38 5.59 29.30 2.22
CA ASP A 38 6.71 30.10 2.71
C ASP A 38 6.71 30.24 4.23
N ASP A 39 5.67 29.75 4.88
CA ASP A 39 5.53 29.89 6.33
C ASP A 39 6.28 28.80 7.12
N VAL A 40 6.65 27.71 6.46
CA VAL A 40 7.14 26.54 7.18
C VAL A 40 8.28 25.82 6.47
N LEU A 41 9.00 25.01 7.23
CA LEU A 41 10.00 24.14 6.64
C LEU A 41 9.79 22.76 7.23
N LEU A 42 10.17 21.72 6.49
CA LEU A 42 10.12 20.36 7.04
C LEU A 42 11.32 20.12 7.92
N VAL A 43 11.09 19.35 8.98
CA VAL A 43 12.12 19.04 9.95
C VAL A 43 12.75 17.71 9.62
N PRO A 44 14.10 17.70 9.48
CA PRO A 44 14.81 16.44 9.24
C PRO A 44 14.58 15.46 10.36
N ALA A 45 14.66 14.18 10.04
CA ALA A 45 14.40 13.12 11.01
C ALA A 45 15.23 11.88 10.66
N LYS A 46 15.28 10.92 11.59
CA LYS A 46 16.03 9.70 11.39
C LYS A 46 15.77 9.06 10.04
N SER A 47 16.83 8.90 9.25
CA SER A 47 16.71 8.33 7.92
C SER A 47 17.71 7.20 7.68
N ASP A 48 17.25 6.16 7.00
CA ASP A 48 18.15 5.09 6.57
C ASP A 48 17.90 4.77 5.10
N VAL A 49 17.13 5.62 4.45
CA VAL A 49 16.81 5.41 3.04
C VAL A 49 17.33 6.58 2.19
N LEU A 50 18.13 6.26 1.19
CA LEU A 50 18.73 7.26 0.32
C LEU A 50 17.69 7.81 -0.64
N PRO A 51 17.91 9.02 -1.16
CA PRO A 51 17.00 9.59 -2.16
C PRO A 51 16.72 8.66 -3.36
N ARG A 52 17.72 7.94 -3.85
CA ARG A 52 17.48 7.08 -5.01
C ARG A 52 16.63 5.84 -4.67
N GLU A 53 16.64 5.46 -3.40
CA GLU A 53 15.91 4.29 -2.92
C GLU A 53 14.44 4.52 -2.59
N VAL A 54 14.03 5.77 -2.41
CA VAL A 54 12.65 6.04 -1.95
C VAL A 54 11.61 5.78 -3.04
N SER A 55 10.41 5.40 -2.62
CA SER A 55 9.31 5.15 -3.54
C SER A 55 8.44 6.40 -3.64
N VAL A 56 8.18 6.85 -4.86
CA VAL A 56 7.33 8.02 -5.07
C VAL A 56 6.00 7.64 -5.76
N LYS A 57 5.69 6.34 -5.80
CA LYS A 57 4.42 5.85 -6.32
C LYS A 57 3.28 6.31 -5.45
N THR A 58 2.12 6.56 -6.06
CA THR A 58 0.95 6.99 -5.32
C THR A 58 -0.32 6.35 -5.93
N VAL A 59 -1.22 5.89 -5.07
CA VAL A 59 -2.46 5.22 -5.50
C VAL A 59 -3.65 6.13 -5.22
N LEU A 60 -4.35 6.57 -6.27
CA LEU A 60 -5.52 7.42 -6.04
C LEU A 60 -6.79 6.58 -5.88
N SER A 61 -6.91 5.55 -6.71
CA SER A 61 -7.95 4.54 -6.54
C SER A 61 -7.40 3.22 -7.05
N GLU A 62 -8.19 2.16 -6.93
CA GLU A 62 -7.74 0.85 -7.37
C GLU A 62 -7.57 0.77 -8.89
N SER A 63 -7.97 1.82 -9.61
CA SER A 63 -7.86 1.83 -11.06
C SER A 63 -7.17 3.08 -11.59
N LEU A 64 -6.55 3.85 -10.70
CA LEU A 64 -5.76 5.01 -11.11
C LEU A 64 -4.51 5.06 -10.24
N GLN A 65 -3.43 4.42 -10.68
CA GLN A 65 -2.19 4.33 -9.89
C GLN A 65 -1.00 5.02 -10.56
N LEU A 66 -0.47 6.05 -9.93
CA LEU A 66 0.59 6.87 -10.51
C LEU A 66 1.98 6.52 -10.00
N ASN A 67 2.95 6.50 -10.91
CA ASN A 67 4.35 6.25 -10.58
C ASN A 67 5.04 7.47 -9.98
N ILE A 68 4.56 8.66 -10.33
CA ILE A 68 5.04 9.90 -9.68
C ILE A 68 3.83 10.77 -9.34
N PRO A 69 3.90 11.50 -8.22
CA PRO A 69 2.71 12.19 -7.71
C PRO A 69 2.47 13.55 -8.35
N LEU A 70 2.39 13.59 -9.69
CA LEU A 70 2.27 14.84 -10.42
C LEU A 70 1.20 14.81 -11.48
N ILE A 71 0.36 15.83 -11.49
CA ILE A 71 -0.72 15.98 -12.47
C ILE A 71 -0.56 17.35 -13.15
N SER A 72 -0.65 17.39 -14.47
CA SER A 72 -0.67 18.68 -15.15
C SER A 72 -2.08 19.27 -15.22
N ALA A 73 -2.15 20.57 -14.95
CA ALA A 73 -3.41 21.30 -14.88
C ALA A 73 -4.21 21.23 -16.19
N GLY A 74 -5.53 21.16 -16.09
CA GLY A 74 -6.39 21.15 -17.25
C GLY A 74 -6.70 22.58 -17.63
N MET A 75 -5.73 23.23 -18.26
CA MET A 75 -5.84 24.63 -18.64
C MET A 75 -5.42 24.65 -20.09
N ASP A 76 -6.00 25.56 -20.87
CA ASP A 76 -5.86 25.54 -22.33
C ASP A 76 -4.48 25.96 -22.83
N THR A 77 -3.57 26.28 -21.91
CA THR A 77 -2.19 26.59 -22.25
C THR A 77 -1.23 25.65 -21.51
N VAL A 78 -1.77 24.60 -20.90
CA VAL A 78 -0.96 23.63 -20.17
C VAL A 78 -1.09 22.22 -20.74
N THR A 79 -2.31 21.68 -20.80
CA THR A 79 -2.48 20.27 -21.17
C THR A 79 -3.40 19.98 -22.36
N GLU A 80 -2.82 19.48 -23.44
CA GLU A 80 -3.56 18.71 -24.44
C GLU A 80 -2.93 17.33 -24.55
N ALA A 81 -3.19 16.63 -25.66
CA ALA A 81 -2.75 15.25 -25.83
C ALA A 81 -1.23 15.05 -25.74
N ASP A 82 -0.46 15.95 -26.35
CA ASP A 82 0.99 15.86 -26.28
C ASP A 82 1.50 15.94 -24.84
N MET A 83 0.93 16.86 -24.07
CA MET A 83 1.32 17.03 -22.67
C MET A 83 0.88 15.81 -21.88
N ALA A 84 -0.33 15.35 -22.13
CA ALA A 84 -0.86 14.25 -21.34
C ALA A 84 -0.07 12.96 -21.60
N ILE A 85 0.36 12.77 -22.84
CA ILE A 85 1.20 11.65 -23.20
C ILE A 85 2.57 11.71 -22.52
N ALA A 86 3.18 12.89 -22.54
CA ALA A 86 4.50 13.02 -21.94
C ALA A 86 4.41 12.86 -20.44
N MET A 87 3.28 13.25 -19.86
CA MET A 87 3.08 13.09 -18.41
C MET A 87 2.90 11.63 -18.05
N ALA A 88 2.07 10.94 -18.81
CA ALA A 88 1.76 9.54 -18.54
C ALA A 88 3.04 8.71 -18.63
N ARG A 89 3.92 9.09 -19.55
CA ARG A 89 5.18 8.36 -19.76
C ARG A 89 6.15 8.52 -18.60
N GLN A 90 6.06 9.65 -17.92
CA GLN A 90 6.92 9.95 -16.79
C GLN A 90 6.36 9.34 -15.50
N GLY A 91 5.13 8.85 -15.56
CA GLY A 91 4.49 8.19 -14.43
C GLY A 91 3.42 9.02 -13.79
N GLY A 92 3.10 10.18 -14.38
CA GLY A 92 2.05 11.04 -13.87
C GLY A 92 0.79 11.00 -14.74
N LEU A 93 0.06 12.10 -14.79
CA LEU A 93 -1.23 12.18 -15.45
C LEU A 93 -1.47 13.60 -15.96
N GLY A 94 -2.09 13.72 -17.14
CA GLY A 94 -2.50 15.01 -17.66
C GLY A 94 -4.02 15.07 -17.71
N ILE A 95 -4.59 16.24 -17.45
CA ILE A 95 -6.01 16.48 -17.62
C ILE A 95 -6.25 17.31 -18.86
N ILE A 96 -6.86 16.71 -19.87
CA ILE A 96 -7.23 17.43 -21.08
C ILE A 96 -8.23 18.53 -20.73
N HIS A 97 -7.88 19.78 -21.06
CA HIS A 97 -8.74 20.93 -20.74
C HIS A 97 -10.03 20.91 -21.55
N LYS A 98 -11.03 21.68 -21.11
CA LYS A 98 -12.36 21.64 -21.69
C LYS A 98 -12.68 22.82 -22.60
N ASN A 99 -11.74 23.73 -22.81
CA ASN A 99 -11.95 24.83 -23.76
C ASN A 99 -11.87 24.36 -25.20
N MET A 100 -12.75 23.42 -25.53
CA MET A 100 -12.83 22.83 -26.86
C MET A 100 -14.10 21.97 -26.91
N SER A 101 -14.59 21.69 -28.11
CA SER A 101 -15.82 20.92 -28.28
C SER A 101 -15.70 19.51 -27.72
N ILE A 102 -16.85 18.90 -27.44
CA ILE A 102 -16.95 17.51 -27.01
C ILE A 102 -16.17 16.57 -27.93
N GLU A 103 -16.46 16.64 -29.23
N GLU A 103 -16.45 16.64 -29.22
CA GLU A 103 -15.77 15.82 -30.22
CA GLU A 103 -15.76 15.80 -30.21
C GLU A 103 -14.25 16.01 -30.17
C GLU A 103 -14.25 16.01 -30.18
N GLN A 104 -13.81 17.26 -30.06
CA GLN A 104 -12.38 17.56 -29.95
C GLN A 104 -11.76 16.95 -28.71
N GLN A 105 -12.45 17.05 -27.58
CA GLN A 105 -11.93 16.49 -26.34
C GLN A 105 -11.87 14.96 -26.36
N ALA A 106 -12.86 14.32 -26.96
CA ALA A 106 -12.93 12.85 -27.00
C ALA A 106 -11.83 12.23 -27.85
N GLU A 107 -11.47 12.88 -28.96
CA GLU A 107 -10.39 12.38 -29.80
C GLU A 107 -9.00 12.64 -29.18
N GLN A 108 -8.88 13.74 -28.43
CA GLN A 108 -7.66 14.02 -27.67
C GLN A 108 -7.45 12.90 -26.67
N VAL A 109 -8.48 12.59 -25.90
CA VAL A 109 -8.42 11.48 -24.94
C VAL A 109 -8.08 10.16 -25.63
N ASP A 110 -8.79 9.85 -26.71
CA ASP A 110 -8.54 8.62 -27.45
C ASP A 110 -7.13 8.56 -28.05
N LYS A 111 -6.56 9.73 -28.35
CA LYS A 111 -5.20 9.82 -28.87
C LYS A 111 -4.20 9.37 -27.83
N VAL A 112 -4.43 9.75 -26.58
CA VAL A 112 -3.52 9.39 -25.49
C VAL A 112 -3.59 7.89 -25.21
N LYS A 113 -4.82 7.37 -25.20
CA LYS A 113 -5.07 5.96 -24.97
C LYS A 113 -4.48 5.15 -26.11
N ARG A 114 -4.41 5.74 -27.29
CA ARG A 114 -3.83 5.08 -28.45
C ARG A 114 -2.33 4.83 -28.25
N SER A 115 -1.69 5.69 -27.46
CA SER A 115 -0.24 5.62 -27.28
C SER A 115 0.22 4.48 -26.38
N GLY A 116 -0.64 3.49 -26.18
CA GLY A 116 -0.26 2.28 -25.47
C GLY A 116 -0.75 2.24 -24.04
N GLY A 117 -2.06 2.39 -23.87
CA GLY A 117 -2.69 2.31 -22.57
C GLY A 117 -2.05 3.24 -21.55
N LEU A 118 -1.94 4.50 -21.91
CA LEU A 118 -1.44 5.50 -20.98
C LEU A 118 -2.64 6.03 -20.21
N LEU A 119 -2.43 6.51 -18.99
CA LEU A 119 -3.52 7.10 -18.20
C LEU A 119 -3.79 8.52 -18.67
N VAL A 120 -5.06 8.90 -18.72
CA VAL A 120 -5.42 10.27 -19.06
C VAL A 120 -6.69 10.73 -18.37
N GLY A 121 -6.78 12.01 -18.06
CA GLY A 121 -7.98 12.57 -17.45
C GLY A 121 -8.57 13.68 -18.29
N ALA A 122 -9.81 14.05 -18.02
CA ALA A 122 -10.45 15.12 -18.78
C ALA A 122 -11.33 16.02 -17.91
N ALA A 123 -11.21 17.32 -18.12
CA ALA A 123 -11.99 18.34 -17.43
C ALA A 123 -13.41 18.46 -18.01
N VAL A 124 -14.39 18.61 -17.13
CA VAL A 124 -15.77 18.83 -17.54
C VAL A 124 -16.38 19.93 -16.68
N GLY A 125 -17.03 20.89 -17.32
CA GLY A 125 -17.65 21.98 -16.59
C GLY A 125 -18.95 21.52 -15.94
N VAL A 126 -19.50 22.34 -15.06
CA VAL A 126 -20.79 22.03 -14.45
C VAL A 126 -21.91 22.75 -15.18
N THR A 127 -22.42 22.11 -16.22
CA THR A 127 -23.43 22.69 -17.10
C THR A 127 -24.40 21.58 -17.50
N ALA A 128 -25.51 21.94 -18.14
CA ALA A 128 -26.42 20.91 -18.64
C ALA A 128 -25.74 20.09 -19.74
N ASP A 129 -24.78 20.73 -20.41
CA ASP A 129 -23.90 20.10 -21.39
C ASP A 129 -23.14 18.89 -20.79
N ALA A 130 -22.79 19.00 -19.51
CA ALA A 130 -21.81 18.11 -18.85
C ALA A 130 -21.98 16.62 -19.07
N MET A 131 -23.21 16.12 -18.95
CA MET A 131 -23.45 14.70 -19.10
C MET A 131 -23.13 14.20 -20.51
N THR A 132 -23.46 15.00 -21.52
CA THR A 132 -23.20 14.61 -22.90
C THR A 132 -21.71 14.45 -23.10
N ARG A 133 -20.97 15.52 -22.88
CA ARG A 133 -19.51 15.46 -22.84
C ARG A 133 -18.92 14.26 -22.08
N ILE A 134 -19.46 13.95 -20.89
CA ILE A 134 -18.87 12.86 -20.10
C ILE A 134 -19.07 11.51 -20.78
N ASP A 135 -20.27 11.29 -21.35
CA ASP A 135 -20.55 10.07 -22.09
C ASP A 135 -19.58 9.88 -23.24
N ALA A 136 -19.20 10.97 -23.90
CA ALA A 136 -18.24 10.94 -24.98
C ALA A 136 -16.83 10.63 -24.44
N LEU A 137 -16.52 11.17 -23.27
CA LEU A 137 -15.23 10.90 -22.66
C LEU A 137 -15.16 9.45 -22.17
N VAL A 138 -16.27 8.94 -21.63
CA VAL A 138 -16.28 7.55 -21.18
C VAL A 138 -16.13 6.62 -22.36
N LYS A 139 -16.85 6.95 -23.44
CA LYS A 139 -16.80 6.18 -24.69
C LYS A 139 -15.39 6.14 -25.26
N ALA A 140 -14.66 7.24 -25.12
CA ALA A 140 -13.27 7.34 -25.55
C ALA A 140 -12.27 6.73 -24.55
N SER A 141 -12.78 6.17 -23.46
CA SER A 141 -11.98 5.55 -22.39
C SER A 141 -11.17 6.49 -21.51
N VAL A 142 -11.74 7.60 -21.04
CA VAL A 142 -11.03 8.39 -20.04
C VAL A 142 -10.79 7.55 -18.82
N ASP A 143 -9.74 7.88 -18.09
CA ASP A 143 -9.45 7.18 -16.85
C ASP A 143 -10.01 7.95 -15.65
N ALA A 144 -10.21 9.26 -15.80
CA ALA A 144 -10.79 10.08 -14.75
C ALA A 144 -11.36 11.38 -15.32
N ILE A 145 -12.46 11.84 -14.76
CA ILE A 145 -13.04 13.10 -15.19
C ILE A 145 -12.81 14.09 -14.07
N VAL A 146 -12.51 15.33 -14.43
CA VAL A 146 -12.35 16.35 -13.41
C VAL A 146 -13.51 17.32 -13.50
N LEU A 147 -14.41 17.21 -12.52
CA LEU A 147 -15.51 18.15 -12.39
C LEU A 147 -15.05 19.28 -11.50
N ASP A 148 -14.54 20.36 -12.09
CA ASP A 148 -14.07 21.43 -11.24
C ASP A 148 -14.53 22.80 -11.67
N THR A 149 -14.91 23.57 -10.66
CA THR A 149 -15.31 24.96 -10.84
C THR A 149 -14.49 25.77 -9.86
N ALA A 150 -14.61 27.08 -9.96
CA ALA A 150 -13.98 27.96 -9.00
C ALA A 150 -14.44 27.62 -7.59
N HIS A 151 -15.74 27.38 -7.43
CA HIS A 151 -16.31 27.11 -6.11
C HIS A 151 -16.83 25.70 -6.02
N GLY A 152 -16.07 24.82 -5.41
CA GLY A 152 -16.47 23.42 -5.35
C GLY A 152 -17.58 23.18 -4.35
N HIS A 153 -17.64 24.01 -3.32
CA HIS A 153 -18.65 23.84 -2.26
C HIS A 153 -20.00 24.47 -2.67
N SER A 154 -20.51 24.09 -3.82
CA SER A 154 -21.77 24.64 -4.32
C SER A 154 -22.76 23.52 -4.62
N GLN A 155 -24.05 23.82 -4.52
CA GLN A 155 -25.10 22.82 -4.76
C GLN A 155 -25.03 22.27 -6.18
N GLY A 156 -24.70 23.14 -7.13
CA GLY A 156 -24.51 22.74 -8.52
C GLY A 156 -23.50 21.62 -8.68
N VAL A 157 -22.34 21.78 -8.05
CA VAL A 157 -21.28 20.78 -8.16
C VAL A 157 -21.69 19.49 -7.45
N ILE A 158 -22.19 19.62 -6.23
CA ILE A 158 -22.74 18.46 -5.51
C ILE A 158 -23.71 17.66 -6.37
N ASP A 159 -24.72 18.34 -6.92
CA ASP A 159 -25.77 17.66 -7.71
C ASP A 159 -25.23 16.98 -8.96
N LYS A 160 -24.26 17.60 -9.60
CA LYS A 160 -23.68 17.03 -10.82
C LYS A 160 -22.85 15.77 -10.52
N VAL A 161 -22.10 15.78 -9.41
CA VAL A 161 -21.34 14.61 -9.01
C VAL A 161 -22.29 13.45 -8.66
N LYS A 162 -23.35 13.76 -7.92
CA LYS A 162 -24.35 12.77 -7.56
C LYS A 162 -24.87 12.09 -8.82
N GLU A 163 -25.24 12.89 -9.81
CA GLU A 163 -25.83 12.40 -11.06
C GLU A 163 -24.85 11.57 -11.90
N VAL A 164 -23.57 11.97 -11.87
CA VAL A 164 -22.53 11.28 -12.62
C VAL A 164 -22.18 9.96 -11.95
N ARG A 165 -22.06 9.96 -10.63
CA ARG A 165 -21.79 8.73 -9.90
C ARG A 165 -22.92 7.71 -10.12
N ALA A 166 -24.17 8.18 -10.12
CA ALA A 166 -25.32 7.29 -10.30
C ALA A 166 -25.24 6.56 -11.63
N LYS A 167 -24.84 7.28 -12.67
CA LYS A 167 -24.81 6.69 -14.00
C LYS A 167 -23.55 5.84 -14.23
N TYR A 168 -22.46 6.23 -13.59
CA TYR A 168 -21.19 5.56 -13.77
C TYR A 168 -20.56 5.16 -12.43
N PRO A 169 -21.01 4.04 -11.85
CA PRO A 169 -20.57 3.57 -10.54
C PRO A 169 -19.04 3.43 -10.39
N SER A 170 -18.34 3.11 -11.47
CA SER A 170 -16.92 2.77 -11.34
C SER A 170 -15.95 3.81 -11.92
N LEU A 171 -16.48 4.94 -12.37
CA LEU A 171 -15.66 5.96 -12.99
C LEU A 171 -14.97 6.83 -11.93
N ASN A 172 -13.68 7.13 -12.13
CA ASN A 172 -13.00 8.04 -11.22
C ASN A 172 -13.47 9.48 -11.37
N ILE A 173 -14.00 10.02 -10.28
CA ILE A 173 -14.47 11.39 -10.27
C ILE A 173 -13.61 12.24 -9.34
N ILE A 174 -12.98 13.25 -9.93
CA ILE A 174 -12.23 14.24 -9.17
C ILE A 174 -13.07 15.50 -9.16
N ALA A 175 -13.30 16.05 -7.97
CA ALA A 175 -14.18 17.19 -7.82
C ALA A 175 -13.52 18.24 -6.95
N GLY A 176 -13.62 19.50 -7.37
CA GLY A 176 -13.04 20.62 -6.65
C GLY A 176 -13.54 21.89 -7.30
N ASN A 177 -12.94 23.03 -6.96
CA ASN A 177 -11.92 23.11 -5.94
C ASN A 177 -12.56 23.42 -4.60
N VAL A 178 -11.98 22.92 -3.52
CA VAL A 178 -12.47 23.23 -2.19
C VAL A 178 -11.28 23.61 -1.29
N ALA A 179 -11.57 24.14 -0.11
CA ALA A 179 -10.52 24.51 0.83
C ALA A 179 -10.94 24.34 2.28
N THR A 180 -12.04 23.63 2.53
CA THR A 180 -12.47 23.36 3.89
C THR A 180 -12.88 21.91 4.10
N ALA A 181 -12.79 21.44 5.34
CA ALA A 181 -13.20 20.10 5.72
C ALA A 181 -14.66 19.90 5.38
N GLU A 182 -15.46 20.93 5.63
CA GLU A 182 -16.89 20.89 5.40
C GLU A 182 -17.20 20.62 3.92
N ALA A 183 -16.53 21.35 3.03
CA ALA A 183 -16.66 21.13 1.59
C ALA A 183 -16.14 19.76 1.15
N THR A 184 -15.02 19.34 1.73
CA THR A 184 -14.47 18.01 1.43
C THR A 184 -15.49 16.91 1.75
N LYS A 185 -16.14 17.03 2.90
CA LYS A 185 -17.08 16.03 3.35
C LYS A 185 -18.28 15.96 2.39
N ALA A 186 -18.73 17.13 1.95
CA ALA A 186 -19.85 17.23 1.03
C ALA A 186 -19.53 16.56 -0.30
N LEU A 187 -18.33 16.79 -0.82
CA LEU A 187 -17.99 16.20 -2.11
C LEU A 187 -17.89 14.69 -1.98
N ILE A 188 -17.37 14.23 -0.85
CA ILE A 188 -17.19 12.81 -0.64
C ILE A 188 -18.53 12.12 -0.54
N GLU A 189 -19.46 12.69 0.21
CA GLU A 189 -20.79 12.10 0.36
C GLU A 189 -21.62 12.06 -0.93
N ALA A 190 -21.40 13.02 -1.81
CA ALA A 190 -22.02 13.02 -3.16
C ALA A 190 -21.49 11.94 -4.10
N GLY A 191 -20.26 11.48 -3.89
CA GLY A 191 -19.72 10.40 -4.71
C GLY A 191 -18.33 10.64 -5.32
N ALA A 192 -17.77 11.83 -5.14
CA ALA A 192 -16.40 12.07 -5.61
C ALA A 192 -15.43 11.11 -4.89
N ASN A 193 -14.56 10.44 -5.63
CA ASN A 193 -13.60 9.57 -4.93
C ASN A 193 -12.21 10.20 -4.78
N VAL A 194 -12.05 11.40 -5.35
CA VAL A 194 -10.84 12.21 -5.20
C VAL A 194 -11.25 13.69 -5.11
N VAL A 195 -10.65 14.41 -4.18
CA VAL A 195 -11.00 15.80 -3.95
C VAL A 195 -9.85 16.75 -4.32
N LYS A 196 -10.13 17.78 -5.10
CA LYS A 196 -9.11 18.72 -5.54
C LYS A 196 -9.16 20.01 -4.70
N VAL A 197 -8.03 20.37 -4.12
CA VAL A 197 -8.00 21.39 -3.08
C VAL A 197 -7.20 22.62 -3.50
N GLY A 198 -7.80 23.79 -3.36
CA GLY A 198 -7.10 25.03 -3.65
C GLY A 198 -8.01 26.15 -4.10
N ILE A 199 -8.23 27.10 -3.21
CA ILE A 199 -8.98 28.31 -3.53
C ILE A 199 -8.06 29.50 -3.30
N GLY A 200 -7.60 30.11 -4.38
CA GLY A 200 -6.70 31.25 -4.28
C GLY A 200 -5.17 31.15 -4.36
N PRO A 201 -4.58 29.93 -4.38
CA PRO A 201 -3.12 29.97 -4.24
C PRO A 201 -2.38 30.14 -5.58
N GLY A 202 -3.09 29.97 -6.69
CA GLY A 202 -2.45 29.94 -7.99
C GLY A 202 -1.62 31.15 -8.40
N SER A 203 -0.58 30.91 -9.20
CA SER A 203 0.29 31.97 -9.69
C SER A 203 -0.40 32.99 -10.60
N ILE A 204 -1.49 32.59 -11.23
CA ILE A 204 -2.17 33.46 -12.19
C ILE A 204 -3.54 33.87 -11.65
N CYS A 205 -3.75 33.58 -10.37
CA CYS A 205 -5.04 33.76 -9.75
C CYS A 205 -5.19 35.15 -9.14
N THR A 206 -6.28 35.85 -9.45
CA THR A 206 -6.52 37.16 -8.85
C THR A 206 -7.74 37.18 -7.93
N THR A 207 -8.24 35.99 -7.61
CA THR A 207 -9.38 35.80 -6.73
C THR A 207 -9.29 36.59 -5.42
N ARG A 208 -8.16 36.51 -4.76
CA ARG A 208 -8.00 37.12 -3.45
C ARG A 208 -8.04 38.66 -3.54
N VAL A 209 -7.71 39.21 -4.70
CA VAL A 209 -7.73 40.65 -4.91
C VAL A 209 -9.11 41.15 -5.41
N VAL A 210 -9.76 40.33 -6.21
CA VAL A 210 -11.03 40.72 -6.84
C VAL A 210 -12.20 40.38 -5.91
N ALA A 211 -12.15 39.20 -5.33
CA ALA A 211 -13.19 38.71 -4.42
C ALA A 211 -12.86 38.83 -2.93
N GLY A 212 -11.58 38.89 -2.58
CA GLY A 212 -11.18 38.90 -1.18
C GLY A 212 -11.22 37.52 -0.55
N VAL A 213 -11.37 36.51 -1.40
CA VAL A 213 -11.58 35.14 -0.96
C VAL A 213 -10.36 34.23 -1.20
N GLY A 214 -10.04 33.41 -0.20
CA GLY A 214 -9.02 32.38 -0.34
C GLY A 214 -8.61 31.74 0.98
N VAL A 215 -7.88 30.63 0.90
CA VAL A 215 -7.36 29.95 2.07
C VAL A 215 -5.90 29.55 1.80
N PRO A 216 -4.97 29.95 2.68
CA PRO A 216 -3.53 29.61 2.62
C PRO A 216 -3.37 28.12 2.34
N GLN A 217 -2.56 27.77 1.35
CA GLN A 217 -2.68 26.46 0.72
C GLN A 217 -2.26 25.28 1.60
N LEU A 218 -1.29 25.47 2.49
CA LEU A 218 -0.93 24.36 3.40
C LEU A 218 -2.02 24.10 4.43
N THR A 219 -2.62 25.18 4.91
CA THR A 219 -3.74 25.06 5.81
C THR A 219 -4.96 24.38 5.16
N ALA A 220 -5.24 24.72 3.90
CA ALA A 220 -6.36 24.11 3.18
C ALA A 220 -6.13 22.62 2.94
N VAL A 221 -4.95 22.27 2.42
CA VAL A 221 -4.62 20.88 2.17
C VAL A 221 -4.74 20.03 3.43
N TYR A 222 -4.18 20.52 4.52
CA TYR A 222 -4.20 19.83 5.80
C TYR A 222 -5.62 19.66 6.38
N ASP A 223 -6.42 20.71 6.30
CA ASP A 223 -7.80 20.68 6.75
C ASP A 223 -8.66 19.70 5.95
N CYS A 224 -8.46 19.68 4.63
CA CYS A 224 -9.20 18.78 3.76
C CYS A 224 -8.68 17.35 3.88
N ALA A 225 -7.36 17.20 3.99
CA ALA A 225 -6.77 15.91 4.26
C ALA A 225 -7.33 15.32 5.55
N THR A 226 -7.38 16.13 6.59
CA THR A 226 -7.89 15.67 7.89
C THR A 226 -9.30 15.09 7.75
N GLU A 227 -10.14 15.74 6.95
CA GLU A 227 -11.47 15.20 6.74
C GLU A 227 -11.43 13.95 5.84
N ALA A 228 -10.80 14.07 4.67
CA ALA A 228 -10.79 12.99 3.69
C ALA A 228 -10.19 11.66 4.17
N ARG A 229 -9.16 11.72 5.03
CA ARG A 229 -8.57 10.52 5.62
C ARG A 229 -9.59 9.63 6.33
N LYS A 230 -10.51 10.24 7.05
CA LYS A 230 -11.56 9.51 7.74
C LYS A 230 -12.33 8.60 6.79
N HIS A 231 -12.31 8.92 5.51
CA HIS A 231 -13.03 8.12 4.52
C HIS A 231 -12.08 7.37 3.56
N GLY A 232 -10.78 7.50 3.78
CA GLY A 232 -9.81 6.94 2.85
C GLY A 232 -9.90 7.53 1.45
N ILE A 233 -10.16 8.84 1.38
CA ILE A 233 -10.19 9.51 0.11
C ILE A 233 -8.96 10.40 -0.02
N PRO A 234 -8.20 10.28 -1.12
CA PRO A 234 -7.03 11.13 -1.36
C PRO A 234 -7.37 12.60 -1.75
N VAL A 235 -6.49 13.56 -1.44
CA VAL A 235 -6.68 14.90 -2.00
C VAL A 235 -5.57 15.30 -2.98
N ILE A 236 -5.91 16.17 -3.92
CA ILE A 236 -4.92 16.79 -4.76
C ILE A 236 -4.67 18.21 -4.29
N ALA A 237 -3.40 18.53 -4.03
CA ALA A 237 -2.99 19.91 -3.77
C ALA A 237 -2.82 20.64 -5.10
N ASP A 238 -3.71 21.60 -5.36
CA ASP A 238 -3.79 22.30 -6.65
C ASP A 238 -3.39 23.76 -6.52
N GLY A 239 -2.28 24.16 -7.13
CA GLY A 239 -1.93 25.57 -7.20
C GLY A 239 -0.90 26.09 -6.22
N GLY A 240 -0.13 27.10 -6.64
CA GLY A 240 0.74 27.83 -5.73
C GLY A 240 2.14 27.26 -5.62
N ILE A 241 2.37 26.12 -6.27
CA ILE A 241 3.67 25.48 -6.24
C ILE A 241 4.66 26.09 -7.25
N LYS A 242 5.60 26.86 -6.73
CA LYS A 242 6.63 27.50 -7.54
C LYS A 242 7.93 26.69 -7.57
N TYR A 243 8.29 26.11 -6.43
CA TYR A 243 9.52 25.33 -6.32
C TYR A 243 9.21 23.88 -5.95
N SER A 244 10.17 22.99 -6.20
CA SER A 244 10.02 21.58 -5.83
C SER A 244 9.85 21.39 -4.30
N GLY A 245 10.49 22.22 -3.49
CA GLY A 245 10.26 22.20 -2.05
C GLY A 245 8.79 22.41 -1.68
N ASP A 246 8.09 23.27 -2.43
CA ASP A 246 6.67 23.51 -2.17
C ASP A 246 5.86 22.23 -2.39
N MET A 247 6.28 21.46 -3.38
CA MET A 247 5.62 20.18 -3.66
C MET A 247 5.81 19.21 -2.51
N VAL A 248 7.04 19.07 -2.01
CA VAL A 248 7.31 18.26 -0.83
C VAL A 248 6.47 18.73 0.38
N LYS A 249 6.39 20.05 0.59
CA LYS A 249 5.52 20.56 1.64
C LYS A 249 4.05 20.17 1.46
N ALA A 250 3.54 20.23 0.23
CA ALA A 250 2.12 19.91 -0.05
C ALA A 250 1.81 18.45 0.26
N LEU A 251 2.63 17.54 -0.25
CA LEU A 251 2.52 16.11 0.06
C LEU A 251 2.63 15.81 1.56
N ALA A 252 3.58 16.45 2.22
CA ALA A 252 3.74 16.29 3.67
C ALA A 252 2.56 16.88 4.50
N ALA A 253 1.82 17.83 3.93
CA ALA A 253 0.68 18.38 4.63
C ALA A 253 -0.56 17.51 4.41
N GLY A 254 -0.41 16.44 3.62
CA GLY A 254 -1.48 15.46 3.53
C GLY A 254 -2.03 15.18 2.15
N ALA A 255 -1.51 15.85 1.12
CA ALA A 255 -1.95 15.56 -0.25
C ALA A 255 -1.31 14.28 -0.81
N HIS A 256 -2.06 13.51 -1.59
CA HIS A 256 -1.47 12.35 -2.25
C HIS A 256 -0.63 12.74 -3.43
N VAL A 257 -0.92 13.92 -3.97
CA VAL A 257 -0.44 14.27 -5.29
C VAL A 257 -0.63 15.78 -5.46
N VAL A 258 0.16 16.39 -6.35
CA VAL A 258 -0.01 17.80 -6.61
C VAL A 258 -0.32 18.05 -8.07
N MET A 259 -1.04 19.13 -8.32
CA MET A 259 -1.34 19.55 -9.67
C MET A 259 -0.61 20.88 -9.93
N LEU A 260 0.00 20.98 -11.10
CA LEU A 260 0.84 22.13 -11.46
C LEU A 260 0.36 22.72 -12.77
N GLY A 261 0.25 24.03 -12.83
CA GLY A 261 0.00 24.71 -14.09
C GLY A 261 1.26 25.45 -14.51
N SER A 262 1.61 26.46 -13.72
CA SER A 262 2.78 27.32 -13.95
C SER A 262 4.05 26.59 -14.34
N MET A 263 4.43 25.61 -13.53
CA MET A 263 5.69 24.92 -13.76
C MET A 263 5.72 24.12 -15.05
N PHE A 264 4.56 23.81 -15.61
CA PHE A 264 4.51 23.01 -16.84
C PHE A 264 4.26 23.86 -18.09
N ALA A 265 3.82 25.11 -17.88
CA ALA A 265 3.35 25.93 -19.00
C ALA A 265 4.43 26.29 -20.03
N GLY A 266 5.68 26.38 -19.60
CA GLY A 266 6.73 26.72 -20.54
C GLY A 266 7.39 25.56 -21.25
N VAL A 267 7.00 24.32 -20.92
CA VAL A 267 7.66 23.17 -21.54
C VAL A 267 7.19 22.95 -22.98
N ALA A 268 7.99 22.23 -23.75
CA ALA A 268 7.74 22.03 -25.18
C ALA A 268 6.40 21.36 -25.51
N GLU A 269 5.96 20.45 -24.65
CA GLU A 269 4.76 19.66 -24.91
C GLU A 269 3.44 20.38 -24.63
N SER A 270 3.52 21.57 -24.03
CA SER A 270 2.32 22.28 -23.65
C SER A 270 1.77 22.96 -24.89
N PRO A 271 0.44 23.13 -24.97
CA PRO A 271 -0.14 23.72 -26.18
C PRO A 271 0.37 25.13 -26.26
N GLY A 272 0.34 25.71 -27.44
CA GLY A 272 0.78 27.07 -27.56
C GLY A 272 2.07 27.19 -28.34
N GLU A 273 2.15 28.29 -29.05
CA GLU A 273 3.28 28.64 -29.87
C GLU A 273 4.37 29.20 -28.97
N THR A 274 5.61 28.88 -29.30
CA THR A 274 6.74 29.50 -28.62
C THR A 274 6.96 30.86 -29.26
N GLU A 275 6.83 31.91 -28.46
CA GLU A 275 7.05 33.27 -28.97
C GLU A 275 8.47 33.75 -28.66
N ILE A 276 9.01 34.57 -29.55
CA ILE A 276 10.38 35.02 -29.45
C ILE A 276 10.41 36.52 -29.27
N TYR A 277 10.74 36.98 -28.06
CA TYR A 277 10.97 38.41 -27.88
C TYR A 277 12.39 38.72 -27.39
N GLN A 278 13.09 39.54 -28.17
CA GLN A 278 14.48 39.92 -27.87
C GLN A 278 15.38 38.70 -27.73
N GLY A 279 15.21 37.75 -28.63
CA GLY A 279 16.01 36.54 -28.65
C GLY A 279 15.56 35.47 -27.67
N ARG A 280 14.67 35.86 -26.74
CA ARG A 280 14.23 34.96 -25.68
C ARG A 280 12.92 34.27 -26.00
N GLN A 281 12.93 32.93 -25.92
CA GLN A 281 11.73 32.14 -26.17
C GLN A 281 10.78 32.19 -25.00
N PHE A 282 9.57 32.69 -25.24
CA PHE A 282 8.55 32.73 -24.21
C PHE A 282 7.36 31.90 -24.63
N LYS A 283 6.52 31.59 -23.66
CA LYS A 283 5.26 30.93 -23.94
C LYS A 283 4.18 31.64 -23.12
N VAL A 284 2.97 31.74 -23.66
CA VAL A 284 1.89 32.39 -22.93
C VAL A 284 1.27 31.44 -21.90
N TYR A 285 0.99 31.95 -20.72
CA TYR A 285 0.31 31.20 -19.66
C TYR A 285 -0.78 32.12 -19.11
N ARG A 286 -2.00 31.61 -18.97
CA ARG A 286 -3.10 32.42 -18.48
C ARG A 286 -4.03 31.61 -17.59
N GLY A 287 -4.70 32.27 -16.66
CA GLY A 287 -5.70 31.58 -15.87
C GLY A 287 -6.88 31.22 -16.75
N MET A 288 -7.62 30.18 -16.37
CA MET A 288 -8.83 29.83 -17.10
C MET A 288 -9.96 30.82 -16.81
N GLY A 289 -9.74 31.65 -15.80
CA GLY A 289 -10.65 32.75 -15.50
C GLY A 289 -10.12 34.10 -15.96
N SER A 290 -9.16 34.08 -16.89
CA SER A 290 -8.71 35.30 -17.55
C SER A 290 -9.67 35.72 -18.67
N VAL A 291 -9.54 36.97 -19.13
CA VAL A 291 -10.40 37.48 -20.20
C VAL A 291 -10.33 36.62 -21.45
N GLY A 292 -9.11 36.28 -21.87
CA GLY A 292 -8.88 35.48 -23.06
C GLY A 292 -9.44 34.06 -22.97
N ALA A 293 -9.19 33.39 -21.85
CA ALA A 293 -9.69 32.04 -21.65
C ALA A 293 -11.22 31.99 -21.59
N MET A 294 -11.82 32.88 -20.81
CA MET A 294 -13.27 32.99 -20.71
C MET A 294 -13.92 33.25 -22.07
N GLU A 295 -13.22 34.01 -22.92
CA GLU A 295 -13.69 34.27 -24.27
C GLU A 295 -13.66 33.01 -25.15
N LYS A 296 -12.55 32.26 -25.07
CA LYS A 296 -12.40 31.02 -25.83
C LYS A 296 -13.43 29.98 -25.39
N GLY A 297 -13.71 29.96 -24.09
CA GLY A 297 -14.60 28.96 -23.53
C GLY A 297 -16.08 29.31 -23.61
N SER A 298 -16.45 30.11 -24.59
CA SER A 298 -17.87 30.42 -24.82
C SER A 298 -18.18 30.52 -26.32
N LYS A 309 -19.76 37.76 -18.50
CA LYS A 309 -20.55 38.49 -17.51
C LYS A 309 -19.91 38.52 -16.11
N LEU A 310 -19.13 37.49 -15.78
CA LEU A 310 -18.35 37.49 -14.54
C LEU A 310 -17.10 38.38 -14.70
N VAL A 311 -16.64 38.97 -13.61
CA VAL A 311 -15.41 39.75 -13.63
C VAL A 311 -14.24 38.75 -13.64
N PRO A 312 -13.18 39.05 -14.42
CA PRO A 312 -12.03 38.14 -14.51
C PRO A 312 -11.38 37.90 -13.16
N GLU A 313 -10.94 36.66 -12.92
CA GLU A 313 -10.24 36.28 -11.70
C GLU A 313 -8.89 35.63 -11.99
N GLY A 314 -8.38 35.83 -13.20
CA GLY A 314 -7.08 35.31 -13.57
C GLY A 314 -6.36 36.22 -14.55
N ILE A 315 -5.03 36.20 -14.53
CA ILE A 315 -4.28 37.04 -15.47
C ILE A 315 -3.64 36.24 -16.61
N GLU A 316 -3.07 36.97 -17.57
N GLU A 316 -3.07 36.96 -17.57
CA GLU A 316 -2.43 36.37 -18.72
CA GLU A 316 -2.42 36.35 -18.72
C GLU A 316 -1.02 36.91 -18.83
C GLU A 316 -1.03 36.90 -18.85
N GLY A 317 -0.03 36.02 -18.74
CA GLY A 317 1.35 36.43 -18.82
C GLY A 317 2.19 35.47 -19.65
N ARG A 318 3.49 35.71 -19.70
CA ARG A 318 4.37 34.78 -20.37
C ARG A 318 5.39 34.18 -19.43
N VAL A 319 5.63 32.89 -19.59
CA VAL A 319 6.63 32.17 -18.84
C VAL A 319 7.74 31.81 -19.81
N PRO A 320 8.98 31.69 -19.29
CA PRO A 320 10.13 31.27 -20.10
C PRO A 320 9.94 29.87 -20.69
N TYR A 321 10.31 29.68 -21.95
CA TYR A 321 10.35 28.35 -22.53
C TYR A 321 11.37 27.52 -21.75
N LYS A 322 11.03 26.26 -21.45
CA LYS A 322 11.87 25.42 -20.59
C LYS A 322 12.35 24.13 -21.24
N GLY A 323 12.20 24.00 -22.55
CA GLY A 323 12.51 22.75 -23.22
C GLY A 323 11.58 21.60 -22.82
N PRO A 324 12.03 20.36 -22.99
CA PRO A 324 11.21 19.15 -22.80
C PRO A 324 10.67 18.98 -21.39
N LEU A 325 9.48 18.42 -21.29
CA LEU A 325 8.88 18.13 -20.00
C LEU A 325 9.78 17.28 -19.11
N ALA A 326 10.48 16.33 -19.72
CA ALA A 326 11.31 15.39 -18.98
C ALA A 326 12.30 16.09 -18.04
N ASP A 327 12.96 17.13 -18.53
CA ASP A 327 13.92 17.89 -17.73
C ASP A 327 13.25 18.54 -16.51
N THR A 328 12.03 19.03 -16.69
CA THR A 328 11.31 19.65 -15.58
C THR A 328 10.85 18.62 -14.54
N VAL A 329 10.30 17.50 -15.01
CA VAL A 329 9.90 16.44 -14.08
C VAL A 329 11.10 15.89 -13.27
N HIS A 330 12.22 15.65 -13.94
N HIS A 330 12.23 15.64 -13.95
CA HIS A 330 13.39 15.07 -13.28
CA HIS A 330 13.41 15.10 -13.28
C HIS A 330 13.88 15.93 -12.11
C HIS A 330 13.83 15.94 -12.09
N GLN A 331 13.86 17.26 -12.27
CA GLN A 331 14.23 18.18 -11.20
C GLN A 331 13.20 18.14 -10.06
N LEU A 332 11.92 18.10 -10.42
CA LEU A 332 10.86 18.03 -9.42
C LEU A 332 10.96 16.77 -8.56
N VAL A 333 11.08 15.61 -9.23
CA VAL A 333 11.14 14.34 -8.51
C VAL A 333 12.44 14.28 -7.70
N GLY A 334 13.54 14.75 -8.30
CA GLY A 334 14.80 14.86 -7.58
C GLY A 334 14.68 15.65 -6.28
N GLY A 335 14.01 16.81 -6.33
CA GLY A 335 13.77 17.62 -5.14
C GLY A 335 12.97 16.86 -4.11
N LEU A 336 11.94 16.15 -4.58
CA LEU A 336 11.11 15.34 -3.72
C LEU A 336 11.91 14.21 -3.03
N ARG A 337 12.79 13.57 -3.78
CA ARG A 337 13.57 12.46 -3.27
C ARG A 337 14.55 12.92 -2.19
N ALA A 338 15.13 14.10 -2.39
CA ALA A 338 15.96 14.72 -1.37
C ALA A 338 15.11 15.00 -0.13
N GLY A 339 13.91 15.53 -0.33
CA GLY A 339 13.00 15.79 0.78
C GLY A 339 12.68 14.55 1.60
N MET A 340 12.33 13.47 0.91
CA MET A 340 12.02 12.24 1.59
C MET A 340 13.25 11.63 2.23
N GLY A 341 14.41 11.88 1.63
CA GLY A 341 15.68 11.50 2.23
C GLY A 341 15.91 12.10 3.60
N TYR A 342 15.60 13.40 3.75
CA TYR A 342 15.86 14.13 5.00
C TYR A 342 14.84 13.74 6.05
N CYS A 343 13.66 13.35 5.59
CA CYS A 343 12.53 13.02 6.45
C CYS A 343 12.53 11.58 6.91
N GLY A 344 13.37 10.75 6.28
CA GLY A 344 13.31 9.31 6.50
C GLY A 344 12.10 8.63 5.85
N ALA A 345 11.44 9.33 4.93
CA ALA A 345 10.25 8.79 4.27
C ALA A 345 10.64 7.78 3.22
N GLN A 346 10.51 6.50 3.52
CA GLN A 346 10.79 5.49 2.49
C GLN A 346 9.71 5.48 1.39
N ASP A 347 8.53 6.03 1.71
CA ASP A 347 7.47 6.26 0.72
C ASP A 347 6.55 7.43 1.08
N LEU A 348 5.65 7.76 0.17
CA LEU A 348 4.76 8.90 0.33
C LEU A 348 3.80 8.79 1.50
N GLU A 349 3.30 7.59 1.79
CA GLU A 349 2.49 7.40 2.99
C GLU A 349 3.20 7.83 4.29
N PHE A 350 4.45 7.41 4.46
CA PHE A 350 5.21 7.85 5.63
C PHE A 350 5.27 9.38 5.68
N LEU A 351 5.52 10.01 4.54
CA LEU A 351 5.61 11.46 4.47
C LEU A 351 4.31 12.13 4.95
N ARG A 352 3.17 11.76 4.36
CA ARG A 352 1.88 12.30 4.80
C ARG A 352 1.65 12.10 6.30
N GLU A 353 1.90 10.90 6.78
CA GLU A 353 1.56 10.54 8.16
C GLU A 353 2.50 11.08 9.24
N ASN A 354 3.78 11.25 8.92
CA ASN A 354 4.80 11.43 9.95
C ASN A 354 5.59 12.73 9.90
N ALA A 355 5.86 13.23 8.70
CA ALA A 355 6.68 14.43 8.54
C ALA A 355 6.16 15.55 9.44
N GLN A 356 7.09 16.30 10.02
CA GLN A 356 6.76 17.42 10.89
C GLN A 356 7.31 18.71 10.30
N PHE A 357 6.51 19.77 10.39
CA PHE A 357 6.95 21.08 9.98
C PHE A 357 7.45 21.89 11.16
N ILE A 358 8.21 22.94 10.87
CA ILE A 358 8.49 23.97 11.85
C ILE A 358 8.08 25.31 11.24
N ARG A 359 7.49 26.18 12.03
CA ARG A 359 7.02 27.46 11.53
C ARG A 359 8.02 28.57 11.75
N MET A 360 8.12 29.48 10.80
CA MET A 360 9.04 30.59 10.96
C MET A 360 8.40 31.92 10.62
N SER A 361 9.03 33.01 11.07
CA SER A 361 8.61 34.35 10.72
C SER A 361 9.07 34.72 9.30
N GLY A 362 8.66 35.90 8.84
CA GLY A 362 8.97 36.31 7.49
C GLY A 362 10.45 36.60 7.34
N ALA A 363 11.07 37.03 8.43
CA ALA A 363 12.50 37.29 8.46
C ALA A 363 13.29 35.99 8.36
N GLY A 364 12.64 34.87 8.68
CA GLY A 364 13.25 33.57 8.58
C GLY A 364 13.13 32.96 7.18
N LEU A 365 12.35 33.62 6.33
CA LEU A 365 12.21 33.22 4.94
C LEU A 365 13.39 33.78 4.13
N LEU A 366 14.10 34.72 4.74
CA LEU A 366 15.21 35.40 4.08
C LEU A 366 16.53 34.61 4.17
N GLU A 367 16.47 33.40 4.73
CA GLU A 367 17.66 32.57 4.88
C GLU A 367 17.45 31.13 4.40
N ASN B 23 6.38 -53.69 23.75
CA ASN B 23 6.49 -53.72 22.29
C ASN B 23 5.49 -52.78 21.61
N ALA B 24 5.11 -51.71 22.30
CA ALA B 24 3.98 -50.89 21.84
C ALA B 24 4.31 -50.02 20.64
N MET B 25 5.47 -49.40 20.63
CA MET B 25 5.87 -48.53 19.54
C MET B 25 5.94 -49.27 18.20
N TRP B 26 6.42 -50.50 18.22
CA TRP B 26 6.46 -51.32 17.01
C TRP B 26 5.06 -51.48 16.39
N GLU B 27 4.06 -51.75 17.21
CA GLU B 27 2.72 -52.07 16.72
C GLU B 27 1.97 -50.87 16.20
N SER B 28 2.32 -49.70 16.72
CA SER B 28 1.60 -48.49 16.36
C SER B 28 2.23 -47.79 15.17
N LYS B 29 3.19 -48.44 14.52
CA LYS B 29 3.98 -47.78 13.48
C LYS B 29 3.15 -47.12 12.37
N PHE B 30 2.07 -47.76 11.97
CA PHE B 30 1.29 -47.26 10.85
C PHE B 30 -0.14 -46.84 11.18
N VAL B 31 -0.43 -46.59 12.45
CA VAL B 31 -1.82 -46.29 12.78
C VAL B 31 -2.30 -44.89 12.39
N LYS B 32 -1.45 -43.87 12.55
CA LYS B 32 -1.90 -42.50 12.34
C LYS B 32 -2.27 -42.27 10.88
N GLU B 33 -3.37 -41.53 10.67
CA GLU B 33 -3.76 -40.99 9.37
C GLU B 33 -3.74 -39.46 9.43
N GLY B 34 -3.51 -38.82 8.30
CA GLY B 34 -3.50 -37.37 8.29
C GLY B 34 -4.11 -36.81 7.02
N LEU B 35 -4.66 -35.61 7.12
CA LEU B 35 -5.32 -34.98 5.99
C LEU B 35 -4.61 -33.71 5.61
N THR B 36 -4.53 -33.45 4.31
CA THR B 36 -3.99 -32.18 3.82
C THR B 36 -5.14 -31.31 3.28
N PHE B 37 -4.81 -30.08 2.88
CA PHE B 37 -5.80 -29.08 2.45
C PHE B 37 -6.76 -29.60 1.40
N ASP B 38 -6.20 -30.23 0.37
CA ASP B 38 -7.01 -30.74 -0.72
C ASP B 38 -7.83 -31.99 -0.37
N ASP B 39 -7.77 -32.44 0.89
CA ASP B 39 -8.53 -33.62 1.30
C ASP B 39 -9.95 -33.28 1.76
N VAL B 40 -10.22 -31.99 1.97
CA VAL B 40 -11.48 -31.59 2.61
C VAL B 40 -12.06 -30.30 2.04
N LEU B 41 -13.34 -30.07 2.30
CA LEU B 41 -14.02 -28.81 2.02
C LEU B 41 -14.81 -28.41 3.26
N LEU B 42 -15.09 -27.12 3.41
CA LEU B 42 -15.96 -26.66 4.48
C LEU B 42 -17.41 -26.85 4.07
N VAL B 43 -18.22 -27.23 5.03
CA VAL B 43 -19.63 -27.47 4.80
C VAL B 43 -20.41 -26.22 5.16
N PRO B 44 -21.21 -25.73 4.20
CA PRO B 44 -22.12 -24.58 4.37
C PRO B 44 -22.98 -24.78 5.62
N ALA B 45 -23.23 -23.69 6.35
CA ALA B 45 -24.12 -23.75 7.50
C ALA B 45 -25.07 -22.55 7.48
N LYS B 46 -26.08 -22.57 8.35
CA LYS B 46 -27.05 -21.47 8.45
C LYS B 46 -26.31 -20.14 8.63
N SER B 47 -26.63 -19.17 7.79
CA SER B 47 -25.89 -17.92 7.82
C SER B 47 -26.76 -16.67 7.79
N ASP B 48 -26.48 -15.76 8.72
CA ASP B 48 -27.10 -14.45 8.75
C ASP B 48 -26.09 -13.32 8.50
N VAL B 49 -24.84 -13.66 8.20
CA VAL B 49 -23.83 -12.61 8.06
C VAL B 49 -23.37 -12.47 6.64
N LEU B 50 -23.35 -11.23 6.15
CA LEU B 50 -22.83 -10.99 4.82
C LEU B 50 -21.32 -11.03 4.89
N PRO B 51 -20.67 -11.46 3.81
CA PRO B 51 -19.21 -11.40 3.76
C PRO B 51 -18.65 -10.00 4.10
N ARG B 52 -19.30 -8.93 3.66
CA ARG B 52 -18.78 -7.59 3.98
C ARG B 52 -18.91 -7.25 5.47
N GLU B 53 -19.74 -7.99 6.20
CA GLU B 53 -20.00 -7.70 7.62
C GLU B 53 -19.18 -8.52 8.62
N VAL B 54 -18.43 -9.50 8.15
CA VAL B 54 -17.72 -10.35 9.09
C VAL B 54 -16.48 -9.63 9.66
N SER B 55 -16.14 -9.94 10.89
CA SER B 55 -14.90 -9.45 11.49
C SER B 55 -13.77 -10.45 11.22
N VAL B 56 -12.63 -9.96 10.76
CA VAL B 56 -11.50 -10.86 10.53
C VAL B 56 -10.32 -10.56 11.47
N LYS B 57 -10.59 -9.82 12.55
CA LYS B 57 -9.61 -9.51 13.58
C LYS B 57 -9.28 -10.75 14.39
N THR B 58 -8.06 -10.80 14.90
CA THR B 58 -7.58 -11.94 15.69
C THR B 58 -6.60 -11.46 16.77
N VAL B 59 -6.72 -12.01 17.97
CA VAL B 59 -5.83 -11.63 19.06
C VAL B 59 -4.81 -12.75 19.33
N LEU B 60 -3.52 -12.48 19.11
CA LEU B 60 -2.51 -13.48 19.44
C LEU B 60 -2.21 -13.46 20.93
N SER B 61 -2.03 -12.25 21.47
CA SER B 61 -2.02 -12.02 22.91
C SER B 61 -2.56 -10.62 23.13
N GLU B 62 -2.68 -10.18 24.38
CA GLU B 62 -3.19 -8.83 24.65
C GLU B 62 -2.30 -7.72 24.09
N SER B 63 -1.02 -8.03 23.84
CA SER B 63 -0.11 -7.03 23.29
C SER B 63 0.11 -7.19 21.80
N LEU B 64 -0.57 -8.17 21.21
CA LEU B 64 -0.39 -8.49 19.80
C LEU B 64 -1.74 -8.73 19.09
N GLN B 65 -2.42 -7.64 18.75
CA GLN B 65 -3.75 -7.74 18.16
C GLN B 65 -3.74 -7.39 16.66
N LEU B 66 -4.08 -8.36 15.84
CA LEU B 66 -4.05 -8.14 14.41
C LEU B 66 -5.46 -7.90 13.91
N ASN B 67 -5.57 -7.06 12.88
CA ASN B 67 -6.82 -6.77 12.19
C ASN B 67 -7.11 -7.78 11.07
N ILE B 68 -6.07 -8.41 10.51
CA ILE B 68 -6.27 -9.52 9.57
C ILE B 68 -5.35 -10.67 9.94
N PRO B 69 -5.82 -11.91 9.72
CA PRO B 69 -5.07 -13.05 10.24
C PRO B 69 -3.89 -13.49 9.36
N LEU B 70 -3.00 -12.56 9.01
CA LEU B 70 -1.91 -12.87 8.07
C LEU B 70 -0.55 -12.42 8.61
N ILE B 71 0.43 -13.31 8.46
CA ILE B 71 1.80 -13.04 8.84
C ILE B 71 2.71 -13.37 7.68
N SER B 72 3.61 -12.47 7.33
CA SER B 72 4.60 -12.75 6.30
C SER B 72 5.80 -13.47 6.91
N ALA B 73 6.20 -14.56 6.27
CA ALA B 73 7.22 -15.45 6.79
C ALA B 73 8.58 -14.78 6.95
N GLY B 74 9.35 -15.23 7.94
CA GLY B 74 10.69 -14.72 8.16
C GLY B 74 11.68 -15.35 7.21
N MET B 75 11.59 -15.00 5.94
CA MET B 75 12.48 -15.56 4.92
C MET B 75 13.16 -14.44 4.16
N ASP B 76 14.39 -14.68 3.72
CA ASP B 76 15.19 -13.63 3.09
C ASP B 76 14.71 -13.21 1.70
N THR B 77 13.69 -13.87 1.18
CA THR B 77 13.06 -13.44 -0.07
C THR B 77 11.59 -13.07 0.17
N VAL B 78 11.24 -12.87 1.43
CA VAL B 78 9.87 -12.52 1.79
C VAL B 78 9.79 -11.25 2.63
N THR B 79 10.33 -11.28 3.85
CA THR B 79 10.12 -10.14 4.76
C THR B 79 11.39 -9.42 5.21
N GLU B 80 11.46 -8.13 4.87
CA GLU B 80 12.33 -7.21 5.58
C GLU B 80 11.47 -6.01 5.95
N ALA B 81 12.12 -4.89 6.30
CA ALA B 81 11.39 -3.71 6.76
C ALA B 81 10.20 -3.30 5.89
N ASP B 82 10.40 -3.15 4.59
CA ASP B 82 9.34 -2.63 3.72
C ASP B 82 8.10 -3.55 3.70
N MET B 83 8.35 -4.85 3.67
CA MET B 83 7.29 -5.84 3.67
C MET B 83 6.59 -5.78 5.01
N ALA B 84 7.38 -5.67 6.08
CA ALA B 84 6.84 -5.59 7.43
C ALA B 84 5.91 -4.39 7.57
N ILE B 85 6.35 -3.25 7.05
CA ILE B 85 5.54 -2.03 7.08
C ILE B 85 4.28 -2.19 6.23
N ALA B 86 4.42 -2.80 5.07
CA ALA B 86 3.27 -2.99 4.20
C ALA B 86 2.26 -3.96 4.83
N MET B 87 2.74 -5.04 5.42
CA MET B 87 1.84 -5.98 6.09
C MET B 87 1.13 -5.29 7.25
N ALA B 88 1.90 -4.54 8.01
CA ALA B 88 1.36 -3.94 9.21
C ALA B 88 0.30 -2.92 8.85
N ARG B 89 0.48 -2.21 7.75
CA ARG B 89 -0.51 -1.21 7.33
C ARG B 89 -1.81 -1.86 6.89
N GLN B 90 -1.73 -3.11 6.45
CA GLN B 90 -2.90 -3.87 6.03
C GLN B 90 -3.60 -4.53 7.22
N GLY B 91 -2.95 -4.50 8.39
CA GLY B 91 -3.54 -5.06 9.59
C GLY B 91 -2.93 -6.40 9.95
N GLY B 92 -1.91 -6.82 9.20
CA GLY B 92 -1.20 -8.04 9.49
C GLY B 92 0.07 -7.79 10.29
N LEU B 93 1.08 -8.64 10.06
CA LEU B 93 2.34 -8.57 10.79
C LEU B 93 3.41 -9.20 9.94
N GLY B 94 4.59 -8.58 9.86
CA GLY B 94 5.70 -9.19 9.16
C GLY B 94 6.80 -9.59 10.13
N ILE B 95 7.47 -10.70 9.85
CA ILE B 95 8.60 -11.14 10.68
C ILE B 95 9.91 -10.85 9.96
N ILE B 96 10.71 -9.95 10.52
CA ILE B 96 12.00 -9.63 9.96
C ILE B 96 12.89 -10.87 10.04
N HIS B 97 13.42 -11.32 8.91
CA HIS B 97 14.23 -12.54 8.87
C HIS B 97 15.58 -12.34 9.57
N LYS B 98 16.30 -13.43 9.81
CA LYS B 98 17.55 -13.33 10.59
C LYS B 98 18.82 -13.61 9.78
N ASN B 99 18.72 -13.65 8.46
CA ASN B 99 19.91 -13.77 7.61
C ASN B 99 20.61 -12.43 7.46
N MET B 100 20.91 -11.80 8.59
CA MET B 100 21.58 -10.50 8.63
C MET B 100 22.16 -10.31 10.04
N SER B 101 23.01 -9.31 10.23
CA SER B 101 23.63 -9.10 11.53
C SER B 101 22.61 -8.59 12.56
N ILE B 102 22.99 -8.66 13.84
CA ILE B 102 22.15 -8.17 14.92
C ILE B 102 21.86 -6.71 14.73
N GLU B 103 22.88 -5.96 14.35
CA GLU B 103 22.77 -4.53 14.14
C GLU B 103 21.78 -4.23 13.01
N GLN B 104 21.90 -4.95 11.91
CA GLN B 104 21.02 -4.74 10.76
C GLN B 104 19.57 -5.06 11.07
N GLN B 105 19.35 -6.15 11.81
CA GLN B 105 17.98 -6.58 12.12
C GLN B 105 17.32 -5.62 13.10
N ALA B 106 18.09 -5.16 14.08
CA ALA B 106 17.59 -4.17 15.02
C ALA B 106 17.19 -2.89 14.29
N GLU B 107 18.05 -2.47 13.35
CA GLU B 107 17.80 -1.26 12.58
C GLU B 107 16.52 -1.41 11.77
N GLN B 108 16.30 -2.61 11.24
CA GLN B 108 15.07 -2.92 10.55
C GLN B 108 13.87 -2.74 11.48
N VAL B 109 13.97 -3.31 12.68
CA VAL B 109 12.86 -3.23 13.63
C VAL B 109 12.62 -1.77 14.04
N ASP B 110 13.69 -0.99 14.17
CA ASP B 110 13.55 0.41 14.52
C ASP B 110 12.88 1.17 13.39
N LYS B 111 13.12 0.72 12.16
CA LYS B 111 12.53 1.33 10.98
C LYS B 111 11.00 1.14 11.00
N VAL B 112 10.55 -0.07 11.26
CA VAL B 112 9.10 -0.34 11.30
C VAL B 112 8.38 0.44 12.40
N LYS B 113 9.00 0.52 13.58
CA LYS B 113 8.43 1.24 14.70
C LYS B 113 8.31 2.74 14.46
N ARG B 114 9.18 3.30 13.65
CA ARG B 114 9.10 4.74 13.45
C ARG B 114 8.15 5.09 12.30
N SER B 115 7.51 4.07 11.75
CA SER B 115 6.54 4.27 10.67
C SER B 115 5.10 4.28 11.16
N GLY B 116 4.87 4.83 12.35
CA GLY B 116 3.53 4.94 12.89
C GLY B 116 3.17 4.02 14.04
N GLY B 117 4.17 3.36 14.62
CA GLY B 117 3.92 2.45 15.72
C GLY B 117 3.22 1.18 15.25
N LEU B 118 3.60 0.73 14.06
CA LEU B 118 3.07 -0.52 13.52
C LEU B 118 3.68 -1.69 14.27
N LEU B 119 3.00 -2.82 14.25
CA LEU B 119 3.52 -4.02 14.89
C LEU B 119 4.56 -4.68 13.99
N VAL B 120 5.60 -5.25 14.61
CA VAL B 120 6.66 -5.94 13.89
C VAL B 120 7.21 -7.15 14.65
N GLY B 121 7.44 -8.25 13.93
CA GLY B 121 8.11 -9.41 14.50
C GLY B 121 9.54 -9.61 13.98
N ALA B 122 10.32 -10.45 14.66
CA ALA B 122 11.68 -10.74 14.21
C ALA B 122 12.13 -12.17 14.53
N ALA B 123 12.72 -12.84 13.55
CA ALA B 123 13.17 -14.21 13.73
C ALA B 123 14.54 -14.26 14.41
N VAL B 124 14.72 -15.30 15.22
CA VAL B 124 15.95 -15.49 15.97
C VAL B 124 16.35 -16.97 15.98
N GLY B 125 17.59 -17.27 15.60
CA GLY B 125 18.09 -18.64 15.59
C GLY B 125 18.34 -19.20 16.97
N VAL B 126 18.43 -20.52 17.08
CA VAL B 126 18.64 -21.17 18.36
C VAL B 126 20.12 -21.49 18.50
N THR B 127 20.87 -20.49 18.95
CA THR B 127 22.33 -20.55 19.03
C THR B 127 22.83 -19.80 20.26
N ALA B 128 24.15 -19.76 20.43
CA ALA B 128 24.77 -19.18 21.62
C ALA B 128 24.45 -17.70 21.79
N ASP B 129 24.55 -16.93 20.71
CA ASP B 129 24.30 -15.49 20.80
C ASP B 129 22.84 -15.11 20.56
N ALA B 130 21.93 -16.08 20.62
CA ALA B 130 20.51 -15.78 20.47
C ALA B 130 20.09 -14.71 21.47
N MET B 131 20.57 -14.82 22.70
CA MET B 131 20.21 -13.86 23.73
C MET B 131 20.67 -12.46 23.34
N THR B 132 21.88 -12.38 22.81
CA THR B 132 22.42 -11.11 22.34
C THR B 132 21.49 -10.48 21.31
N ARG B 133 21.19 -11.21 20.24
CA ARG B 133 20.30 -10.73 19.20
C ARG B 133 18.96 -10.25 19.77
N ILE B 134 18.40 -11.03 20.70
CA ILE B 134 17.11 -10.71 21.32
C ILE B 134 17.18 -9.41 22.12
N ASP B 135 18.31 -9.17 22.77
CA ASP B 135 18.55 -7.93 23.53
C ASP B 135 18.44 -6.67 22.66
N ALA B 136 19.07 -6.68 21.49
CA ALA B 136 18.99 -5.55 20.57
C ALA B 136 17.56 -5.40 19.99
N LEU B 137 16.87 -6.52 19.83
CA LEU B 137 15.54 -6.45 19.24
C LEU B 137 14.55 -5.87 20.24
N VAL B 138 14.70 -6.26 21.51
CA VAL B 138 13.86 -5.75 22.59
C VAL B 138 14.13 -4.26 22.78
N LYS B 139 15.39 -3.89 22.65
CA LYS B 139 15.85 -2.50 22.69
C LYS B 139 15.15 -1.64 21.62
N ALA B 140 14.90 -2.22 20.46
CA ALA B 140 14.21 -1.53 19.37
C ALA B 140 12.70 -1.71 19.44
N SER B 141 12.21 -2.20 20.58
CA SER B 141 10.77 -2.37 20.83
C SER B 141 10.04 -3.27 19.85
N VAL B 142 10.69 -4.36 19.45
CA VAL B 142 10.07 -5.40 18.66
C VAL B 142 8.84 -5.92 19.41
N ASP B 143 7.81 -6.35 18.69
CA ASP B 143 6.59 -6.80 19.36
C ASP B 143 6.55 -8.30 19.60
N ALA B 144 7.32 -9.06 18.81
CA ALA B 144 7.36 -10.50 19.01
C ALA B 144 8.67 -11.09 18.51
N ILE B 145 9.09 -12.15 19.20
CA ILE B 145 10.27 -12.90 18.82
C ILE B 145 9.83 -14.24 18.26
N VAL B 146 10.37 -14.61 17.12
CA VAL B 146 10.05 -15.91 16.56
C VAL B 146 11.26 -16.81 16.69
N LEU B 147 11.19 -17.72 17.66
CA LEU B 147 12.25 -18.68 17.86
C LEU B 147 11.92 -19.89 17.02
N ASP B 148 12.41 -19.92 15.79
CA ASP B 148 12.11 -21.08 14.95
C ASP B 148 13.31 -21.86 14.44
N THR B 149 13.06 -23.15 14.26
CA THR B 149 14.02 -24.08 13.71
C THR B 149 13.21 -25.08 12.89
N ALA B 150 13.91 -25.81 12.04
CA ALA B 150 13.33 -26.96 11.37
C ALA B 150 12.62 -27.85 12.37
N HIS B 151 13.16 -27.95 13.59
CA HIS B 151 12.60 -28.89 14.56
C HIS B 151 12.33 -28.26 15.91
N GLY B 152 11.08 -27.84 16.11
CA GLY B 152 10.66 -27.19 17.33
C GLY B 152 10.63 -28.09 18.55
N HIS B 153 10.53 -29.39 18.36
CA HIS B 153 10.44 -30.29 19.50
C HIS B 153 11.82 -30.80 19.88
N SER B 154 12.73 -29.88 20.13
CA SER B 154 14.08 -30.26 20.52
C SER B 154 14.39 -29.65 21.86
N GLN B 155 15.32 -30.26 22.58
CA GLN B 155 15.68 -29.79 23.91
C GLN B 155 16.29 -28.39 23.82
N GLY B 156 17.01 -28.13 22.74
CA GLY B 156 17.66 -26.84 22.53
C GLY B 156 16.65 -25.71 22.49
N VAL B 157 15.53 -25.92 21.79
CA VAL B 157 14.49 -24.92 21.72
C VAL B 157 13.79 -24.68 23.07
N ILE B 158 13.32 -25.76 23.70
CA ILE B 158 12.72 -25.67 25.04
C ILE B 158 13.59 -24.87 26.02
N ASP B 159 14.87 -25.22 26.10
CA ASP B 159 15.80 -24.51 26.99
C ASP B 159 15.92 -23.01 26.68
N LYS B 160 15.98 -22.67 25.39
CA LYS B 160 16.12 -21.28 24.97
C LYS B 160 14.85 -20.49 25.27
N VAL B 161 13.68 -21.09 25.01
CA VAL B 161 12.40 -20.49 25.36
C VAL B 161 12.24 -20.24 26.87
N LYS B 162 12.60 -21.23 27.70
CA LYS B 162 12.59 -21.05 29.16
C LYS B 162 13.48 -19.90 29.57
N GLU B 163 14.57 -19.72 28.83
CA GLU B 163 15.62 -18.75 29.13
C GLU B 163 15.26 -17.33 28.66
N VAL B 164 14.67 -17.21 27.46
CA VAL B 164 14.18 -15.92 26.98
C VAL B 164 13.02 -15.46 27.86
N ARG B 165 12.12 -16.39 28.20
CA ARG B 165 10.99 -16.07 29.07
C ARG B 165 11.45 -15.63 30.46
N ALA B 166 12.56 -16.18 30.96
CA ALA B 166 13.05 -15.80 32.29
C ALA B 166 13.61 -14.38 32.32
N LYS B 167 14.22 -13.94 31.21
CA LYS B 167 14.73 -12.59 31.13
C LYS B 167 13.67 -11.57 30.68
N TYR B 168 12.64 -12.03 29.98
CA TYR B 168 11.60 -11.13 29.48
C TYR B 168 10.18 -11.66 29.63
N PRO B 169 9.63 -11.57 30.85
CA PRO B 169 8.33 -12.20 31.15
C PRO B 169 7.15 -11.66 30.34
N SER B 170 7.26 -10.47 29.74
CA SER B 170 6.09 -9.93 29.03
C SER B 170 6.30 -9.91 27.51
N LEU B 171 7.48 -10.35 27.08
CA LEU B 171 7.79 -10.46 25.67
C LEU B 171 6.98 -11.57 25.01
N ASN B 172 6.37 -11.28 23.86
CA ASN B 172 5.73 -12.30 23.05
C ASN B 172 6.75 -13.24 22.40
N ILE B 173 6.64 -14.52 22.70
CA ILE B 173 7.55 -15.49 22.13
C ILE B 173 6.77 -16.46 21.27
N ILE B 174 7.03 -16.45 19.97
CA ILE B 174 6.45 -17.42 19.05
C ILE B 174 7.48 -18.51 18.82
N ALA B 175 7.14 -19.75 19.21
CA ALA B 175 8.05 -20.88 19.05
C ALA B 175 7.53 -21.92 18.07
N GLY B 176 8.44 -22.49 17.28
CA GLY B 176 8.10 -23.49 16.27
C GLY B 176 9.37 -24.04 15.65
N ASN B 177 9.25 -24.90 14.65
CA ASN B 177 7.98 -25.35 14.14
C ASN B 177 7.70 -26.72 14.71
N VAL B 178 6.41 -27.03 14.90
CA VAL B 178 6.01 -28.34 15.42
C VAL B 178 4.81 -28.90 14.65
N ALA B 179 4.52 -30.18 14.86
CA ALA B 179 3.44 -30.83 14.15
C ALA B 179 2.68 -31.83 15.02
N THR B 180 2.99 -31.86 16.32
CA THR B 180 2.31 -32.76 17.25
C THR B 180 1.78 -32.07 18.52
N ALA B 181 0.77 -32.69 19.12
CA ALA B 181 0.24 -32.26 20.40
C ALA B 181 1.32 -32.27 21.48
N GLU B 182 2.12 -33.32 21.49
CA GLU B 182 3.23 -33.46 22.43
C GLU B 182 4.19 -32.28 22.37
N ALA B 183 4.68 -31.97 21.16
CA ALA B 183 5.59 -30.85 20.95
C ALA B 183 4.97 -29.52 21.34
N THR B 184 3.67 -29.40 21.09
CA THR B 184 2.93 -28.18 21.39
C THR B 184 2.87 -27.97 22.90
N LYS B 185 2.64 -29.06 23.62
CA LYS B 185 2.56 -28.99 25.06
C LYS B 185 3.93 -28.59 25.62
N ALA B 186 4.98 -29.22 25.09
CA ALA B 186 6.34 -28.94 25.55
C ALA B 186 6.72 -27.45 25.42
N LEU B 187 6.42 -26.86 24.27
CA LEU B 187 6.73 -25.45 24.03
C LEU B 187 5.93 -24.52 24.93
N ILE B 188 4.69 -24.90 25.25
CA ILE B 188 3.81 -24.05 26.04
C ILE B 188 4.27 -24.00 27.49
N GLU B 189 4.59 -25.17 28.05
CA GLU B 189 5.10 -25.23 29.42
C GLU B 189 6.44 -24.51 29.54
N ALA B 190 7.22 -24.51 28.46
CA ALA B 190 8.49 -23.79 28.42
C ALA B 190 8.30 -22.27 28.46
N GLY B 191 7.12 -21.79 28.06
CA GLY B 191 6.85 -20.36 28.15
C GLY B 191 6.49 -19.65 26.85
N ALA B 192 6.46 -20.37 25.74
CA ALA B 192 6.01 -19.76 24.49
C ALA B 192 4.52 -19.48 24.58
N ASN B 193 4.09 -18.28 24.24
CA ASN B 193 2.66 -17.96 24.31
C ASN B 193 1.93 -18.04 22.97
N VAL B 194 2.69 -18.37 21.92
CA VAL B 194 2.16 -18.63 20.60
C VAL B 194 3.00 -19.76 20.02
N VAL B 195 2.36 -20.72 19.37
CA VAL B 195 3.07 -21.86 18.79
C VAL B 195 2.95 -21.86 17.27
N LYS B 196 4.07 -22.12 16.58
CA LYS B 196 4.05 -22.16 15.13
C LYS B 196 4.08 -23.59 14.57
N VAL B 197 3.09 -23.91 13.73
CA VAL B 197 2.83 -25.28 13.28
C VAL B 197 3.22 -25.46 11.82
N GLY B 198 3.93 -26.54 11.51
CA GLY B 198 4.28 -26.85 10.14
C GLY B 198 5.65 -27.48 9.96
N ILE B 199 5.65 -28.81 9.77
CA ILE B 199 6.85 -29.55 9.35
C ILE B 199 6.51 -30.30 8.06
N GLY B 200 7.06 -29.85 6.94
CA GLY B 200 6.82 -30.46 5.64
C GLY B 200 5.99 -29.78 4.53
N PRO B 201 5.04 -28.87 4.88
CA PRO B 201 4.02 -28.57 3.86
C PRO B 201 4.41 -27.49 2.84
N GLY B 202 5.47 -26.74 3.12
CA GLY B 202 5.85 -25.60 2.31
C GLY B 202 6.07 -25.87 0.84
N SER B 203 5.73 -24.88 0.01
CA SER B 203 5.89 -25.00 -1.43
C SER B 203 7.34 -25.22 -1.87
N ILE B 204 8.29 -24.65 -1.13
CA ILE B 204 9.70 -24.80 -1.49
C ILE B 204 10.41 -25.86 -0.64
N CYS B 205 9.61 -26.73 -0.05
CA CYS B 205 10.13 -27.67 0.94
C CYS B 205 10.41 -29.06 0.38
N THR B 206 11.63 -29.57 0.61
CA THR B 206 12.02 -30.91 0.18
C THR B 206 12.30 -31.85 1.35
N THR B 207 11.89 -31.44 2.55
CA THR B 207 12.02 -32.26 3.74
C THR B 207 11.36 -33.64 3.61
N ARG B 208 10.19 -33.69 2.97
CA ARG B 208 9.48 -34.97 2.85
C ARG B 208 10.24 -35.91 1.93
N VAL B 209 10.97 -35.33 0.98
CA VAL B 209 11.66 -36.12 -0.03
C VAL B 209 13.09 -36.47 0.40
N VAL B 210 13.75 -35.54 1.08
CA VAL B 210 15.13 -35.73 1.54
C VAL B 210 15.22 -36.55 2.83
N ALA B 211 14.45 -36.16 3.84
CA ALA B 211 14.45 -36.79 5.16
C ALA B 211 13.30 -37.80 5.37
N GLY B 212 12.27 -37.75 4.52
CA GLY B 212 11.11 -38.64 4.66
C GLY B 212 10.09 -38.19 5.71
N VAL B 213 10.21 -36.93 6.12
CA VAL B 213 9.53 -36.44 7.33
C VAL B 213 8.53 -35.33 7.01
N GLY B 214 7.42 -35.33 7.73
CA GLY B 214 6.35 -34.34 7.58
C GLY B 214 5.01 -34.80 8.14
N VAL B 215 4.15 -33.83 8.44
CA VAL B 215 2.77 -34.14 8.79
C VAL B 215 1.87 -33.30 7.89
N PRO B 216 0.83 -33.93 7.29
CA PRO B 216 -0.23 -33.22 6.56
C PRO B 216 -0.74 -32.02 7.36
N GLN B 217 -0.75 -30.85 6.73
CA GLN B 217 -0.83 -29.60 7.47
C GLN B 217 -2.13 -29.41 8.24
N LEU B 218 -3.20 -30.02 7.76
CA LEU B 218 -4.51 -29.86 8.42
C LEU B 218 -4.66 -30.70 9.69
N THR B 219 -4.20 -31.93 9.64
CA THR B 219 -4.14 -32.76 10.82
C THR B 219 -3.15 -32.14 11.81
N ALA B 220 -2.06 -31.55 11.30
CA ALA B 220 -1.09 -30.94 12.18
C ALA B 220 -1.71 -29.77 12.95
N VAL B 221 -2.38 -28.88 12.23
CA VAL B 221 -3.01 -27.73 12.89
C VAL B 221 -4.09 -28.18 13.87
N TYR B 222 -4.96 -29.09 13.43
CA TYR B 222 -6.01 -29.60 14.30
C TYR B 222 -5.47 -30.26 15.57
N ASP B 223 -4.39 -31.03 15.40
CA ASP B 223 -3.76 -31.72 16.52
C ASP B 223 -3.04 -30.77 17.49
N CYS B 224 -2.32 -29.79 16.95
CA CYS B 224 -1.69 -28.80 17.81
C CYS B 224 -2.68 -27.82 18.45
N ALA B 225 -3.72 -27.45 17.70
CA ALA B 225 -4.79 -26.59 18.25
C ALA B 225 -5.54 -27.28 19.38
N THR B 226 -5.78 -28.58 19.23
CA THR B 226 -6.51 -29.33 20.25
C THR B 226 -5.79 -29.25 21.59
N GLU B 227 -4.47 -29.36 21.56
CA GLU B 227 -3.66 -29.25 22.75
C GLU B 227 -3.59 -27.78 23.21
N ALA B 228 -3.28 -26.89 22.27
CA ALA B 228 -3.09 -25.48 22.57
C ALA B 228 -4.29 -24.80 23.24
N ARG B 229 -5.52 -25.17 22.82
CA ARG B 229 -6.75 -24.63 23.41
C ARG B 229 -6.88 -24.86 24.92
N LYS B 230 -6.37 -25.99 25.40
CA LYS B 230 -6.46 -26.30 26.83
C LYS B 230 -5.74 -25.25 27.68
N HIS B 231 -4.81 -24.55 27.05
CA HIS B 231 -4.01 -23.54 27.71
C HIS B 231 -4.41 -22.13 27.27
N GLY B 232 -5.35 -22.06 26.32
CA GLY B 232 -5.73 -20.80 25.71
C GLY B 232 -4.57 -20.19 24.93
N ILE B 233 -3.75 -21.02 24.31
CA ILE B 233 -2.64 -20.54 23.51
C ILE B 233 -3.01 -20.68 22.03
N PRO B 234 -2.85 -19.61 21.23
CA PRO B 234 -3.14 -19.65 19.79
C PRO B 234 -2.07 -20.36 18.96
N VAL B 235 -2.42 -20.85 17.78
CA VAL B 235 -1.42 -21.42 16.90
C VAL B 235 -1.38 -20.73 15.54
N ILE B 236 -0.21 -20.74 14.91
CA ILE B 236 -0.06 -20.25 13.56
C ILE B 236 0.10 -21.44 12.61
N ALA B 237 -0.70 -21.46 11.56
CA ALA B 237 -0.54 -22.44 10.46
C ALA B 237 0.47 -21.89 9.46
N ASP B 238 1.67 -22.46 9.50
CA ASP B 238 2.81 -22.05 8.68
C ASP B 238 3.04 -23.03 7.53
N GLY B 239 2.91 -22.57 6.28
CA GLY B 239 3.26 -23.37 5.11
C GLY B 239 2.14 -24.08 4.35
N GLY B 240 2.32 -24.23 3.04
CA GLY B 240 1.46 -25.07 2.23
C GLY B 240 0.23 -24.36 1.67
N ILE B 241 0.09 -23.09 2.01
CA ILE B 241 -1.08 -22.35 1.58
C ILE B 241 -0.85 -21.71 0.21
N LYS B 242 -1.63 -22.14 -0.78
CA LYS B 242 -1.47 -21.60 -2.11
C LYS B 242 -2.73 -20.92 -2.65
N TYR B 243 -3.84 -21.04 -1.93
CA TYR B 243 -5.08 -20.37 -2.31
C TYR B 243 -5.70 -19.81 -1.07
N SER B 244 -6.51 -18.78 -1.21
CA SER B 244 -7.26 -18.28 -0.07
C SER B 244 -8.11 -19.41 0.55
N GLY B 245 -8.62 -20.30 -0.29
CA GLY B 245 -9.34 -21.48 0.17
C GLY B 245 -8.60 -22.27 1.24
N ASP B 246 -7.29 -22.47 1.03
CA ASP B 246 -6.47 -23.21 1.98
C ASP B 246 -6.35 -22.47 3.29
N MET B 247 -6.31 -21.15 3.20
CA MET B 247 -6.20 -20.33 4.40
C MET B 247 -7.47 -20.43 5.25
N VAL B 248 -8.65 -20.40 4.61
CA VAL B 248 -9.91 -20.57 5.34
C VAL B 248 -9.95 -21.94 6.05
N LYS B 249 -9.48 -22.97 5.36
CA LYS B 249 -9.47 -24.31 5.93
C LYS B 249 -8.55 -24.38 7.13
N ALA B 250 -7.40 -23.72 7.00
CA ALA B 250 -6.44 -23.67 8.09
C ALA B 250 -7.06 -23.07 9.35
N LEU B 251 -7.73 -21.92 9.18
CA LEU B 251 -8.32 -21.22 10.31
C LEU B 251 -9.47 -22.02 10.92
N ALA B 252 -10.27 -22.64 10.07
CA ALA B 252 -11.37 -23.48 10.54
C ALA B 252 -10.86 -24.73 11.24
N ALA B 253 -9.61 -25.09 10.97
CA ALA B 253 -9.01 -26.27 11.59
C ALA B 253 -8.43 -25.96 12.95
N GLY B 254 -8.41 -24.69 13.31
CA GLY B 254 -8.00 -24.31 14.65
C GLY B 254 -6.94 -23.22 14.74
N ALA B 255 -6.32 -22.86 13.63
CA ALA B 255 -5.31 -21.81 13.69
C ALA B 255 -5.94 -20.43 13.89
N HIS B 256 -5.27 -19.56 14.65
CA HIS B 256 -5.69 -18.19 14.80
C HIS B 256 -5.25 -17.36 13.62
N VAL B 257 -4.11 -17.73 13.03
CA VAL B 257 -3.51 -16.99 11.92
C VAL B 257 -2.73 -17.91 11.02
N VAL B 258 -2.47 -17.46 9.79
CA VAL B 258 -1.64 -18.24 8.88
C VAL B 258 -0.38 -17.47 8.52
N MET B 259 0.70 -18.20 8.30
CA MET B 259 1.91 -17.56 7.84
C MET B 259 2.09 -17.99 6.38
N LEU B 260 2.35 -17.02 5.50
CA LEU B 260 2.53 -17.32 4.07
C LEU B 260 3.92 -16.97 3.58
N GLY B 261 4.47 -17.82 2.72
CA GLY B 261 5.75 -17.56 2.10
C GLY B 261 5.61 -17.23 0.62
N SER B 262 5.23 -18.25 -0.18
CA SER B 262 5.16 -18.09 -1.63
C SER B 262 4.12 -17.07 -2.07
N MET B 263 3.00 -16.98 -1.38
CA MET B 263 1.98 -16.03 -1.78
C MET B 263 2.48 -14.60 -1.74
N PHE B 264 3.46 -14.33 -0.88
CA PHE B 264 3.95 -12.99 -0.70
C PHE B 264 5.24 -12.70 -1.47
N ALA B 265 5.96 -13.75 -1.85
CA ALA B 265 7.32 -13.58 -2.37
C ALA B 265 7.43 -12.78 -3.68
N GLY B 266 6.36 -12.80 -4.48
CA GLY B 266 6.38 -12.06 -5.75
C GLY B 266 5.85 -10.63 -5.70
N VAL B 267 5.54 -10.12 -4.52
CA VAL B 267 4.99 -8.77 -4.42
C VAL B 267 6.09 -7.71 -4.41
N ALA B 268 5.74 -6.48 -4.78
CA ALA B 268 6.70 -5.39 -4.92
C ALA B 268 7.50 -5.10 -3.65
N GLU B 269 6.90 -5.35 -2.49
CA GLU B 269 7.51 -5.00 -1.22
C GLU B 269 8.51 -6.04 -0.70
N SER B 270 8.51 -7.23 -1.30
CA SER B 270 9.45 -8.29 -0.91
C SER B 270 10.90 -7.93 -1.32
N PRO B 271 11.90 -8.44 -0.59
CA PRO B 271 13.27 -8.09 -0.94
C PRO B 271 13.66 -8.73 -2.26
N GLY B 272 14.68 -8.18 -2.90
CA GLY B 272 15.09 -8.65 -4.20
C GLY B 272 14.54 -7.74 -5.27
N GLU B 273 15.35 -7.47 -6.29
CA GLU B 273 14.88 -6.72 -7.44
C GLU B 273 14.09 -7.68 -8.33
N THR B 274 13.40 -7.13 -9.32
CA THR B 274 12.66 -7.93 -10.28
C THR B 274 13.55 -8.24 -11.48
N GLU B 275 13.54 -9.51 -11.89
CA GLU B 275 14.29 -9.93 -13.07
C GLU B 275 13.34 -10.23 -14.24
N ILE B 276 13.70 -9.73 -15.42
CA ILE B 276 12.88 -9.95 -16.60
C ILE B 276 13.42 -11.15 -17.39
N TYR B 277 12.51 -12.02 -17.80
CA TYR B 277 12.85 -13.09 -18.73
C TYR B 277 11.78 -13.16 -19.80
N GLN B 278 12.13 -12.71 -20.99
CA GLN B 278 11.21 -12.70 -22.13
C GLN B 278 9.88 -12.00 -21.83
N GLY B 279 9.96 -10.72 -21.44
CA GLY B 279 8.76 -9.93 -21.24
C GLY B 279 7.97 -10.25 -19.98
N ARG B 280 8.40 -11.27 -19.25
CA ARG B 280 7.71 -11.65 -18.03
C ARG B 280 8.56 -11.29 -16.82
N GLN B 281 7.95 -10.61 -15.86
CA GLN B 281 8.66 -10.20 -14.66
C GLN B 281 8.63 -11.29 -13.60
N PHE B 282 9.76 -11.45 -12.91
CA PHE B 282 9.92 -12.50 -11.91
C PHE B 282 10.60 -12.00 -10.65
N LYS B 283 10.29 -12.69 -9.56
CA LYS B 283 11.06 -12.54 -8.34
C LYS B 283 11.54 -13.94 -7.98
N VAL B 284 12.71 -14.01 -7.35
CA VAL B 284 13.19 -15.29 -6.83
C VAL B 284 12.54 -15.60 -5.48
N TYR B 285 12.27 -16.87 -5.25
CA TYR B 285 11.77 -17.34 -3.97
C TYR B 285 12.59 -18.57 -3.62
N ARG B 286 13.09 -18.65 -2.40
CA ARG B 286 13.91 -19.81 -2.03
C ARG B 286 13.66 -20.18 -0.60
N GLY B 287 13.71 -21.47 -0.31
CA GLY B 287 13.61 -21.95 1.06
C GLY B 287 14.82 -21.43 1.84
N MET B 288 14.66 -21.33 3.15
CA MET B 288 15.74 -20.88 4.00
C MET B 288 16.76 -22.01 4.19
N GLY B 289 16.36 -23.22 3.78
CA GLY B 289 17.23 -24.37 3.77
C GLY B 289 17.73 -24.75 2.38
N SER B 290 17.64 -23.82 1.44
CA SER B 290 18.25 -24.03 0.12
C SER B 290 19.71 -23.65 0.19
N VAL B 291 20.52 -24.19 -0.73
CA VAL B 291 21.94 -23.86 -0.84
C VAL B 291 22.23 -22.36 -0.76
N GLY B 292 21.54 -21.58 -1.59
CA GLY B 292 21.72 -20.13 -1.64
C GLY B 292 21.43 -19.40 -0.34
N ALA B 293 20.39 -19.84 0.37
CA ALA B 293 20.02 -19.24 1.65
C ALA B 293 20.99 -19.66 2.78
N MET B 294 21.46 -20.90 2.74
CA MET B 294 22.40 -21.37 3.76
C MET B 294 23.78 -20.74 3.56
N GLU B 295 24.06 -20.28 2.35
CA GLU B 295 25.30 -19.56 2.05
C GLU B 295 25.27 -18.17 2.66
N LYS B 296 24.08 -17.59 2.76
CA LYS B 296 23.90 -16.26 3.34
C LYS B 296 23.16 -16.35 4.68
N LEU B 310 25.19 -31.22 6.11
CA LEU B 310 23.76 -30.88 6.11
C LEU B 310 23.21 -30.59 4.71
N VAL B 311 22.61 -31.61 4.10
CA VAL B 311 22.05 -31.50 2.75
C VAL B 311 20.89 -30.50 2.71
N PRO B 312 20.67 -29.85 1.55
CA PRO B 312 19.59 -28.85 1.45
C PRO B 312 18.22 -29.49 1.70
N GLU B 313 17.29 -28.71 2.27
CA GLU B 313 15.91 -29.15 2.46
C GLU B 313 14.94 -28.11 1.92
N GLY B 314 15.48 -27.18 1.14
CA GLY B 314 14.71 -26.18 0.44
C GLY B 314 15.21 -26.02 -0.98
N ILE B 315 14.36 -25.57 -1.89
CA ILE B 315 14.80 -25.27 -3.25
C ILE B 315 14.75 -23.77 -3.52
N GLU B 316 15.26 -23.38 -4.69
CA GLU B 316 15.17 -22.01 -5.16
C GLU B 316 14.42 -21.99 -6.48
N GLY B 317 13.49 -21.05 -6.62
CA GLY B 317 12.71 -20.94 -7.82
C GLY B 317 12.34 -19.51 -8.11
N ARG B 318 11.46 -19.32 -9.08
CA ARG B 318 11.06 -18.00 -9.48
C ARG B 318 9.55 -17.93 -9.37
N VAL B 319 9.05 -16.83 -8.83
CA VAL B 319 7.62 -16.60 -8.76
C VAL B 319 7.27 -15.39 -9.60
N PRO B 320 6.17 -15.48 -10.35
CA PRO B 320 5.65 -14.38 -11.16
C PRO B 320 5.48 -13.17 -10.28
N TYR B 321 5.92 -12.01 -10.77
CA TYR B 321 5.74 -10.77 -10.05
C TYR B 321 4.26 -10.46 -10.06
N LYS B 322 3.69 -10.10 -8.91
CA LYS B 322 2.25 -9.85 -8.81
C LYS B 322 1.87 -8.48 -8.26
N GLY B 323 2.69 -7.47 -8.55
CA GLY B 323 2.42 -6.12 -8.12
C GLY B 323 2.37 -5.95 -6.61
N PRO B 324 1.81 -4.82 -6.16
CA PRO B 324 1.72 -4.43 -4.75
C PRO B 324 1.08 -5.47 -3.83
N LEU B 325 1.54 -5.45 -2.59
CA LEU B 325 1.05 -6.35 -1.57
C LEU B 325 -0.45 -6.21 -1.36
N ALA B 326 -0.96 -4.99 -1.42
CA ALA B 326 -2.38 -4.74 -1.14
C ALA B 326 -3.33 -5.59 -1.97
N ASP B 327 -3.04 -5.77 -3.26
CA ASP B 327 -3.88 -6.60 -4.14
C ASP B 327 -4.01 -8.03 -3.64
N THR B 328 -2.88 -8.66 -3.32
CA THR B 328 -2.86 -10.03 -2.87
C THR B 328 -3.60 -10.17 -1.55
N VAL B 329 -3.31 -9.28 -0.61
CA VAL B 329 -4.00 -9.26 0.67
C VAL B 329 -5.51 -9.08 0.49
N HIS B 330 -5.92 -8.20 -0.42
N HIS B 330 -5.92 -8.20 -0.41
CA HIS B 330 -7.34 -7.99 -0.71
CA HIS B 330 -7.34 -8.00 -0.68
C HIS B 330 -8.00 -9.29 -1.20
C HIS B 330 -8.01 -9.27 -1.22
N GLN B 331 -7.31 -10.00 -2.08
CA GLN B 331 -7.83 -11.28 -2.59
C GLN B 331 -7.96 -12.31 -1.46
N LEU B 332 -6.90 -12.47 -0.67
CA LEU B 332 -6.91 -13.40 0.45
C LEU B 332 -8.04 -13.13 1.42
N VAL B 333 -8.14 -11.90 1.88
CA VAL B 333 -9.20 -11.51 2.82
C VAL B 333 -10.58 -11.62 2.18
N GLY B 334 -10.67 -11.30 0.89
CA GLY B 334 -11.89 -11.52 0.14
C GLY B 334 -12.38 -12.95 0.23
N GLY B 335 -11.52 -13.91 -0.09
CA GLY B 335 -11.90 -15.31 -0.08
C GLY B 335 -12.32 -15.77 1.31
N LEU B 336 -11.67 -15.21 2.33
CA LEU B 336 -11.97 -15.51 3.71
C LEU B 336 -13.35 -15.01 4.14
N ARG B 337 -13.70 -13.79 3.73
CA ARG B 337 -15.02 -13.28 4.00
C ARG B 337 -16.10 -14.14 3.33
N ALA B 338 -15.80 -14.66 2.14
CA ALA B 338 -16.77 -15.50 1.46
C ALA B 338 -16.91 -16.80 2.20
N GLY B 339 -15.77 -17.36 2.62
CA GLY B 339 -15.76 -18.59 3.38
C GLY B 339 -16.57 -18.46 4.66
N MET B 340 -16.34 -17.38 5.39
CA MET B 340 -17.03 -17.17 6.65
C MET B 340 -18.51 -16.88 6.45
N GLY B 341 -18.82 -16.22 5.34
CA GLY B 341 -20.20 -16.07 4.90
C GLY B 341 -20.92 -17.41 4.78
N TYR B 342 -20.30 -18.38 4.11
CA TYR B 342 -20.89 -19.71 3.91
C TYR B 342 -21.10 -20.48 5.20
N CYS B 343 -20.12 -20.38 6.11
CA CYS B 343 -20.15 -21.04 7.41
C CYS B 343 -21.00 -20.36 8.47
N GLY B 344 -21.58 -19.21 8.15
CA GLY B 344 -22.29 -18.42 9.15
C GLY B 344 -21.39 -17.87 10.24
N ALA B 345 -20.10 -17.73 9.96
CA ALA B 345 -19.16 -17.20 10.97
C ALA B 345 -19.04 -15.68 10.95
N GLN B 346 -19.63 -15.00 11.92
CA GLN B 346 -19.50 -13.54 11.98
C GLN B 346 -18.07 -13.13 12.37
N ASP B 347 -17.35 -14.03 13.02
CA ASP B 347 -15.96 -13.75 13.39
C ASP B 347 -15.15 -15.04 13.44
N LEU B 348 -13.84 -14.91 13.64
CA LEU B 348 -12.96 -16.07 13.54
C LEU B 348 -13.10 -17.08 14.68
N GLU B 349 -13.49 -16.63 15.88
CA GLU B 349 -13.69 -17.57 16.98
C GLU B 349 -14.79 -18.56 16.65
N PHE B 350 -15.84 -18.10 15.98
CA PHE B 350 -16.93 -19.00 15.61
C PHE B 350 -16.50 -20.03 14.57
N LEU B 351 -15.78 -19.58 13.56
CA LEU B 351 -15.21 -20.46 12.54
C LEU B 351 -14.34 -21.55 13.18
N ARG B 352 -13.41 -21.13 14.04
CA ARG B 352 -12.53 -22.06 14.76
C ARG B 352 -13.30 -23.14 15.48
N GLU B 353 -14.38 -22.76 16.16
CA GLU B 353 -15.04 -23.66 17.11
C GLU B 353 -16.18 -24.46 16.52
N ASN B 354 -16.71 -24.03 15.38
CA ASN B 354 -17.93 -24.63 14.88
C ASN B 354 -17.91 -25.09 13.42
N ALA B 355 -16.99 -24.60 12.61
CA ALA B 355 -17.02 -24.97 11.20
C ALA B 355 -16.75 -26.48 11.05
N GLN B 356 -17.48 -27.12 10.16
CA GLN B 356 -17.35 -28.57 9.94
C GLN B 356 -16.77 -28.83 8.54
N PHE B 357 -16.05 -29.94 8.40
CA PHE B 357 -15.48 -30.29 7.11
C PHE B 357 -16.18 -31.53 6.58
N ILE B 358 -16.00 -31.76 5.29
CA ILE B 358 -16.38 -33.04 4.70
C ILE B 358 -15.16 -33.56 3.95
N ARG B 359 -14.95 -34.87 3.95
CA ARG B 359 -13.79 -35.45 3.32
C ARG B 359 -14.11 -36.02 1.95
N MET B 360 -13.20 -35.78 1.02
CA MET B 360 -13.35 -36.28 -0.35
C MET B 360 -12.37 -37.38 -0.60
N SER B 361 -12.45 -37.98 -1.78
CA SER B 361 -11.38 -38.84 -2.26
C SER B 361 -10.60 -38.04 -3.29
N GLY B 362 -9.57 -38.65 -3.86
CA GLY B 362 -8.74 -37.99 -4.85
C GLY B 362 -9.51 -37.70 -6.13
N ALA B 363 -10.31 -38.67 -6.55
CA ALA B 363 -11.17 -38.53 -7.72
C ALA B 363 -12.05 -37.29 -7.59
N GLY B 364 -12.36 -36.92 -6.35
CA GLY B 364 -13.22 -35.79 -6.08
C GLY B 364 -12.56 -34.42 -6.00
N LEU B 365 -11.24 -34.36 -5.96
CA LEU B 365 -10.55 -33.06 -5.98
C LEU B 365 -10.54 -32.46 -7.39
N LEU B 366 -10.73 -33.32 -8.39
CA LEU B 366 -10.80 -32.91 -9.79
C LEU B 366 -11.83 -31.80 -10.01
N ASN C 23 -18.18 -28.97 23.52
CA ASN C 23 -17.05 -29.40 22.72
C ASN C 23 -17.42 -30.39 21.60
N ALA C 24 -18.70 -30.49 21.28
CA ALA C 24 -19.14 -31.51 20.32
C ALA C 24 -18.78 -31.15 18.88
N MET C 25 -18.88 -29.87 18.54
CA MET C 25 -18.55 -29.43 17.19
C MET C 25 -17.07 -29.57 16.91
N TRP C 26 -16.23 -29.36 17.93
CA TRP C 26 -14.79 -29.52 17.73
C TRP C 26 -14.43 -30.97 17.39
N GLU C 27 -15.02 -31.91 18.11
CA GLU C 27 -14.74 -33.31 17.90
C GLU C 27 -15.18 -33.83 16.54
N SER C 28 -16.22 -33.24 15.97
CA SER C 28 -16.81 -33.80 14.76
C SER C 28 -16.36 -33.06 13.51
N LYS C 29 -15.33 -32.22 13.62
CA LYS C 29 -14.89 -31.40 12.50
C LYS C 29 -14.61 -32.21 11.25
N PHE C 30 -13.98 -33.37 11.41
CA PHE C 30 -13.55 -34.19 10.27
C PHE C 30 -14.32 -35.50 10.07
N VAL C 31 -15.53 -35.60 10.62
CA VAL C 31 -16.25 -36.85 10.51
C VAL C 31 -16.89 -37.14 9.12
N LYS C 32 -17.51 -36.16 8.48
CA LYS C 32 -18.28 -36.40 7.25
C LYS C 32 -17.42 -36.86 6.07
N GLU C 33 -17.95 -37.80 5.28
CA GLU C 33 -17.33 -38.23 4.03
C GLU C 33 -18.30 -37.94 2.89
N GLY C 34 -17.77 -37.57 1.73
CA GLY C 34 -18.60 -37.20 0.60
C GLY C 34 -18.16 -37.86 -0.69
N LEU C 35 -19.12 -38.12 -1.58
CA LEU C 35 -18.84 -38.77 -2.85
C LEU C 35 -19.30 -37.90 -4.01
N THR C 36 -18.48 -37.88 -5.06
CA THR C 36 -18.84 -37.19 -6.28
C THR C 36 -19.07 -38.21 -7.37
N PHE C 37 -19.53 -37.73 -8.52
CA PHE C 37 -19.92 -38.58 -9.65
C PHE C 37 -18.89 -39.63 -9.98
N ASP C 38 -17.63 -39.21 -10.06
CA ASP C 38 -16.57 -40.09 -10.47
C ASP C 38 -16.25 -41.20 -9.46
N ASP C 39 -16.75 -41.08 -8.24
CA ASP C 39 -16.40 -42.04 -7.18
C ASP C 39 -17.22 -43.33 -7.30
N VAL C 40 -18.08 -43.42 -8.30
CA VAL C 40 -19.17 -44.37 -8.22
C VAL C 40 -19.72 -44.84 -9.58
N LEU C 41 -20.30 -46.04 -9.60
CA LEU C 41 -21.03 -46.54 -10.78
C LEU C 41 -22.34 -47.17 -10.36
N LEU C 42 -23.32 -47.20 -11.28
CA LEU C 42 -24.59 -47.90 -11.06
C LEU C 42 -24.50 -49.39 -11.36
N VAL C 43 -25.05 -50.20 -10.45
CA VAL C 43 -24.95 -51.64 -10.54
C VAL C 43 -26.13 -52.16 -11.34
N PRO C 44 -25.85 -52.87 -12.43
CA PRO C 44 -26.95 -53.44 -13.22
C PRO C 44 -27.82 -54.37 -12.39
N ALA C 45 -29.11 -54.40 -12.69
CA ALA C 45 -30.09 -55.22 -11.96
C ALA C 45 -30.98 -55.92 -12.97
N LYS C 46 -31.79 -56.87 -12.49
CA LYS C 46 -32.73 -57.60 -13.33
C LYS C 46 -33.61 -56.61 -14.12
N SER C 47 -33.65 -56.78 -15.43
CA SER C 47 -34.35 -55.83 -16.29
C SER C 47 -35.27 -56.52 -17.27
N ASP C 48 -36.50 -56.02 -17.33
CA ASP C 48 -37.48 -56.50 -18.30
C ASP C 48 -37.88 -55.34 -19.22
N VAL C 49 -37.09 -54.27 -19.20
CA VAL C 49 -37.47 -53.06 -19.94
C VAL C 49 -36.37 -52.54 -20.87
N LEU C 50 -36.68 -52.53 -22.16
CA LEU C 50 -35.78 -52.01 -23.18
C LEU C 50 -35.66 -50.50 -23.06
N PRO C 51 -34.48 -49.97 -23.38
CA PRO C 51 -34.24 -48.51 -23.33
C PRO C 51 -35.30 -47.66 -24.07
N ARG C 52 -35.82 -48.12 -25.20
CA ARG C 52 -36.81 -47.33 -25.94
C ARG C 52 -38.19 -47.29 -25.27
N GLU C 53 -38.41 -48.20 -24.33
CA GLU C 53 -39.67 -48.28 -23.62
C GLU C 53 -39.75 -47.48 -22.30
N VAL C 54 -38.61 -47.08 -21.76
CA VAL C 54 -38.63 -46.44 -20.44
C VAL C 54 -39.38 -45.10 -20.49
N SER C 55 -39.99 -44.71 -19.38
CA SER C 55 -40.53 -43.36 -19.24
C SER C 55 -39.55 -42.46 -18.52
N VAL C 56 -39.26 -41.29 -19.08
CA VAL C 56 -38.34 -40.34 -18.48
C VAL C 56 -39.02 -39.05 -17.99
N LYS C 57 -40.35 -39.10 -17.83
CA LYS C 57 -41.13 -38.00 -17.25
C LYS C 57 -40.87 -37.80 -15.75
N THR C 58 -41.03 -36.57 -15.27
CA THR C 58 -41.03 -36.31 -13.84
C THR C 58 -41.99 -35.21 -13.51
N VAL C 59 -42.55 -35.28 -12.31
CA VAL C 59 -43.48 -34.28 -11.81
C VAL C 59 -42.84 -33.54 -10.64
N LEU C 60 -42.48 -32.28 -10.86
CA LEU C 60 -42.02 -31.41 -9.78
C LEU C 60 -43.17 -30.95 -8.88
N SER C 61 -44.30 -30.61 -9.48
CA SER C 61 -45.52 -30.29 -8.73
C SER C 61 -46.71 -30.57 -9.64
N GLU C 62 -47.92 -30.34 -9.15
CA GLU C 62 -49.10 -30.61 -9.96
C GLU C 62 -49.13 -29.70 -11.21
N SER C 63 -48.59 -28.49 -11.09
CA SER C 63 -48.63 -27.54 -12.19
C SER C 63 -47.32 -27.45 -12.94
N LEU C 64 -46.42 -28.38 -12.68
CA LEU C 64 -45.09 -28.32 -13.25
C LEU C 64 -44.58 -29.72 -13.60
N GLN C 65 -45.01 -30.20 -14.77
CA GLN C 65 -44.75 -31.57 -15.18
C GLN C 65 -43.87 -31.60 -16.42
N LEU C 66 -42.74 -32.28 -16.32
CA LEU C 66 -41.79 -32.30 -17.41
C LEU C 66 -41.75 -33.67 -18.05
N ASN C 67 -41.73 -33.68 -19.37
CA ASN C 67 -41.56 -34.92 -20.13
C ASN C 67 -40.12 -35.44 -20.15
N ILE C 68 -39.14 -34.56 -19.95
CA ILE C 68 -37.75 -34.99 -19.73
C ILE C 68 -37.14 -34.29 -18.52
N PRO C 69 -36.25 -34.97 -17.78
CA PRO C 69 -35.81 -34.43 -16.49
C PRO C 69 -34.65 -33.46 -16.63
N LEU C 70 -34.79 -32.49 -17.53
CA LEU C 70 -33.73 -31.53 -17.81
C LEU C 70 -34.21 -30.09 -17.62
N ILE C 71 -33.35 -29.26 -17.04
CA ILE C 71 -33.62 -27.85 -16.84
C ILE C 71 -32.36 -27.07 -17.21
N SER C 72 -32.52 -26.00 -17.97
CA SER C 72 -31.36 -25.18 -18.35
C SER C 72 -31.14 -24.08 -17.32
N ALA C 73 -29.89 -23.87 -16.90
CA ALA C 73 -29.59 -22.99 -15.78
C ALA C 73 -29.91 -21.52 -16.04
N GLY C 74 -30.27 -20.80 -14.99
CA GLY C 74 -30.54 -19.38 -15.09
C GLY C 74 -29.28 -18.55 -15.09
N MET C 75 -28.54 -18.60 -16.19
CA MET C 75 -27.28 -17.89 -16.33
C MET C 75 -27.26 -17.06 -17.60
N ASP C 76 -26.55 -15.93 -17.60
CA ASP C 76 -26.67 -15.01 -18.72
C ASP C 76 -26.03 -15.51 -20.02
N THR C 77 -25.32 -16.64 -19.95
CA THR C 77 -24.73 -17.24 -21.14
C THR C 77 -25.37 -18.59 -21.43
N VAL C 78 -26.47 -18.89 -20.75
CA VAL C 78 -27.18 -20.15 -20.95
C VAL C 78 -28.64 -19.95 -21.38
N THR C 79 -29.42 -19.18 -20.62
CA THR C 79 -30.87 -19.17 -20.84
C THR C 79 -31.56 -17.81 -20.90
N GLU C 80 -32.02 -17.47 -22.11
CA GLU C 80 -33.05 -16.46 -22.28
C GLU C 80 -34.22 -17.11 -23.01
N ALA C 81 -35.10 -16.28 -23.54
CA ALA C 81 -36.33 -16.72 -24.22
C ALA C 81 -36.13 -17.86 -25.23
N ASP C 82 -35.19 -17.70 -26.16
CA ASP C 82 -34.98 -18.73 -27.17
C ASP C 82 -34.63 -20.11 -26.59
N MET C 83 -33.69 -20.13 -25.64
CA MET C 83 -33.30 -21.34 -24.96
C MET C 83 -34.50 -21.96 -24.23
N ALA C 84 -35.25 -21.11 -23.52
CA ALA C 84 -36.35 -21.59 -22.69
C ALA C 84 -37.43 -22.18 -23.58
N ILE C 85 -37.70 -21.52 -24.72
CA ILE C 85 -38.62 -22.06 -25.73
C ILE C 85 -38.15 -23.42 -26.25
N ALA C 86 -36.86 -23.51 -26.56
CA ALA C 86 -36.29 -24.72 -27.13
C ALA C 86 -36.26 -25.86 -26.11
N MET C 87 -35.90 -25.54 -24.86
CA MET C 87 -35.93 -26.51 -23.78
C MET C 87 -37.35 -27.03 -23.60
N ALA C 88 -38.31 -26.12 -23.56
CA ALA C 88 -39.72 -26.46 -23.39
C ALA C 88 -40.26 -27.39 -24.46
N ARG C 89 -40.00 -27.09 -25.73
CA ARG C 89 -40.45 -27.93 -26.85
C ARG C 89 -39.90 -29.36 -26.78
N GLN C 90 -38.71 -29.50 -26.20
CA GLN C 90 -38.11 -30.82 -26.00
C GLN C 90 -38.65 -31.50 -24.74
N GLY C 91 -39.44 -30.80 -23.92
CA GLY C 91 -40.08 -31.43 -22.77
C GLY C 91 -39.41 -31.08 -21.44
N GLY C 92 -38.42 -30.19 -21.52
CA GLY C 92 -37.72 -29.73 -20.34
C GLY C 92 -38.23 -28.37 -19.89
N LEU C 93 -37.37 -27.61 -19.22
CA LEU C 93 -37.74 -26.33 -18.65
C LEU C 93 -36.55 -25.39 -18.67
N GLY C 94 -36.77 -24.15 -19.12
CA GLY C 94 -35.71 -23.14 -19.10
C GLY C 94 -35.91 -22.14 -17.99
N ILE C 95 -34.82 -21.70 -17.35
CA ILE C 95 -34.92 -20.63 -16.35
C ILE C 95 -34.34 -19.30 -16.87
N ILE C 96 -35.20 -18.31 -17.04
CA ILE C 96 -34.77 -16.98 -17.48
C ILE C 96 -33.86 -16.31 -16.44
N HIS C 97 -32.63 -15.99 -16.81
CA HIS C 97 -31.69 -15.42 -15.84
C HIS C 97 -32.19 -14.05 -15.42
N LYS C 98 -31.63 -13.51 -14.35
CA LYS C 98 -32.11 -12.26 -13.78
C LYS C 98 -31.19 -11.05 -14.04
N ASN C 99 -30.15 -11.22 -14.87
CA ASN C 99 -29.23 -10.13 -15.18
C ASN C 99 -29.79 -9.19 -16.22
N MET C 100 -31.03 -8.78 -16.02
CA MET C 100 -31.71 -7.86 -16.93
C MET C 100 -32.75 -7.10 -16.12
N SER C 101 -33.37 -6.09 -16.72
CA SER C 101 -34.37 -5.31 -16.01
C SER C 101 -35.59 -6.17 -15.76
N ILE C 102 -36.46 -5.72 -14.87
CA ILE C 102 -37.72 -6.39 -14.59
C ILE C 102 -38.57 -6.48 -15.86
N GLU C 103 -38.80 -5.34 -16.50
CA GLU C 103 -39.61 -5.29 -17.72
C GLU C 103 -39.07 -6.27 -18.75
N GLN C 104 -37.75 -6.29 -18.92
CA GLN C 104 -37.11 -7.17 -19.88
C GLN C 104 -37.38 -8.65 -19.56
N GLN C 105 -37.34 -8.99 -18.28
CA GLN C 105 -37.47 -10.39 -17.88
C GLN C 105 -38.92 -10.82 -18.05
N ALA C 106 -39.83 -9.93 -17.67
CA ALA C 106 -41.25 -10.14 -17.86
C ALA C 106 -41.57 -10.34 -19.35
N GLU C 107 -41.04 -9.47 -20.19
N GLU C 107 -41.07 -9.44 -20.18
CA GLU C 107 -41.27 -9.55 -21.64
CA GLU C 107 -41.25 -9.56 -21.63
C GLU C 107 -40.59 -10.77 -22.27
C GLU C 107 -40.77 -10.93 -22.10
N GLN C 108 -39.67 -11.41 -21.53
CA GLN C 108 -39.11 -12.68 -21.96
C GLN C 108 -39.96 -13.87 -21.52
N VAL C 109 -40.48 -13.84 -20.30
CA VAL C 109 -41.42 -14.87 -19.84
C VAL C 109 -42.66 -14.88 -20.74
N ASP C 110 -43.10 -13.68 -21.11
CA ASP C 110 -44.29 -13.57 -21.95
C ASP C 110 -44.05 -14.11 -23.38
N LYS C 111 -42.88 -13.85 -23.92
CA LYS C 111 -42.47 -14.40 -25.20
C LYS C 111 -42.57 -15.93 -25.22
N VAL C 112 -42.09 -16.58 -24.15
CA VAL C 112 -42.20 -18.04 -24.06
C VAL C 112 -43.65 -18.52 -23.97
N LYS C 113 -44.46 -17.84 -23.16
CA LYS C 113 -45.87 -18.22 -23.00
C LYS C 113 -46.67 -18.11 -24.30
N ARG C 114 -46.33 -17.14 -25.16
CA ARG C 114 -47.08 -17.03 -26.39
C ARG C 114 -46.51 -17.96 -27.47
N SER C 115 -45.49 -18.74 -27.11
CA SER C 115 -44.88 -19.64 -28.08
C SER C 115 -45.47 -21.05 -28.05
N GLY C 116 -46.77 -21.14 -27.78
CA GLY C 116 -47.44 -22.43 -27.73
C GLY C 116 -47.87 -22.83 -26.33
N GLY C 117 -47.71 -21.91 -25.38
CA GLY C 117 -48.12 -22.17 -24.01
C GLY C 117 -47.21 -23.18 -23.35
N LEU C 118 -45.92 -22.86 -23.34
CA LEU C 118 -44.91 -23.77 -22.84
C LEU C 118 -44.66 -23.40 -21.38
N LEU C 119 -44.14 -24.34 -20.59
CA LEU C 119 -43.73 -24.00 -19.24
C LEU C 119 -42.45 -23.16 -19.31
N VAL C 120 -42.33 -22.20 -18.41
CA VAL C 120 -41.10 -21.41 -18.28
C VAL C 120 -40.86 -21.02 -16.82
N GLY C 121 -39.59 -20.92 -16.41
CA GLY C 121 -39.27 -20.41 -15.09
C GLY C 121 -38.41 -19.16 -15.18
N ALA C 122 -38.25 -18.45 -14.08
CA ALA C 122 -37.43 -17.23 -14.06
C ALA C 122 -36.70 -17.05 -12.73
N ALA C 123 -35.44 -16.64 -12.79
CA ALA C 123 -34.64 -16.42 -11.59
C ALA C 123 -34.94 -15.09 -10.90
N VAL C 124 -34.88 -15.11 -9.58
CA VAL C 124 -35.05 -13.90 -8.77
C VAL C 124 -33.99 -13.82 -7.67
N GLY C 125 -33.40 -12.64 -7.50
CA GLY C 125 -32.37 -12.45 -6.48
C GLY C 125 -33.01 -12.07 -5.16
N VAL C 126 -32.28 -12.26 -4.06
CA VAL C 126 -32.81 -11.96 -2.74
C VAL C 126 -32.49 -10.53 -2.37
N THR C 127 -33.34 -9.61 -2.82
CA THR C 127 -33.14 -8.19 -2.58
C THR C 127 -34.45 -7.49 -2.23
N ALA C 128 -34.35 -6.19 -1.95
CA ALA C 128 -35.53 -5.36 -1.73
C ALA C 128 -36.46 -5.43 -2.94
N ASP C 129 -35.84 -5.38 -4.11
CA ASP C 129 -36.53 -5.40 -5.40
C ASP C 129 -37.34 -6.67 -5.65
N ALA C 130 -37.02 -7.75 -4.93
CA ALA C 130 -37.55 -9.08 -5.24
C ALA C 130 -39.06 -9.13 -5.46
N MET C 131 -39.82 -8.48 -4.57
CA MET C 131 -41.26 -8.57 -4.67
C MET C 131 -41.80 -7.88 -5.92
N THR C 132 -41.18 -6.77 -6.29
CA THR C 132 -41.50 -6.08 -7.52
C THR C 132 -41.28 -7.01 -8.72
N ARG C 133 -40.11 -7.65 -8.79
CA ARG C 133 -39.80 -8.51 -9.92
C ARG C 133 -40.80 -9.66 -10.03
N ILE C 134 -41.09 -10.28 -8.90
CA ILE C 134 -42.01 -11.41 -8.84
C ILE C 134 -43.44 -11.05 -9.31
N ASP C 135 -43.91 -9.86 -8.95
CA ASP C 135 -45.21 -9.35 -9.40
C ASP C 135 -45.29 -9.28 -10.93
N ALA C 136 -44.26 -8.73 -11.55
CA ALA C 136 -44.20 -8.65 -13.01
C ALA C 136 -44.16 -10.03 -13.65
N LEU C 137 -43.36 -10.93 -13.07
CA LEU C 137 -43.20 -12.26 -13.62
C LEU C 137 -44.51 -13.05 -13.50
N VAL C 138 -45.20 -12.89 -12.37
CA VAL C 138 -46.50 -13.57 -12.16
C VAL C 138 -47.62 -12.98 -13.03
N LYS C 139 -47.56 -11.68 -13.30
CA LYS C 139 -48.46 -11.09 -14.27
C LYS C 139 -48.25 -11.75 -15.65
N ALA C 140 -47.00 -12.03 -16.00
CA ALA C 140 -46.69 -12.64 -17.30
C ALA C 140 -46.91 -14.16 -17.34
N SER C 141 -47.58 -14.69 -16.32
CA SER C 141 -47.90 -16.12 -16.20
C SER C 141 -46.71 -17.08 -16.15
N VAL C 142 -45.66 -16.67 -15.44
CA VAL C 142 -44.50 -17.53 -15.23
C VAL C 142 -44.98 -18.81 -14.53
N ASP C 143 -44.26 -19.91 -14.72
CA ASP C 143 -44.69 -21.19 -14.13
C ASP C 143 -43.97 -21.50 -12.83
N ALA C 144 -42.75 -21.01 -12.68
CA ALA C 144 -42.04 -21.16 -11.43
C ALA C 144 -41.03 -20.03 -11.29
N ILE C 145 -40.81 -19.59 -10.06
CA ILE C 145 -39.72 -18.67 -9.84
C ILE C 145 -38.61 -19.36 -9.05
N VAL C 146 -37.38 -18.93 -9.30
CA VAL C 146 -36.22 -19.54 -8.68
C VAL C 146 -35.59 -18.48 -7.81
N LEU C 147 -35.81 -18.59 -6.51
CA LEU C 147 -35.15 -17.74 -5.54
C LEU C 147 -33.88 -18.45 -5.20
N ASP C 148 -32.82 -18.18 -5.96
CA ASP C 148 -31.57 -18.90 -5.79
C ASP C 148 -30.40 -17.98 -5.52
N THR C 149 -29.50 -18.44 -4.66
CA THR C 149 -28.36 -17.62 -4.32
C THR C 149 -27.18 -18.52 -3.99
N ALA C 150 -26.01 -17.90 -3.86
CA ALA C 150 -24.80 -18.63 -3.49
C ALA C 150 -25.01 -19.45 -2.23
N HIS C 151 -25.80 -18.91 -1.31
CA HIS C 151 -25.99 -19.57 -0.03
C HIS C 151 -27.45 -19.59 0.40
N GLY C 152 -28.16 -20.65 -0.01
CA GLY C 152 -29.57 -20.79 0.27
C GLY C 152 -29.91 -21.00 1.73
N HIS C 153 -28.93 -21.36 2.54
CA HIS C 153 -29.19 -21.56 3.96
C HIS C 153 -28.93 -20.27 4.72
N SER C 154 -29.66 -19.23 4.37
CA SER C 154 -29.48 -17.93 5.01
C SER C 154 -30.82 -17.41 5.47
N GLN C 155 -30.82 -16.57 6.50
CA GLN C 155 -32.09 -16.05 6.99
C GLN C 155 -32.75 -15.17 5.93
N GLY C 156 -31.94 -14.41 5.19
CA GLY C 156 -32.40 -13.63 4.05
C GLY C 156 -33.26 -14.43 3.09
N VAL C 157 -32.83 -15.65 2.76
CA VAL C 157 -33.56 -16.52 1.85
C VAL C 157 -34.83 -17.13 2.46
N ILE C 158 -34.77 -17.56 3.71
CA ILE C 158 -35.92 -18.11 4.43
C ILE C 158 -37.05 -17.09 4.48
N ASP C 159 -36.69 -15.85 4.80
CA ASP C 159 -37.67 -14.77 4.87
C ASP C 159 -38.35 -14.49 3.53
N LYS C 160 -37.56 -14.36 2.48
CA LYS C 160 -38.11 -14.01 1.18
C LYS C 160 -39.06 -15.12 0.73
N VAL C 161 -38.63 -16.37 0.86
CA VAL C 161 -39.49 -17.50 0.54
C VAL C 161 -40.83 -17.45 1.29
N LYS C 162 -40.77 -17.15 2.59
CA LYS C 162 -41.97 -17.07 3.41
C LYS C 162 -42.95 -16.00 2.92
N GLU C 163 -42.43 -14.87 2.48
CA GLU C 163 -43.29 -13.77 2.07
C GLU C 163 -43.77 -13.91 0.62
N VAL C 164 -43.00 -14.56 -0.24
CA VAL C 164 -43.50 -14.88 -1.58
C VAL C 164 -44.65 -15.87 -1.43
N ARG C 165 -44.44 -16.85 -0.57
CA ARG C 165 -45.42 -17.92 -0.37
C ARG C 165 -46.71 -17.40 0.24
N ALA C 166 -46.64 -16.31 1.01
CA ALA C 166 -47.84 -15.72 1.59
C ALA C 166 -48.67 -14.92 0.58
N LYS C 167 -48.00 -14.19 -0.30
CA LYS C 167 -48.70 -13.43 -1.33
C LYS C 167 -49.17 -14.32 -2.49
N TYR C 168 -48.55 -15.49 -2.66
CA TYR C 168 -48.85 -16.37 -3.78
C TYR C 168 -48.90 -17.85 -3.38
N PRO C 169 -49.98 -18.26 -2.71
CA PRO C 169 -50.08 -19.59 -2.08
C PRO C 169 -49.93 -20.77 -3.05
N SER C 170 -50.03 -20.52 -4.35
CA SER C 170 -49.97 -21.63 -5.28
C SER C 170 -48.83 -21.52 -6.31
N LEU C 171 -48.04 -20.47 -6.19
CA LEU C 171 -46.91 -20.29 -7.09
C LEU C 171 -45.83 -21.36 -6.81
N ASN C 172 -45.28 -21.94 -7.88
CA ASN C 172 -44.13 -22.83 -7.77
C ASN C 172 -42.87 -22.05 -7.41
N ILE C 173 -42.36 -22.34 -6.22
CA ILE C 173 -41.14 -21.71 -5.72
C ILE C 173 -40.01 -22.73 -5.66
N ILE C 174 -38.98 -22.48 -6.45
CA ILE C 174 -37.76 -23.28 -6.41
C ILE C 174 -36.74 -22.51 -5.58
N ALA C 175 -36.35 -23.08 -4.45
CA ALA C 175 -35.37 -22.45 -3.59
C ALA C 175 -34.04 -23.21 -3.58
N GLY C 176 -32.95 -22.44 -3.55
CA GLY C 176 -31.58 -22.95 -3.47
C GLY C 176 -30.61 -21.80 -3.29
N ASN C 177 -29.30 -22.10 -3.26
CA ASN C 177 -28.81 -23.47 -3.34
C ASN C 177 -28.40 -23.99 -1.97
N VAL C 178 -28.64 -25.27 -1.73
CA VAL C 178 -28.30 -25.88 -0.45
C VAL C 178 -27.45 -27.12 -0.68
N ALA C 179 -26.93 -27.69 0.40
CA ALA C 179 -26.14 -28.90 0.27
C ALA C 179 -26.29 -29.83 1.47
N THR C 180 -27.14 -29.45 2.42
CA THR C 180 -27.41 -30.27 3.60
C THR C 180 -28.91 -30.51 3.85
N ALA C 181 -29.18 -31.57 4.63
CA ALA C 181 -30.52 -31.92 5.11
C ALA C 181 -31.19 -30.75 5.84
N GLU C 182 -30.46 -30.19 6.79
CA GLU C 182 -30.97 -29.09 7.60
C GLU C 182 -31.37 -27.90 6.76
N ALA C 183 -30.56 -27.54 5.76
CA ALA C 183 -30.91 -26.42 4.88
C ALA C 183 -32.13 -26.75 4.04
N THR C 184 -32.25 -28.03 3.67
CA THR C 184 -33.39 -28.48 2.90
C THR C 184 -34.67 -28.33 3.74
N LYS C 185 -34.66 -28.92 4.93
CA LYS C 185 -35.77 -28.82 5.85
C LYS C 185 -36.13 -27.37 6.14
N ALA C 186 -35.13 -26.50 6.31
CA ALA C 186 -35.42 -25.10 6.58
C ALA C 186 -36.21 -24.44 5.46
N LEU C 187 -35.90 -24.80 4.22
CA LEU C 187 -36.49 -24.15 3.06
C LEU C 187 -37.89 -24.67 2.77
N ILE C 188 -38.13 -25.95 3.07
CA ILE C 188 -39.43 -26.57 2.83
C ILE C 188 -40.43 -26.03 3.83
N GLU C 189 -40.00 -25.91 5.09
CA GLU C 189 -40.80 -25.27 6.12
C GLU C 189 -41.07 -23.79 5.81
N ALA C 190 -40.21 -23.17 5.02
CA ALA C 190 -40.40 -21.78 4.63
C ALA C 190 -41.43 -21.62 3.51
N GLY C 191 -41.73 -22.71 2.79
CA GLY C 191 -42.73 -22.62 1.73
C GLY C 191 -42.31 -23.09 0.35
N ALA C 192 -41.02 -23.34 0.16
CA ALA C 192 -40.50 -23.80 -1.13
C ALA C 192 -41.02 -25.19 -1.47
N ASN C 193 -41.51 -25.39 -2.69
CA ASN C 193 -42.02 -26.72 -3.05
C ASN C 193 -41.06 -27.54 -3.91
N VAL C 194 -39.91 -26.93 -4.24
CA VAL C 194 -38.81 -27.60 -4.91
C VAL C 194 -37.50 -27.02 -4.33
N VAL C 195 -36.52 -27.89 -4.10
CA VAL C 195 -35.25 -27.46 -3.53
C VAL C 195 -34.08 -27.69 -4.49
N LYS C 196 -33.29 -26.65 -4.75
CA LYS C 196 -32.18 -26.79 -5.67
C LYS C 196 -30.86 -27.04 -4.91
N VAL C 197 -30.16 -28.11 -5.30
CA VAL C 197 -29.00 -28.61 -4.55
C VAL C 197 -27.68 -28.42 -5.31
N GLY C 198 -26.69 -27.85 -4.64
CA GLY C 198 -25.42 -27.61 -5.28
C GLY C 198 -24.66 -26.41 -4.74
N ILE C 199 -23.61 -26.70 -3.99
CA ILE C 199 -22.68 -25.66 -3.57
C ILE C 199 -21.28 -26.19 -3.83
N GLY C 200 -20.63 -25.61 -4.85
CA GLY C 200 -19.32 -26.08 -5.26
C GLY C 200 -19.12 -26.89 -6.55
N PRO C 201 -20.11 -27.70 -6.97
CA PRO C 201 -19.78 -28.65 -8.04
C PRO C 201 -19.58 -28.05 -9.44
N GLY C 202 -20.13 -26.86 -9.70
CA GLY C 202 -20.13 -26.26 -11.02
C GLY C 202 -18.78 -26.24 -11.74
N SER C 203 -18.82 -26.39 -13.07
CA SER C 203 -17.61 -26.46 -13.88
C SER C 203 -16.88 -25.12 -13.99
N ILE C 204 -17.63 -24.03 -13.90
CA ILE C 204 -17.06 -22.68 -13.97
C ILE C 204 -16.95 -22.10 -12.55
N CYS C 205 -17.06 -22.97 -11.57
CA CYS C 205 -17.14 -22.58 -10.16
C CYS C 205 -15.77 -22.67 -9.46
N THR C 206 -15.40 -21.59 -8.79
CA THR C 206 -14.14 -21.53 -8.05
C THR C 206 -14.35 -21.37 -6.54
N THR C 207 -15.60 -21.52 -6.12
CA THR C 207 -15.99 -21.48 -4.71
C THR C 207 -15.13 -22.41 -3.81
N ARG C 208 -14.72 -23.56 -4.32
CA ARG C 208 -13.85 -24.48 -3.57
C ARG C 208 -12.46 -23.90 -3.38
N VAL C 209 -11.94 -23.28 -4.43
CA VAL C 209 -10.60 -22.75 -4.40
C VAL C 209 -10.54 -21.40 -3.67
N VAL C 210 -11.53 -20.55 -3.91
CA VAL C 210 -11.51 -19.22 -3.30
C VAL C 210 -11.95 -19.22 -1.84
N ALA C 211 -13.00 -19.97 -1.53
CA ALA C 211 -13.61 -19.96 -0.20
C ALA C 211 -13.36 -21.23 0.61
N GLY C 212 -12.81 -22.26 -0.02
CA GLY C 212 -12.55 -23.52 0.67
C GLY C 212 -13.84 -24.28 0.99
N VAL C 213 -14.92 -23.93 0.30
CA VAL C 213 -16.26 -24.36 0.64
C VAL C 213 -16.88 -25.21 -0.47
N GLY C 214 -17.59 -26.27 -0.09
CA GLY C 214 -18.31 -27.09 -1.06
C GLY C 214 -18.76 -28.41 -0.48
N VAL C 215 -19.57 -29.15 -1.22
CA VAL C 215 -19.96 -30.50 -0.82
C VAL C 215 -20.02 -31.33 -2.09
N PRO C 216 -19.35 -32.50 -2.11
CA PRO C 216 -19.39 -33.46 -3.24
C PRO C 216 -20.82 -33.72 -3.68
N GLN C 217 -21.09 -33.56 -4.97
CA GLN C 217 -22.46 -33.44 -5.46
C GLN C 217 -23.40 -34.64 -5.21
N LEU C 218 -22.89 -35.86 -5.25
CA LEU C 218 -23.75 -37.03 -4.99
C LEU C 218 -24.16 -37.13 -3.52
N THR C 219 -23.20 -36.98 -2.62
CA THR C 219 -23.51 -36.86 -1.19
C THR C 219 -24.56 -35.76 -0.92
N ALA C 220 -24.37 -34.58 -1.52
CA ALA C 220 -25.34 -33.49 -1.36
C ALA C 220 -26.76 -33.88 -1.85
N VAL C 221 -26.84 -34.45 -3.05
CA VAL C 221 -28.14 -34.82 -3.62
C VAL C 221 -28.80 -35.89 -2.76
N TYR C 222 -28.02 -36.90 -2.38
CA TYR C 222 -28.50 -37.97 -1.50
C TYR C 222 -28.98 -37.48 -0.14
N ASP C 223 -28.19 -36.64 0.51
CA ASP C 223 -28.55 -36.08 1.81
C ASP C 223 -29.79 -35.18 1.74
N CYS C 224 -29.86 -34.35 0.71
CA CYS C 224 -31.00 -33.47 0.56
C CYS C 224 -32.26 -34.22 0.16
N ALA C 225 -32.12 -35.18 -0.75
CA ALA C 225 -33.23 -36.05 -1.15
C ALA C 225 -33.76 -36.86 0.04
N THR C 226 -32.86 -37.37 0.89
CA THR C 226 -33.26 -38.08 2.09
C THR C 226 -34.25 -37.29 2.96
N GLU C 227 -33.95 -36.01 3.20
CA GLU C 227 -34.83 -35.13 3.99
C GLU C 227 -36.09 -34.70 3.20
N ALA C 228 -35.88 -34.23 1.96
CA ALA C 228 -36.96 -33.72 1.13
C ALA C 228 -38.10 -34.75 0.92
N ARG C 229 -37.72 -36.01 0.69
CA ARG C 229 -38.72 -37.01 0.37
C ARG C 229 -39.58 -37.41 1.58
N LYS C 230 -39.17 -37.02 2.78
CA LYS C 230 -40.02 -37.18 3.96
C LYS C 230 -41.22 -36.24 3.88
N HIS C 231 -41.10 -35.19 3.07
CA HIS C 231 -42.16 -34.20 2.90
C HIS C 231 -42.84 -34.30 1.52
N GLY C 232 -42.49 -35.30 0.73
CA GLY C 232 -42.95 -35.36 -0.65
C GLY C 232 -42.38 -34.27 -1.56
N ILE C 233 -41.27 -33.64 -1.17
CA ILE C 233 -40.71 -32.52 -1.93
C ILE C 233 -39.57 -33.00 -2.84
N PRO C 234 -39.61 -32.64 -4.13
CA PRO C 234 -38.57 -33.07 -5.07
C PRO C 234 -37.32 -32.18 -5.02
N VAL C 235 -36.14 -32.73 -5.33
CA VAL C 235 -34.95 -31.89 -5.47
C VAL C 235 -34.40 -31.85 -6.90
N ILE C 236 -33.66 -30.78 -7.18
CA ILE C 236 -32.93 -30.61 -8.43
C ILE C 236 -31.42 -30.65 -8.18
N ALA C 237 -30.72 -31.53 -8.91
CA ALA C 237 -29.25 -31.59 -8.87
C ALA C 237 -28.69 -30.53 -9.78
N ASP C 238 -28.27 -29.41 -9.21
CA ASP C 238 -27.71 -28.30 -9.98
C ASP C 238 -26.18 -28.32 -9.98
N GLY C 239 -25.58 -28.59 -11.14
CA GLY C 239 -24.14 -28.42 -11.30
C GLY C 239 -23.28 -29.68 -11.32
N GLY C 240 -22.16 -29.60 -12.05
CA GLY C 240 -21.15 -30.64 -12.04
C GLY C 240 -21.34 -31.77 -13.04
N ILE C 241 -22.38 -31.67 -13.86
CA ILE C 241 -22.71 -32.72 -14.81
C ILE C 241 -21.94 -32.51 -16.11
N LYS C 242 -21.03 -33.44 -16.42
CA LYS C 242 -20.19 -33.32 -17.60
C LYS C 242 -20.58 -34.31 -18.70
N TYR C 243 -21.21 -35.41 -18.32
CA TYR C 243 -21.52 -36.47 -19.25
C TYR C 243 -22.87 -37.00 -18.90
N SER C 244 -23.55 -37.63 -19.85
CA SER C 244 -24.88 -38.15 -19.60
C SER C 244 -24.88 -39.15 -18.43
N GLY C 245 -23.78 -39.88 -18.29
CA GLY C 245 -23.62 -40.79 -17.17
C GLY C 245 -23.72 -40.12 -15.83
N ASP C 246 -23.25 -38.87 -15.75
CA ASP C 246 -23.36 -38.12 -14.50
C ASP C 246 -24.81 -37.82 -14.19
N MET C 247 -25.60 -37.60 -15.23
CA MET C 247 -27.00 -37.27 -15.04
C MET C 247 -27.77 -38.48 -14.51
N VAL C 248 -27.58 -39.64 -15.11
CA VAL C 248 -28.20 -40.86 -14.59
C VAL C 248 -27.82 -41.09 -13.12
N LYS C 249 -26.55 -40.84 -12.77
CA LYS C 249 -26.13 -41.05 -11.38
C LYS C 249 -26.82 -40.07 -10.45
N ALA C 250 -26.95 -38.81 -10.88
CA ALA C 250 -27.63 -37.79 -10.09
C ALA C 250 -29.08 -38.15 -9.82
N LEU C 251 -29.75 -38.65 -10.86
CA LEU C 251 -31.15 -39.03 -10.77
C LEU C 251 -31.28 -40.25 -9.87
N ALA C 252 -30.34 -41.19 -10.02
CA ALA C 252 -30.35 -42.40 -9.22
C ALA C 252 -30.03 -42.12 -7.75
N ALA C 253 -29.41 -40.99 -7.47
CA ALA C 253 -29.07 -40.66 -6.07
C ALA C 253 -30.19 -39.92 -5.36
N GLY C 254 -31.30 -39.67 -6.06
CA GLY C 254 -32.46 -39.06 -5.41
C GLY C 254 -33.02 -37.81 -6.06
N ALA C 255 -32.35 -37.29 -7.07
CA ALA C 255 -32.84 -36.06 -7.69
C ALA C 255 -34.03 -36.35 -8.56
N HIS C 256 -34.96 -35.41 -8.64
CA HIS C 256 -36.06 -35.55 -9.57
C HIS C 256 -35.61 -35.13 -10.95
N VAL C 257 -34.68 -34.17 -10.98
CA VAL C 257 -34.32 -33.44 -12.19
C VAL C 257 -32.89 -32.85 -12.07
N VAL C 258 -32.23 -32.65 -13.19
CA VAL C 258 -30.91 -31.99 -13.17
C VAL C 258 -30.91 -30.64 -13.90
N MET C 259 -30.09 -29.73 -13.42
CA MET C 259 -29.93 -28.42 -14.00
C MET C 259 -28.56 -28.38 -14.63
N LEU C 260 -28.48 -28.02 -15.91
CA LEU C 260 -27.21 -27.98 -16.62
C LEU C 260 -26.86 -26.59 -17.11
N GLY C 261 -25.59 -26.23 -16.96
CA GLY C 261 -25.03 -25.02 -17.55
C GLY C 261 -24.14 -25.28 -18.75
N SER C 262 -22.93 -25.78 -18.49
CA SER C 262 -21.95 -25.97 -19.56
C SER C 262 -22.39 -26.91 -20.67
N MET C 263 -23.11 -27.97 -20.35
CA MET C 263 -23.60 -28.84 -21.42
C MET C 263 -24.51 -28.10 -22.41
N PHE C 264 -25.02 -26.93 -22.02
CA PHE C 264 -25.95 -26.14 -22.84
C PHE C 264 -25.37 -24.87 -23.45
N ALA C 265 -24.35 -24.31 -22.80
CA ALA C 265 -23.75 -23.03 -23.22
C ALA C 265 -23.26 -22.97 -24.67
N GLY C 266 -22.92 -24.12 -25.23
CA GLY C 266 -22.41 -24.13 -26.60
C GLY C 266 -23.45 -24.29 -27.69
N VAL C 267 -24.73 -24.31 -27.35
CA VAL C 267 -25.74 -24.58 -28.38
C VAL C 267 -26.28 -23.32 -29.05
N ALA C 268 -26.82 -23.50 -30.26
CA ALA C 268 -27.31 -22.39 -31.06
C ALA C 268 -28.28 -21.47 -30.31
N GLU C 269 -29.11 -22.05 -29.46
CA GLU C 269 -30.19 -21.31 -28.82
C GLU C 269 -29.78 -20.54 -27.57
N SER C 270 -28.59 -20.82 -27.03
CA SER C 270 -28.07 -20.07 -25.89
C SER C 270 -27.76 -18.64 -26.34
N PRO C 271 -27.80 -17.69 -25.40
CA PRO C 271 -27.53 -16.31 -25.82
C PRO C 271 -26.03 -16.09 -26.06
N GLY C 272 -25.67 -14.92 -26.56
CA GLY C 272 -24.29 -14.66 -26.91
C GLY C 272 -24.05 -15.00 -28.36
N GLU C 273 -23.16 -14.24 -28.99
CA GLU C 273 -22.82 -14.49 -30.39
C GLU C 273 -21.81 -15.62 -30.49
N THR C 274 -21.59 -16.11 -31.70
CA THR C 274 -20.58 -17.12 -31.92
C THR C 274 -19.24 -16.49 -32.28
N GLU C 275 -18.26 -16.69 -31.40
CA GLU C 275 -16.90 -16.24 -31.66
C GLU C 275 -16.18 -17.32 -32.47
N ILE C 276 -15.28 -16.89 -33.35
CA ILE C 276 -14.59 -17.81 -34.21
C ILE C 276 -13.08 -17.75 -33.96
N TYR C 277 -12.47 -18.91 -33.74
CA TYR C 277 -11.04 -18.96 -33.46
C TYR C 277 -10.40 -20.06 -34.29
N GLN C 278 -9.69 -19.66 -35.34
CA GLN C 278 -9.03 -20.59 -36.25
C GLN C 278 -10.00 -21.60 -36.87
N GLY C 279 -11.07 -21.12 -37.47
CA GLY C 279 -12.04 -21.99 -38.10
C GLY C 279 -12.79 -22.87 -37.11
N ARG C 280 -12.55 -22.63 -35.82
CA ARG C 280 -13.27 -23.34 -34.77
C ARG C 280 -14.33 -22.44 -34.16
N GLN C 281 -15.56 -22.96 -34.13
CA GLN C 281 -16.70 -22.23 -33.62
C GLN C 281 -16.73 -22.24 -32.09
N PHE C 282 -16.87 -21.06 -31.49
CA PHE C 282 -16.91 -20.94 -30.03
C PHE C 282 -18.08 -20.12 -29.52
N LYS C 283 -18.55 -20.46 -28.33
CA LYS C 283 -19.43 -19.61 -27.57
C LYS C 283 -18.80 -19.41 -26.20
N VAL C 284 -18.99 -18.23 -25.61
CA VAL C 284 -18.50 -17.97 -24.26
C VAL C 284 -19.47 -18.51 -23.20
N TYR C 285 -18.90 -18.96 -22.09
CA TYR C 285 -19.66 -19.46 -20.95
C TYR C 285 -19.00 -18.93 -19.69
N ARG C 286 -19.77 -18.30 -18.81
CA ARG C 286 -19.16 -17.69 -17.64
C ARG C 286 -20.03 -17.86 -16.40
N GLY C 287 -19.40 -18.05 -15.24
CA GLY C 287 -20.14 -18.10 -13.99
C GLY C 287 -20.86 -16.79 -13.74
N MET C 288 -21.90 -16.83 -12.93
CA MET C 288 -22.63 -15.61 -12.62
C MET C 288 -21.92 -14.89 -11.48
N GLY C 289 -20.94 -15.58 -10.89
CA GLY C 289 -20.03 -14.99 -9.95
C GLY C 289 -18.70 -14.63 -10.60
N SER C 290 -18.68 -14.59 -11.93
CA SER C 290 -17.48 -14.14 -12.63
C SER C 290 -17.40 -12.62 -12.71
N VAL C 291 -16.19 -12.09 -12.88
CA VAL C 291 -15.95 -10.64 -12.98
C VAL C 291 -16.90 -9.97 -13.97
N GLY C 292 -17.04 -10.56 -15.15
CA GLY C 292 -17.86 -10.02 -16.22
C GLY C 292 -19.36 -10.09 -15.99
N ALA C 293 -19.83 -11.22 -15.45
CA ALA C 293 -21.24 -11.36 -15.10
C ALA C 293 -21.64 -10.42 -13.95
N MET C 294 -20.75 -10.28 -12.98
CA MET C 294 -20.96 -9.40 -11.83
C MET C 294 -21.02 -7.92 -12.23
N GLU C 295 -20.51 -7.62 -13.42
CA GLU C 295 -20.54 -6.25 -13.95
C GLU C 295 -21.87 -5.94 -14.65
N LYS C 296 -22.55 -6.97 -15.14
CA LYS C 296 -23.86 -6.80 -15.79
C LYS C 296 -24.99 -7.21 -14.87
N LYS C 309 -17.71 -5.63 -3.35
CA LYS C 309 -16.48 -5.90 -2.65
C LYS C 309 -16.15 -7.40 -2.63
N LEU C 310 -17.09 -8.22 -3.12
CA LEU C 310 -16.89 -9.66 -3.21
C LEU C 310 -15.86 -10.00 -4.27
N VAL C 311 -14.94 -10.90 -3.95
CA VAL C 311 -14.04 -11.45 -4.96
C VAL C 311 -14.81 -12.48 -5.79
N PRO C 312 -14.57 -12.51 -7.11
CA PRO C 312 -15.29 -13.43 -7.99
C PRO C 312 -15.17 -14.90 -7.57
N GLU C 313 -16.20 -15.69 -7.83
CA GLU C 313 -16.19 -17.12 -7.53
C GLU C 313 -16.57 -17.92 -8.78
N GLY C 314 -16.34 -17.33 -9.94
CA GLY C 314 -16.65 -17.96 -11.21
C GLY C 314 -15.68 -17.50 -12.27
N ILE C 315 -15.36 -18.39 -13.21
CA ILE C 315 -14.46 -18.02 -14.28
C ILE C 315 -15.21 -17.82 -15.60
N GLU C 316 -14.45 -17.45 -16.62
CA GLU C 316 -14.94 -17.26 -17.98
C GLU C 316 -14.10 -18.13 -18.89
N GLY C 317 -14.73 -18.71 -19.89
CA GLY C 317 -14.03 -19.58 -20.83
C GLY C 317 -14.87 -19.72 -22.09
N ARG C 318 -14.38 -20.52 -23.02
CA ARG C 318 -15.10 -20.72 -24.27
C ARG C 318 -15.43 -22.18 -24.44
N VAL C 319 -16.70 -22.48 -24.68
CA VAL C 319 -17.11 -23.84 -24.99
C VAL C 319 -17.24 -23.98 -26.50
N PRO C 320 -16.93 -25.17 -27.02
CA PRO C 320 -17.11 -25.43 -28.45
C PRO C 320 -18.57 -25.19 -28.81
N TYR C 321 -18.84 -24.84 -30.06
CA TYR C 321 -20.20 -24.72 -30.54
C TYR C 321 -20.72 -26.13 -30.84
N LYS C 322 -21.88 -26.47 -30.27
CA LYS C 322 -22.44 -27.82 -30.38
C LYS C 322 -23.64 -27.89 -31.32
N GLY C 323 -23.98 -26.76 -31.94
CA GLY C 323 -25.12 -26.73 -32.83
C GLY C 323 -26.45 -26.78 -32.09
N PRO C 324 -27.51 -27.22 -32.79
CA PRO C 324 -28.87 -27.30 -32.25
C PRO C 324 -29.00 -28.05 -30.93
N LEU C 325 -29.66 -27.40 -29.98
CA LEU C 325 -29.95 -27.97 -28.67
C LEU C 325 -30.42 -29.41 -28.75
N ALA C 326 -31.26 -29.72 -29.74
CA ALA C 326 -31.87 -31.05 -29.88
C ALA C 326 -30.86 -32.20 -29.92
N ASP C 327 -29.72 -31.98 -30.58
CA ASP C 327 -28.66 -32.97 -30.62
C ASP C 327 -28.13 -33.30 -29.23
N THR C 328 -27.85 -32.28 -28.43
CA THR C 328 -27.34 -32.48 -27.08
C THR C 328 -28.39 -33.18 -26.22
N VAL C 329 -29.63 -32.71 -26.28
CA VAL C 329 -30.74 -33.31 -25.54
C VAL C 329 -30.97 -34.77 -25.92
N HIS C 330 -30.96 -35.09 -27.22
CA HIS C 330 -31.06 -36.47 -27.67
C HIS C 330 -29.97 -37.38 -27.10
N GLN C 331 -28.72 -36.89 -27.06
CA GLN C 331 -27.64 -37.68 -26.45
C GLN C 331 -27.91 -37.90 -24.97
N LEU C 332 -28.16 -36.81 -24.23
CA LEU C 332 -28.43 -36.88 -22.77
C LEU C 332 -29.53 -37.85 -22.45
N VAL C 333 -30.68 -37.70 -23.11
CA VAL C 333 -31.83 -38.58 -22.86
C VAL C 333 -31.50 -40.02 -23.27
N GLY C 334 -30.71 -40.19 -24.32
CA GLY C 334 -30.34 -41.50 -24.80
C GLY C 334 -29.47 -42.26 -23.83
N GLY C 335 -28.51 -41.57 -23.22
CA GLY C 335 -27.71 -42.14 -22.16
C GLY C 335 -28.60 -42.55 -20.99
N LEU C 336 -29.58 -41.72 -20.68
CA LEU C 336 -30.46 -41.99 -19.56
C LEU C 336 -31.27 -43.26 -19.80
N ARG C 337 -31.80 -43.41 -21.02
CA ARG C 337 -32.56 -44.61 -21.38
C ARG C 337 -31.72 -45.88 -21.25
N ALA C 338 -30.48 -45.81 -21.73
CA ALA C 338 -29.55 -46.91 -21.61
C ALA C 338 -29.37 -47.29 -20.15
N GLY C 339 -29.02 -46.32 -19.31
CA GLY C 339 -28.83 -46.54 -17.89
C GLY C 339 -30.04 -47.16 -17.17
N MET C 340 -31.22 -46.72 -17.59
CA MET C 340 -32.50 -47.22 -17.05
C MET C 340 -32.75 -48.65 -17.48
N GLY C 341 -32.39 -48.96 -18.73
CA GLY C 341 -32.39 -50.34 -19.19
C GLY C 341 -31.52 -51.23 -18.31
N TYR C 342 -30.26 -50.85 -18.14
CA TYR C 342 -29.34 -51.61 -17.26
C TYR C 342 -29.85 -51.78 -15.83
N CYS C 343 -30.54 -50.77 -15.31
CA CYS C 343 -31.09 -50.80 -13.96
C CYS C 343 -32.47 -51.50 -13.87
N GLY C 344 -33.09 -51.77 -15.00
CA GLY C 344 -34.42 -52.33 -14.98
C GLY C 344 -35.41 -51.29 -14.49
N ALA C 345 -35.13 -50.02 -14.77
CA ALA C 345 -36.03 -48.96 -14.35
C ALA C 345 -36.95 -48.53 -15.50
N GLN C 346 -38.23 -48.89 -15.40
N GLN C 346 -38.23 -48.90 -15.40
CA GLN C 346 -39.20 -48.49 -16.42
CA GLN C 346 -39.22 -48.49 -16.39
C GLN C 346 -39.54 -47.00 -16.32
C GLN C 346 -39.48 -46.99 -16.32
N ASP C 347 -39.37 -46.43 -15.13
CA ASP C 347 -39.58 -44.99 -14.95
C ASP C 347 -38.62 -44.44 -13.90
N LEU C 348 -38.53 -43.11 -13.84
CA LEU C 348 -37.58 -42.45 -12.94
C LEU C 348 -37.87 -42.68 -11.45
N GLU C 349 -39.13 -42.90 -11.08
CA GLU C 349 -39.41 -43.22 -9.68
C GLU C 349 -38.78 -44.55 -9.25
N PHE C 350 -38.73 -45.53 -10.14
CA PHE C 350 -38.10 -46.80 -9.79
C PHE C 350 -36.57 -46.63 -9.62
N LEU C 351 -35.94 -45.98 -10.58
CA LEU C 351 -34.51 -45.73 -10.51
C LEU C 351 -34.18 -45.03 -9.20
N ARG C 352 -34.94 -43.98 -8.87
CA ARG C 352 -34.74 -43.19 -7.67
C ARG C 352 -34.82 -44.01 -6.37
N GLU C 353 -35.81 -44.89 -6.27
CA GLU C 353 -36.00 -45.68 -5.05
C GLU C 353 -35.17 -46.97 -4.99
N ASN C 354 -34.71 -47.47 -6.13
CA ASN C 354 -34.11 -48.80 -6.16
C ASN C 354 -32.68 -48.93 -6.70
N ALA C 355 -32.24 -48.02 -7.55
CA ALA C 355 -30.94 -48.17 -8.16
C ALA C 355 -29.87 -48.24 -7.06
N GLN C 356 -28.87 -49.09 -7.27
CA GLN C 356 -27.81 -49.25 -6.29
C GLN C 356 -26.51 -48.81 -6.96
N PHE C 357 -25.59 -48.29 -6.16
CA PHE C 357 -24.29 -47.90 -6.67
C PHE C 357 -23.22 -48.83 -6.14
N ILE C 358 -22.03 -48.73 -6.73
CA ILE C 358 -20.86 -49.37 -6.19
C ILE C 358 -19.73 -48.35 -6.16
N ARG C 359 -18.99 -48.34 -5.06
CA ARG C 359 -17.92 -47.37 -4.87
C ARG C 359 -16.64 -47.87 -5.50
N MET C 360 -15.89 -46.97 -6.12
CA MET C 360 -14.56 -47.29 -6.63
C MET C 360 -13.47 -46.45 -5.96
N SER C 361 -12.22 -46.87 -6.11
CA SER C 361 -11.08 -46.04 -5.74
C SER C 361 -10.61 -45.28 -6.98
N GLY C 362 -9.65 -44.39 -6.79
CA GLY C 362 -9.10 -43.62 -7.91
C GLY C 362 -8.62 -44.46 -9.08
N ALA C 363 -7.98 -45.59 -8.80
CA ALA C 363 -7.48 -46.49 -9.84
C ALA C 363 -8.62 -46.97 -10.74
N GLY C 364 -9.80 -47.09 -10.16
CA GLY C 364 -10.98 -47.51 -10.90
C GLY C 364 -11.62 -46.41 -11.73
N LEU C 365 -11.22 -45.17 -11.49
CA LEU C 365 -11.69 -44.04 -12.28
C LEU C 365 -10.97 -44.00 -13.63
N LEU C 366 -9.64 -43.96 -13.55
CA LEU C 366 -8.81 -44.00 -14.74
C LEU C 366 -8.46 -45.45 -15.10
N ASN D 23 -2.72 8.69 16.08
CA ASN D 23 -2.00 9.56 15.15
C ASN D 23 -1.57 10.89 15.79
N ALA D 24 -0.63 10.81 16.72
CA ALA D 24 -0.14 12.00 17.39
C ALA D 24 0.67 12.87 16.44
N MET D 25 1.35 12.22 15.49
CA MET D 25 2.19 12.92 14.53
C MET D 25 1.35 13.80 13.59
N TRP D 26 0.13 13.37 13.31
CA TRP D 26 -0.76 14.17 12.46
C TRP D 26 -1.09 15.46 13.17
N GLU D 27 -1.49 15.36 14.44
CA GLU D 27 -1.86 16.53 15.22
C GLU D 27 -0.71 17.50 15.56
N SER D 28 0.53 17.03 15.47
CA SER D 28 1.66 17.84 15.90
C SER D 28 2.40 18.49 14.74
N LYS D 29 1.88 18.25 13.54
CA LYS D 29 2.55 18.60 12.29
C LYS D 29 2.99 20.06 12.19
N PHE D 30 2.15 20.95 12.71
CA PHE D 30 2.40 22.38 12.60
C PHE D 30 2.64 23.04 13.96
N VAL D 31 2.98 22.27 14.99
CA VAL D 31 3.17 22.88 16.31
C VAL D 31 4.50 23.64 16.55
N LYS D 32 5.61 23.17 15.98
CA LYS D 32 6.92 23.77 16.23
C LYS D 32 7.09 25.20 15.67
N GLU D 33 7.71 26.08 16.45
CA GLU D 33 8.07 27.43 16.00
C GLU D 33 9.59 27.56 16.03
N GLY D 34 10.16 28.27 15.07
CA GLY D 34 11.59 28.45 15.01
C GLY D 34 12.03 29.89 14.77
N LEU D 35 13.15 30.26 15.37
CA LEU D 35 13.70 31.60 15.21
C LEU D 35 15.04 31.53 14.49
N THR D 36 15.28 32.50 13.61
CA THR D 36 16.60 32.68 13.01
C THR D 36 17.25 33.96 13.55
N PHE D 37 18.45 34.29 13.07
CA PHE D 37 19.24 35.39 13.59
C PHE D 37 18.51 36.74 13.63
N ASP D 38 17.80 37.03 12.55
CA ASP D 38 17.15 38.31 12.38
C ASP D 38 15.92 38.50 13.28
N ASP D 39 15.39 37.40 13.79
CA ASP D 39 14.22 37.43 14.66
C ASP D 39 14.49 37.98 16.07
N VAL D 40 15.76 38.20 16.41
CA VAL D 40 16.13 38.30 17.82
C VAL D 40 17.25 39.32 18.12
N LEU D 41 17.31 39.86 19.35
CA LEU D 41 18.49 40.63 19.78
C LEU D 41 18.93 40.30 21.19
N LEU D 42 20.21 40.48 21.49
CA LEU D 42 20.73 40.22 22.84
C LEU D 42 20.42 41.38 23.77
N VAL D 43 20.00 41.08 25.00
CA VAL D 43 19.61 42.11 25.95
C VAL D 43 20.80 42.50 26.83
N PRO D 44 21.12 43.80 26.88
CA PRO D 44 22.25 44.27 27.69
C PRO D 44 21.98 43.99 29.16
N ALA D 45 23.01 43.61 29.91
CA ALA D 45 22.89 43.34 31.33
C ALA D 45 24.10 43.94 32.05
N LYS D 46 24.06 43.94 33.39
CA LYS D 46 25.12 44.54 34.21
C LYS D 46 26.52 44.04 33.83
N SER D 47 27.44 44.98 33.63
CA SER D 47 28.76 44.65 33.13
C SER D 47 29.87 45.33 33.92
N ASP D 48 30.92 44.56 34.18
CA ASP D 48 32.07 44.93 35.02
C ASP D 48 33.33 44.76 34.17
N VAL D 49 33.15 44.41 32.89
CA VAL D 49 34.24 43.93 32.06
C VAL D 49 34.22 44.60 30.68
N LEU D 50 35.33 45.23 30.33
CA LEU D 50 35.44 45.95 29.07
C LEU D 50 35.56 44.95 27.95
N PRO D 51 35.21 45.37 26.72
CA PRO D 51 35.42 44.51 25.56
C PRO D 51 36.89 44.02 25.44
N ARG D 52 37.86 44.87 25.75
CA ARG D 52 39.27 44.48 25.58
C ARG D 52 39.73 43.44 26.59
N GLU D 53 39.01 43.31 27.70
CA GLU D 53 39.44 42.41 28.74
C GLU D 53 38.61 41.13 28.89
N VAL D 54 37.66 40.86 27.99
CA VAL D 54 36.91 39.61 28.06
C VAL D 54 37.70 38.47 27.39
N SER D 55 37.42 37.24 27.80
CA SER D 55 38.06 36.07 27.20
C SER D 55 37.16 35.44 26.14
N VAL D 56 37.72 35.18 24.96
CA VAL D 56 37.00 34.51 23.89
C VAL D 56 37.53 33.10 23.58
N LYS D 57 38.19 32.46 24.54
CA LYS D 57 38.74 31.12 24.36
C LYS D 57 37.67 30.04 24.53
N THR D 58 37.80 28.92 23.84
CA THR D 58 36.88 27.80 24.07
C THR D 58 37.56 26.43 24.00
N VAL D 59 37.15 25.56 24.90
CA VAL D 59 37.61 24.18 24.96
C VAL D 59 36.58 23.25 24.33
N LEU D 60 36.84 22.78 23.12
CA LEU D 60 36.00 21.79 22.48
C LEU D 60 36.26 20.39 23.03
N SER D 61 37.49 20.18 23.50
CA SER D 61 37.88 18.94 24.16
C SER D 61 39.26 19.10 24.81
N GLU D 62 39.74 18.07 25.50
CA GLU D 62 41.03 18.15 26.19
C GLU D 62 42.20 18.38 25.24
N SER D 63 42.03 17.98 23.99
CA SER D 63 43.12 18.15 23.01
C SER D 63 42.71 19.06 21.85
N LEU D 64 41.70 19.89 22.05
CA LEU D 64 41.28 20.80 20.99
C LEU D 64 40.77 22.09 21.63
N GLN D 65 41.70 22.99 21.92
CA GLN D 65 41.38 24.21 22.64
C GLN D 65 41.68 25.39 21.75
N LEU D 66 40.65 26.17 21.45
CA LEU D 66 40.77 27.27 20.50
C LEU D 66 40.82 28.61 21.20
N ASN D 67 41.73 29.47 20.73
CA ASN D 67 41.85 30.80 21.29
C ASN D 67 40.76 31.76 20.87
N ILE D 68 40.17 31.53 19.68
CA ILE D 68 39.02 32.30 19.25
C ILE D 68 37.96 31.32 18.73
N PRO D 69 36.66 31.63 18.91
CA PRO D 69 35.65 30.61 18.64
C PRO D 69 35.25 30.59 17.17
N LEU D 70 36.22 30.45 16.27
CA LEU D 70 35.93 30.48 14.84
C LEU D 70 36.55 29.29 14.10
N ILE D 71 35.78 28.70 13.20
CA ILE D 71 36.25 27.61 12.34
C ILE D 71 35.93 27.92 10.89
N SER D 72 36.85 27.68 9.97
CA SER D 72 36.57 27.93 8.57
C SER D 72 36.06 26.65 7.91
N ALA D 73 35.04 26.81 7.08
CA ALA D 73 34.30 25.71 6.46
C ALA D 73 35.18 24.81 5.61
N GLY D 74 34.94 23.50 5.70
CA GLY D 74 35.62 22.54 4.86
C GLY D 74 35.04 22.51 3.47
N MET D 75 35.26 23.57 2.69
CA MET D 75 34.70 23.66 1.33
C MET D 75 35.83 23.96 0.36
N ASP D 76 35.65 23.64 -0.93
CA ASP D 76 36.75 23.71 -1.89
C ASP D 76 37.08 25.11 -2.35
N THR D 77 36.29 26.08 -1.89
CA THR D 77 36.52 27.48 -2.22
C THR D 77 36.77 28.25 -0.92
N VAL D 78 37.02 27.51 0.17
CA VAL D 78 37.21 28.12 1.49
C VAL D 78 38.52 27.69 2.17
N THR D 79 38.74 26.39 2.34
CA THR D 79 39.87 25.93 3.15
C THR D 79 40.81 24.88 2.54
N GLU D 80 42.03 25.30 2.24
CA GLU D 80 43.14 24.39 2.01
C GLU D 80 44.22 24.73 3.05
N ALA D 81 45.45 24.26 2.84
CA ALA D 81 46.52 24.47 3.82
C ALA D 81 46.76 25.94 4.21
N ASP D 82 46.88 26.83 3.23
CA ASP D 82 47.09 28.25 3.50
C ASP D 82 46.02 28.86 4.42
N MET D 83 44.76 28.50 4.19
CA MET D 83 43.67 29.03 5.01
C MET D 83 43.71 28.47 6.41
N ALA D 84 43.96 27.17 6.54
CA ALA D 84 44.00 26.54 7.85
C ALA D 84 45.20 27.05 8.67
N ILE D 85 46.33 27.29 8.02
CA ILE D 85 47.46 27.89 8.71
C ILE D 85 47.11 29.28 9.25
N ALA D 86 46.58 30.14 8.38
CA ALA D 86 46.20 31.49 8.82
C ALA D 86 45.21 31.48 9.98
N MET D 87 44.23 30.57 9.91
CA MET D 87 43.19 30.45 10.93
C MET D 87 43.78 30.01 12.27
N ALA D 88 44.61 28.97 12.22
CA ALA D 88 45.24 28.44 13.41
C ALA D 88 46.09 29.50 14.12
N ARG D 89 46.78 30.34 13.34
CA ARG D 89 47.60 31.42 13.89
C ARG D 89 46.78 32.54 14.55
N GLN D 90 45.56 32.74 14.08
CA GLN D 90 44.63 33.68 14.70
C GLN D 90 44.06 33.11 16.00
N GLY D 91 44.21 31.79 16.19
CA GLY D 91 43.74 31.10 17.38
C GLY D 91 42.51 30.25 17.08
N GLY D 92 42.18 30.14 15.79
CA GLY D 92 41.01 29.40 15.35
C GLY D 92 41.40 28.07 14.72
N LEU D 93 40.54 27.55 13.86
CA LEU D 93 40.77 26.24 13.25
C LEU D 93 40.25 26.18 11.82
N GLY D 94 41.00 25.54 10.93
CA GLY D 94 40.54 25.32 9.58
C GLY D 94 40.30 23.84 9.30
N ILE D 95 39.25 23.56 8.54
CA ILE D 95 38.94 22.19 8.10
C ILE D 95 39.30 21.95 6.64
N ILE D 96 40.37 21.19 6.38
CA ILE D 96 40.74 20.84 5.01
C ILE D 96 39.64 20.04 4.31
N HIS D 97 39.21 20.50 3.13
CA HIS D 97 38.11 19.87 2.40
C HIS D 97 38.47 18.53 1.73
N LYS D 98 37.44 17.77 1.37
CA LYS D 98 37.63 16.41 0.87
C LYS D 98 37.54 16.27 -0.65
N ASN D 99 37.51 17.38 -1.36
CA ASN D 99 37.46 17.32 -2.83
C ASN D 99 38.86 17.20 -3.45
N MET D 100 39.68 16.37 -2.82
CA MET D 100 41.02 16.04 -3.29
C MET D 100 41.30 14.60 -2.85
N SER D 101 42.27 13.96 -3.51
CA SER D 101 42.59 12.57 -3.20
C SER D 101 43.11 12.46 -1.78
N ILE D 102 43.20 11.21 -1.30
CA ILE D 102 43.73 10.92 0.02
C ILE D 102 45.14 11.48 0.22
N GLU D 103 46.04 11.21 -0.74
CA GLU D 103 47.42 11.69 -0.63
C GLU D 103 47.45 13.21 -0.56
N GLN D 104 46.67 13.85 -1.41
CA GLN D 104 46.61 15.31 -1.43
C GLN D 104 46.17 15.89 -0.09
N GLN D 105 45.18 15.26 0.54
CA GLN D 105 44.69 15.75 1.82
C GLN D 105 45.66 15.48 2.98
N ALA D 106 46.23 14.27 3.01
CA ALA D 106 47.20 13.91 4.03
C ALA D 106 48.39 14.86 3.99
N GLU D 107 48.76 15.26 2.78
CA GLU D 107 49.87 16.17 2.58
C GLU D 107 49.47 17.62 2.96
N GLN D 108 48.21 17.98 2.69
CA GLN D 108 47.68 19.29 3.13
C GLN D 108 47.71 19.41 4.65
N VAL D 109 47.20 18.40 5.34
CA VAL D 109 47.31 18.33 6.81
C VAL D 109 48.75 18.44 7.28
N ASP D 110 49.62 17.59 6.76
CA ASP D 110 51.04 17.61 7.15
C ASP D 110 51.67 18.99 6.98
N LYS D 111 51.32 19.63 5.86
CA LYS D 111 51.77 20.99 5.57
C LYS D 111 51.41 21.96 6.70
N VAL D 112 50.24 21.78 7.29
CA VAL D 112 49.82 22.62 8.40
C VAL D 112 50.58 22.27 9.69
N LYS D 113 50.77 20.98 9.96
CA LYS D 113 51.38 20.54 11.22
C LYS D 113 52.84 20.94 11.24
N ARG D 114 53.49 20.91 10.07
CA ARG D 114 54.90 21.26 10.03
C ARG D 114 55.12 22.77 10.13
N SER D 115 54.04 23.54 10.08
CA SER D 115 54.14 24.99 10.17
C SER D 115 54.16 25.52 11.61
N GLY D 116 54.59 24.68 12.54
CA GLY D 116 54.88 25.12 13.90
C GLY D 116 53.87 24.76 14.98
N GLY D 117 53.40 23.52 14.98
CA GLY D 117 52.47 23.05 16.00
C GLY D 117 51.11 23.72 15.95
N LEU D 118 50.58 23.88 14.74
CA LEU D 118 49.26 24.46 14.55
C LEU D 118 48.19 23.36 14.55
N LEU D 119 47.02 23.67 15.08
CA LEU D 119 45.89 22.74 15.03
C LEU D 119 45.24 22.70 13.64
N VAL D 120 44.73 21.55 13.23
CA VAL D 120 44.07 21.42 11.93
C VAL D 120 43.05 20.28 11.93
N GLY D 121 41.95 20.46 11.21
CA GLY D 121 40.94 19.42 11.02
C GLY D 121 40.80 19.01 9.56
N ALA D 122 40.10 17.91 9.31
CA ALA D 122 39.94 17.42 7.94
C ALA D 122 38.60 16.74 7.73
N ALA D 123 37.93 17.06 6.63
CA ALA D 123 36.61 16.52 6.33
C ALA D 123 36.69 15.16 5.66
N VAL D 124 35.76 14.26 6.01
CA VAL D 124 35.67 12.95 5.40
C VAL D 124 34.22 12.62 5.10
N GLY D 125 33.97 12.02 3.94
CA GLY D 125 32.62 11.63 3.61
C GLY D 125 32.30 10.24 4.14
N VAL D 126 31.03 9.99 4.41
CA VAL D 126 30.60 8.66 4.81
C VAL D 126 30.56 7.77 3.57
N THR D 127 31.72 7.23 3.21
CA THR D 127 31.80 6.34 2.06
C THR D 127 32.53 5.06 2.47
N ALA D 128 32.68 4.12 1.52
CA ALA D 128 33.40 2.89 1.80
C ALA D 128 34.86 3.19 2.15
N ASP D 129 35.45 4.15 1.44
CA ASP D 129 36.87 4.47 1.58
C ASP D 129 37.16 5.41 2.75
N ALA D 130 36.15 5.68 3.56
CA ALA D 130 36.30 6.64 4.66
C ALA D 130 37.41 6.19 5.59
N MET D 131 37.41 4.89 5.90
CA MET D 131 38.40 4.39 6.85
C MET D 131 39.82 4.52 6.30
N THR D 132 40.00 4.27 5.01
CA THR D 132 41.27 4.49 4.33
C THR D 132 41.72 5.94 4.45
N ARG D 133 40.85 6.86 4.07
CA ARG D 133 41.15 8.28 4.15
C ARG D 133 41.52 8.70 5.58
N ILE D 134 40.73 8.28 6.55
CA ILE D 134 40.98 8.64 7.94
C ILE D 134 42.33 8.14 8.44
N ASP D 135 42.68 6.91 8.08
CA ASP D 135 43.97 6.34 8.48
C ASP D 135 45.15 7.21 8.02
N ALA D 136 45.10 7.67 6.78
CA ALA D 136 46.13 8.55 6.24
C ALA D 136 46.12 9.89 6.98
N LEU D 137 44.93 10.41 7.25
CA LEU D 137 44.82 11.68 7.96
C LEU D 137 45.41 11.54 9.37
N VAL D 138 45.18 10.40 10.01
CA VAL D 138 45.69 10.17 11.36
C VAL D 138 47.20 9.95 11.39
N LYS D 139 47.70 9.21 10.41
CA LYS D 139 49.14 9.03 10.24
C LYS D 139 49.80 10.37 9.97
N ALA D 140 49.05 11.29 9.36
CA ALA D 140 49.53 12.67 9.13
C ALA D 140 49.30 13.56 10.36
N SER D 141 48.81 12.96 11.44
CA SER D 141 48.61 13.64 12.73
C SER D 141 47.60 14.78 12.69
N VAL D 142 46.46 14.53 12.03
CA VAL D 142 45.33 15.44 12.02
C VAL D 142 44.86 15.66 13.46
N ASP D 143 44.22 16.80 13.72
CA ASP D 143 43.79 17.08 15.09
C ASP D 143 42.30 16.82 15.34
N ALA D 144 41.53 16.73 14.26
CA ALA D 144 40.11 16.39 14.33
C ALA D 144 39.64 16.02 12.94
N ILE D 145 38.85 14.95 12.85
CA ILE D 145 38.20 14.65 11.58
C ILE D 145 36.74 15.09 11.64
N VAL D 146 36.22 15.53 10.49
CA VAL D 146 34.86 15.97 10.39
C VAL D 146 34.07 15.01 9.50
N LEU D 147 33.24 14.19 10.13
CA LEU D 147 32.32 13.35 9.38
C LEU D 147 31.02 14.10 9.23
N ASP D 148 30.90 14.88 8.17
CA ASP D 148 29.64 15.57 7.92
C ASP D 148 29.08 15.25 6.56
N THR D 149 27.79 14.96 6.55
CA THR D 149 27.02 14.81 5.33
C THR D 149 25.96 15.88 5.37
N ALA D 150 25.17 15.96 4.29
CA ALA D 150 24.02 16.83 4.26
C ALA D 150 23.00 16.41 5.31
N HIS D 151 22.93 15.12 5.60
CA HIS D 151 21.95 14.61 6.57
C HIS D 151 22.60 13.73 7.64
N GLY D 152 22.95 14.34 8.76
CA GLY D 152 23.68 13.64 9.79
C GLY D 152 22.85 12.62 10.56
N HIS D 153 21.53 12.76 10.52
CA HIS D 153 20.64 11.91 11.31
C HIS D 153 20.31 10.67 10.52
N SER D 154 21.36 9.99 10.07
CA SER D 154 21.20 8.88 9.16
C SER D 154 22.00 7.71 9.71
N GLN D 155 21.55 6.50 9.39
CA GLN D 155 22.17 5.28 9.89
C GLN D 155 23.57 5.14 9.34
N GLY D 156 23.77 5.60 8.11
CA GLY D 156 25.10 5.69 7.52
C GLY D 156 26.11 6.47 8.37
N VAL D 157 25.72 7.63 8.86
CA VAL D 157 26.63 8.45 9.63
C VAL D 157 26.87 7.81 10.99
N ILE D 158 25.81 7.32 11.62
CA ILE D 158 25.90 6.69 12.93
C ILE D 158 26.87 5.50 12.89
N ASP D 159 26.70 4.64 11.89
CA ASP D 159 27.57 3.48 11.71
C ASP D 159 29.04 3.86 11.48
N LYS D 160 29.26 4.91 10.71
CA LYS D 160 30.64 5.30 10.43
C LYS D 160 31.31 5.87 11.68
N VAL D 161 30.59 6.72 12.42
CA VAL D 161 31.11 7.29 13.67
C VAL D 161 31.46 6.18 14.68
N LYS D 162 30.57 5.20 14.82
CA LYS D 162 30.83 4.04 15.70
C LYS D 162 32.12 3.34 15.27
N GLU D 163 32.26 3.18 13.96
CA GLU D 163 33.38 2.47 13.37
C GLU D 163 34.70 3.20 13.63
N VAL D 164 34.69 4.51 13.45
CA VAL D 164 35.88 5.32 13.62
C VAL D 164 36.22 5.41 15.10
N ARG D 165 35.20 5.51 15.95
CA ARG D 165 35.45 5.60 17.39
C ARG D 165 36.12 4.32 17.91
N ALA D 166 35.67 3.17 17.41
CA ALA D 166 36.20 1.89 17.88
C ALA D 166 37.68 1.75 17.54
N LYS D 167 38.06 2.23 16.37
CA LYS D 167 39.45 2.17 15.93
C LYS D 167 40.33 3.25 16.54
N TYR D 168 39.77 4.45 16.72
CA TYR D 168 40.54 5.57 17.24
C TYR D 168 39.92 6.23 18.46
N PRO D 169 40.06 5.57 19.63
CA PRO D 169 39.42 5.98 20.88
C PRO D 169 39.72 7.42 21.29
N SER D 170 40.86 7.96 20.87
CA SER D 170 41.30 9.28 21.34
C SER D 170 41.09 10.41 20.32
N LEU D 171 40.79 10.06 19.08
CA LEU D 171 40.65 11.02 18.00
C LEU D 171 39.41 11.92 18.17
N ASN D 172 39.58 13.23 17.97
CA ASN D 172 38.43 14.11 18.00
C ASN D 172 37.55 13.90 16.77
N ILE D 173 36.28 13.56 17.03
CA ILE D 173 35.33 13.33 15.96
C ILE D 173 34.24 14.38 16.00
N ILE D 174 34.19 15.20 14.95
CA ILE D 174 33.09 16.15 14.77
C ILE D 174 32.14 15.57 13.75
N ALA D 175 30.91 15.30 14.16
CA ALA D 175 29.91 14.79 13.24
C ALA D 175 28.75 15.76 13.05
N GLY D 176 28.14 15.70 11.87
CA GLY D 176 27.02 16.57 11.53
C GLY D 176 26.63 16.27 10.09
N ASN D 177 25.76 17.07 9.48
CA ASN D 177 25.09 18.17 10.17
C ASN D 177 23.71 17.73 10.63
N VAL D 178 23.28 18.24 11.77
CA VAL D 178 22.00 17.86 12.33
C VAL D 178 21.31 19.12 12.78
N ALA D 179 20.05 18.98 13.20
CA ALA D 179 19.25 20.13 13.57
C ALA D 179 18.29 19.85 14.74
N THR D 180 18.30 18.63 15.25
CA THR D 180 17.37 18.29 16.32
C THR D 180 18.07 17.70 17.54
N ALA D 181 17.39 17.72 18.68
CA ALA D 181 17.93 17.16 19.91
C ALA D 181 18.09 15.66 19.76
N GLU D 182 17.17 15.06 19.02
N GLU D 182 17.18 15.02 19.02
CA GLU D 182 17.15 13.63 18.77
CA GLU D 182 17.24 13.57 18.84
C GLU D 182 18.39 13.18 17.99
C GLU D 182 18.45 13.17 18.01
N ALA D 183 18.72 13.93 16.95
CA ALA D 183 19.88 13.66 16.11
C ALA D 183 21.17 13.91 16.86
N THR D 184 21.15 14.89 17.76
CA THR D 184 22.32 15.21 18.56
C THR D 184 22.59 14.06 19.53
N LYS D 185 21.53 13.49 20.08
CA LYS D 185 21.67 12.39 21.02
C LYS D 185 22.19 11.17 20.29
N ALA D 186 21.73 10.97 19.07
CA ALA D 186 22.15 9.79 18.32
C ALA D 186 23.62 9.86 18.00
N LEU D 187 24.12 11.05 17.67
CA LEU D 187 25.52 11.21 17.33
C LEU D 187 26.40 11.06 18.56
N ILE D 188 26.00 11.66 19.67
CA ILE D 188 26.76 11.60 20.91
C ILE D 188 26.90 10.17 21.41
N GLU D 189 25.84 9.40 21.28
CA GLU D 189 25.86 8.00 21.68
C GLU D 189 26.61 7.12 20.71
N ALA D 190 26.74 7.56 19.46
CA ALA D 190 27.53 6.82 18.50
C ALA D 190 29.02 7.12 18.71
N GLY D 191 29.31 8.18 19.45
CA GLY D 191 30.67 8.44 19.88
C GLY D 191 31.31 9.73 19.39
N ALA D 192 30.53 10.61 18.78
CA ALA D 192 31.08 11.91 18.36
C ALA D 192 31.33 12.79 19.60
N ASN D 193 32.41 13.55 19.62
CA ASN D 193 32.61 14.38 20.81
C ASN D 193 32.32 15.86 20.55
N VAL D 194 31.92 16.15 19.32
CA VAL D 194 31.50 17.49 18.93
C VAL D 194 30.40 17.34 17.88
N VAL D 195 29.34 18.14 17.99
CA VAL D 195 28.24 18.08 17.06
C VAL D 195 28.13 19.35 16.21
N LYS D 196 28.06 19.19 14.90
CA LYS D 196 27.98 20.36 14.04
C LYS D 196 26.52 20.54 13.62
N VAL D 197 25.97 21.74 13.84
CA VAL D 197 24.56 22.01 13.67
C VAL D 197 24.27 22.92 12.46
N GLY D 198 23.33 22.50 11.61
CA GLY D 198 22.92 23.32 10.47
C GLY D 198 22.36 22.63 9.26
N ILE D 199 21.04 22.63 9.13
CA ILE D 199 20.42 22.14 7.92
C ILE D 199 19.62 23.27 7.28
N GLY D 200 20.13 23.78 6.18
CA GLY D 200 19.47 24.85 5.46
C GLY D 200 19.85 26.30 5.64
N PRO D 201 20.73 26.66 6.61
CA PRO D 201 20.88 28.12 6.73
C PRO D 201 21.98 28.71 5.84
N GLY D 202 22.79 27.87 5.21
CA GLY D 202 23.88 28.36 4.37
C GLY D 202 23.53 29.44 3.36
N SER D 203 24.41 30.43 3.23
CA SER D 203 24.20 31.50 2.26
C SER D 203 24.18 30.98 0.81
N ILE D 204 24.82 29.84 0.57
CA ILE D 204 24.87 29.26 -0.78
C ILE D 204 23.98 28.04 -0.86
N CYS D 205 23.14 27.87 0.15
CA CYS D 205 22.29 26.71 0.29
C CYS D 205 20.91 26.91 -0.36
N THR D 206 20.47 25.92 -1.14
CA THR D 206 19.12 25.94 -1.72
C THR D 206 18.26 24.76 -1.26
N THR D 207 18.72 24.03 -0.25
CA THR D 207 17.99 22.93 0.39
C THR D 207 16.55 23.31 0.71
N ARG D 208 16.33 24.55 1.18
CA ARG D 208 15.01 25.00 1.61
C ARG D 208 14.05 25.12 0.43
N VAL D 209 14.59 25.52 -0.73
CA VAL D 209 13.83 25.70 -1.95
C VAL D 209 13.68 24.39 -2.78
N VAL D 210 14.70 23.54 -2.74
CA VAL D 210 14.71 22.31 -3.51
C VAL D 210 13.98 21.20 -2.77
N ALA D 211 14.22 21.10 -1.48
CA ALA D 211 13.70 20.00 -0.68
C ALA D 211 12.65 20.42 0.34
N GLY D 212 12.51 21.72 0.58
CA GLY D 212 11.52 22.19 1.54
C GLY D 212 11.90 21.87 2.98
N VAL D 213 13.20 21.66 3.21
CA VAL D 213 13.70 21.09 4.47
C VAL D 213 14.63 22.06 5.18
N GLY D 214 14.42 22.26 6.47
CA GLY D 214 15.33 23.11 7.22
C GLY D 214 14.82 23.44 8.60
N VAL D 215 15.72 23.96 9.43
CA VAL D 215 15.37 24.43 10.76
C VAL D 215 16.07 25.77 10.91
N PRO D 216 15.33 26.83 11.31
CA PRO D 216 15.93 28.16 11.55
C PRO D 216 17.07 28.06 12.56
N GLN D 217 18.19 28.69 12.26
CA GLN D 217 19.46 28.31 12.84
C GLN D 217 19.59 28.53 14.34
N LEU D 218 18.96 29.58 14.85
CA LEU D 218 18.99 29.84 16.29
C LEU D 218 18.23 28.77 17.07
N THR D 219 17.10 28.33 16.52
CA THR D 219 16.32 27.26 17.13
C THR D 219 17.13 25.97 17.13
N ALA D 220 17.71 25.62 15.98
CA ALA D 220 18.52 24.40 15.87
C ALA D 220 19.69 24.36 16.87
N VAL D 221 20.38 25.49 17.01
CA VAL D 221 21.53 25.56 17.89
C VAL D 221 21.11 25.37 19.35
N TYR D 222 20.04 26.05 19.73
CA TYR D 222 19.53 26.00 21.10
C TYR D 222 18.97 24.62 21.44
N ASP D 223 18.25 24.01 20.50
CA ASP D 223 17.70 22.68 20.73
C ASP D 223 18.82 21.65 20.82
N CYS D 224 19.81 21.76 19.93
CA CYS D 224 20.89 20.81 19.94
C CYS D 224 21.75 20.98 21.17
N ALA D 225 21.99 22.22 21.58
CA ALA D 225 22.80 22.53 22.76
C ALA D 225 22.14 22.07 24.05
N THR D 226 20.83 22.28 24.17
CA THR D 226 20.04 21.80 25.30
C THR D 226 20.33 20.33 25.59
N GLU D 227 20.32 19.52 24.52
CA GLU D 227 20.64 18.11 24.61
C GLU D 227 22.12 17.81 24.87
N ALA D 228 23.01 18.46 24.10
CA ALA D 228 24.45 18.26 24.24
C ALA D 228 24.98 18.61 25.64
N ARG D 229 24.50 19.70 26.24
CA ARG D 229 24.90 20.11 27.60
C ARG D 229 24.70 18.99 28.61
N LYS D 230 23.66 18.19 28.41
CA LYS D 230 23.37 17.09 29.32
C LYS D 230 24.53 16.10 29.37
N HIS D 231 25.30 16.02 28.28
CA HIS D 231 26.40 15.07 28.16
C HIS D 231 27.75 15.79 28.17
N GLY D 232 27.73 17.09 28.41
CA GLY D 232 28.96 17.87 28.35
C GLY D 232 29.59 17.87 26.96
N ILE D 233 28.78 17.84 25.91
CA ILE D 233 29.33 17.89 24.56
C ILE D 233 29.06 19.27 23.98
N PRO D 234 30.07 19.85 23.31
CA PRO D 234 29.93 21.16 22.66
C PRO D 234 29.28 21.07 21.28
N VAL D 235 28.57 22.10 20.84
CA VAL D 235 28.11 22.13 19.45
C VAL D 235 28.77 23.25 18.63
N ILE D 236 28.84 23.04 17.32
CA ILE D 236 29.30 24.04 16.39
C ILE D 236 28.10 24.56 15.61
N ALA D 237 27.93 25.88 15.55
CA ALA D 237 26.87 26.48 14.74
C ALA D 237 27.45 26.72 13.36
N ASP D 238 26.93 26.01 12.37
CA ASP D 238 27.48 26.03 11.02
C ASP D 238 26.46 26.57 10.01
N GLY D 239 26.75 27.75 9.45
CA GLY D 239 25.94 28.29 8.36
C GLY D 239 25.14 29.51 8.75
N GLY D 240 24.98 30.42 7.79
CA GLY D 240 24.05 31.53 7.94
C GLY D 240 24.58 32.76 8.63
N ILE D 241 25.82 32.70 9.10
CA ILE D 241 26.37 33.86 9.77
C ILE D 241 26.83 34.89 8.72
N LYS D 242 26.17 36.05 8.72
CA LYS D 242 26.38 37.02 7.68
C LYS D 242 27.07 38.27 8.22
N TYR D 243 27.04 38.46 9.54
CA TYR D 243 27.59 39.64 10.23
C TYR D 243 28.15 39.19 11.57
N SER D 244 29.04 39.98 12.17
CA SER D 244 29.59 39.59 13.48
C SER D 244 28.51 39.41 14.56
N GLY D 245 27.51 40.28 14.56
CA GLY D 245 26.38 40.15 15.48
C GLY D 245 25.70 38.79 15.46
N ASP D 246 25.60 38.18 14.29
CA ASP D 246 24.99 36.84 14.19
C ASP D 246 25.83 35.82 14.95
N MET D 247 27.15 35.99 14.91
CA MET D 247 28.07 35.09 15.59
C MET D 247 27.87 35.17 17.10
N VAL D 248 27.76 36.39 17.63
CA VAL D 248 27.44 36.58 19.03
C VAL D 248 26.09 35.94 19.37
N LYS D 249 25.11 36.12 18.51
CA LYS D 249 23.84 35.44 18.72
C LYS D 249 23.99 33.93 18.75
N ALA D 250 24.73 33.36 17.80
CA ALA D 250 24.88 31.91 17.71
C ALA D 250 25.57 31.33 18.96
N LEU D 251 26.60 32.02 19.45
CA LEU D 251 27.27 31.62 20.67
C LEU D 251 26.30 31.72 21.86
N ALA D 252 25.60 32.84 21.98
CA ALA D 252 24.64 33.03 23.09
C ALA D 252 23.48 32.01 23.08
N ALA D 253 23.20 31.44 21.92
CA ALA D 253 22.13 30.45 21.81
C ALA D 253 22.63 29.07 22.24
N GLY D 254 23.94 28.97 22.56
CA GLY D 254 24.51 27.76 23.11
C GLY D 254 25.64 27.08 22.37
N ALA D 255 26.01 27.58 21.19
CA ALA D 255 27.14 27.01 20.45
C ALA D 255 28.47 27.32 21.16
N HIS D 256 29.42 26.39 21.14
CA HIS D 256 30.78 26.69 21.63
C HIS D 256 31.56 27.50 20.62
N VAL D 257 31.22 27.34 19.35
CA VAL D 257 32.06 27.82 18.28
C VAL D 257 31.21 27.97 17.02
N VAL D 258 31.66 28.79 16.09
CA VAL D 258 30.92 28.96 14.85
C VAL D 258 31.80 28.60 13.67
N MET D 259 31.14 28.13 12.60
CA MET D 259 31.82 27.81 11.36
C MET D 259 31.35 28.74 10.25
N LEU D 260 32.29 29.31 9.50
CA LEU D 260 31.93 30.28 8.49
C LEU D 260 32.35 29.83 7.10
N GLY D 261 31.47 30.01 6.12
CA GLY D 261 31.83 29.82 4.73
C GLY D 261 32.05 31.14 4.02
N SER D 262 30.94 31.82 3.73
CA SER D 262 30.94 33.03 2.92
C SER D 262 31.83 34.16 3.47
N MET D 263 31.86 34.32 4.78
CA MET D 263 32.64 35.40 5.36
C MET D 263 34.15 35.17 5.20
N PHE D 264 34.55 33.96 4.88
CA PHE D 264 35.96 33.63 4.70
C PHE D 264 36.35 33.41 3.23
N ALA D 265 35.37 33.36 2.34
CA ALA D 265 35.63 32.96 0.96
C ALA D 265 36.28 34.07 0.15
N GLY D 266 36.05 35.30 0.56
CA GLY D 266 36.67 36.42 -0.12
C GLY D 266 38.14 36.67 0.16
N VAL D 267 38.71 36.02 1.18
CA VAL D 267 40.05 36.40 1.64
C VAL D 267 41.21 35.79 0.85
N ALA D 268 42.36 36.44 0.94
CA ALA D 268 43.56 36.05 0.20
C ALA D 268 43.99 34.60 0.42
N GLU D 269 43.83 34.10 1.64
CA GLU D 269 44.32 32.78 1.99
C GLU D 269 43.41 31.64 1.51
N SER D 270 42.19 31.97 1.12
CA SER D 270 41.26 30.98 0.62
C SER D 270 41.73 30.50 -0.74
N PRO D 271 41.41 29.26 -1.12
CA PRO D 271 41.90 28.79 -2.40
C PRO D 271 41.10 29.42 -3.53
N GLY D 272 41.62 29.34 -4.75
CA GLY D 272 40.91 29.84 -5.91
C GLY D 272 41.52 31.12 -6.48
N GLU D 273 41.31 31.33 -7.77
CA GLU D 273 41.87 32.49 -8.46
C GLU D 273 41.10 33.76 -8.11
N THR D 274 41.82 34.86 -7.98
CA THR D 274 41.19 36.18 -7.83
C THR D 274 40.96 36.78 -9.22
N GLU D 275 39.72 36.67 -9.69
CA GLU D 275 39.38 37.17 -11.01
C GLU D 275 38.90 38.62 -10.96
N ILE D 276 39.15 39.35 -12.05
CA ILE D 276 38.80 40.77 -12.12
C ILE D 276 37.74 41.01 -13.17
N TYR D 277 36.55 41.40 -12.74
CA TYR D 277 35.53 41.86 -13.67
C TYR D 277 35.07 43.28 -13.33
N GLN D 278 35.19 44.17 -14.31
CA GLN D 278 34.88 45.61 -14.18
C GLN D 278 35.88 46.35 -13.27
N GLY D 279 37.11 45.86 -13.23
CA GLY D 279 38.12 46.44 -12.38
C GLY D 279 37.91 46.14 -10.91
N ARG D 280 37.04 45.18 -10.63
CA ARG D 280 36.74 44.78 -9.24
C ARG D 280 37.23 43.35 -9.04
N GLN D 281 37.93 43.11 -7.93
CA GLN D 281 38.47 41.79 -7.64
C GLN D 281 37.42 40.94 -6.92
N PHE D 282 37.25 39.71 -7.40
CA PHE D 282 36.25 38.81 -6.85
C PHE D 282 36.86 37.43 -6.70
N LYS D 283 36.27 36.62 -5.83
CA LYS D 283 36.62 35.21 -5.74
C LYS D 283 35.36 34.37 -5.88
N VAL D 284 35.55 33.12 -6.27
CA VAL D 284 34.42 32.22 -6.48
C VAL D 284 34.11 31.48 -5.19
N TYR D 285 32.84 31.48 -4.82
CA TYR D 285 32.35 30.75 -3.66
C TYR D 285 31.17 29.90 -4.11
N ARG D 286 31.19 28.62 -3.74
CA ARG D 286 30.15 27.72 -4.21
C ARG D 286 29.82 26.69 -3.13
N GLY D 287 28.55 26.28 -3.09
CA GLY D 287 28.18 25.22 -2.17
C GLY D 287 28.85 23.92 -2.61
N MET D 288 29.07 23.02 -1.66
CA MET D 288 29.60 21.69 -1.99
C MET D 288 28.51 20.81 -2.60
N GLY D 289 27.28 21.30 -2.59
CA GLY D 289 26.18 20.65 -3.27
C GLY D 289 25.83 21.30 -4.60
N SER D 290 26.70 22.19 -5.09
CA SER D 290 26.53 22.79 -6.40
C SER D 290 27.07 21.88 -7.51
N VAL D 291 26.56 22.11 -8.73
CA VAL D 291 26.91 21.31 -9.89
C VAL D 291 28.43 21.14 -10.04
N GLY D 292 29.16 22.25 -10.00
CA GLY D 292 30.60 22.23 -10.13
C GLY D 292 31.33 21.43 -9.05
N ALA D 293 30.95 21.64 -7.79
CA ALA D 293 31.58 20.94 -6.67
C ALA D 293 31.29 19.44 -6.70
N MET D 294 30.03 19.08 -6.92
CA MET D 294 29.62 17.68 -6.93
C MET D 294 30.38 16.83 -7.95
N GLU D 295 30.88 17.48 -9.01
CA GLU D 295 31.58 16.78 -10.07
C GLU D 295 33.08 16.67 -9.76
N LYS D 296 33.62 17.64 -9.01
CA LYS D 296 35.00 17.56 -8.56
C LYS D 296 35.12 16.56 -7.42
N GLY D 297 33.97 16.24 -6.82
CA GLY D 297 33.89 15.20 -5.82
C GLY D 297 33.70 13.82 -6.42
N SER D 298 34.23 13.64 -7.64
CA SER D 298 34.20 12.35 -8.32
C SER D 298 35.21 12.30 -9.47
N LYS D 309 23.93 11.88 -9.45
CA LYS D 309 22.52 11.78 -9.83
C LYS D 309 21.56 12.43 -8.82
N LEU D 310 22.11 13.06 -7.79
CA LEU D 310 21.31 13.89 -6.89
C LEU D 310 21.05 15.24 -7.55
N VAL D 311 19.99 15.92 -7.11
CA VAL D 311 19.75 17.28 -7.57
C VAL D 311 20.60 18.21 -6.74
N PRO D 312 21.24 19.18 -7.39
CA PRO D 312 22.09 20.15 -6.67
C PRO D 312 21.33 20.91 -5.59
N GLU D 313 21.95 21.08 -4.42
CA GLU D 313 21.35 21.85 -3.32
C GLU D 313 22.20 23.06 -2.91
N GLY D 314 23.05 23.51 -3.82
CA GLY D 314 23.89 24.67 -3.59
C GLY D 314 24.11 25.45 -4.88
N ILE D 315 24.44 26.72 -4.74
CA ILE D 315 24.72 27.53 -5.93
C ILE D 315 26.18 27.94 -5.98
N GLU D 316 26.53 28.60 -7.07
CA GLU D 316 27.89 29.05 -7.32
C GLU D 316 27.83 30.55 -7.57
N GLY D 317 28.62 31.31 -6.82
CA GLY D 317 28.65 32.75 -7.00
C GLY D 317 29.99 33.41 -6.73
N ARG D 318 30.02 34.73 -6.87
CA ARG D 318 31.22 35.49 -6.60
C ARG D 318 31.06 36.28 -5.31
N VAL D 319 32.14 36.36 -4.52
CA VAL D 319 32.20 37.22 -3.36
C VAL D 319 33.35 38.20 -3.58
N PRO D 320 33.22 39.41 -3.03
CA PRO D 320 34.28 40.42 -3.13
C PRO D 320 35.56 39.96 -2.42
N TYR D 321 36.70 40.26 -3.03
CA TYR D 321 37.98 39.97 -2.41
C TYR D 321 38.10 40.85 -1.15
N LYS D 322 38.38 40.23 -0.01
N LYS D 322 38.39 40.22 -0.01
CA LYS D 322 38.38 40.94 1.27
CA LYS D 322 38.38 40.91 1.27
C LYS D 322 39.79 41.28 1.78
C LYS D 322 39.78 41.23 1.80
N GLY D 323 40.81 40.86 1.05
CA GLY D 323 42.18 41.03 1.52
C GLY D 323 42.53 39.92 2.49
N PRO D 324 43.58 40.11 3.29
CA PRO D 324 44.04 39.07 4.22
C PRO D 324 43.04 38.69 5.31
N LEU D 325 43.02 37.41 5.66
CA LEU D 325 42.13 36.87 6.68
C LEU D 325 42.16 37.65 7.99
N ALA D 326 43.34 38.14 8.36
CA ALA D 326 43.54 38.81 9.63
C ALA D 326 42.56 39.95 9.87
N ASP D 327 42.31 40.75 8.84
CA ASP D 327 41.34 41.87 8.91
C ASP D 327 39.90 41.40 9.17
N THR D 328 39.47 40.37 8.48
CA THR D 328 38.14 39.84 8.73
C THR D 328 38.02 39.33 10.17
N VAL D 329 39.00 38.54 10.61
CA VAL D 329 38.97 37.99 11.97
C VAL D 329 38.98 39.08 13.05
N HIS D 330 39.84 40.08 12.91
N HIS D 330 39.84 40.09 12.92
CA HIS D 330 39.88 41.18 13.88
CA HIS D 330 39.87 41.16 13.92
C HIS D 330 38.50 41.82 14.02
C HIS D 330 38.52 41.89 14.01
N GLN D 331 37.81 41.98 12.89
CA GLN D 331 36.48 42.60 12.87
C GLN D 331 35.41 41.72 13.52
N LEU D 332 35.41 40.42 13.18
CA LEU D 332 34.57 39.44 13.86
C LEU D 332 34.74 39.40 15.38
N VAL D 333 35.98 39.25 15.83
CA VAL D 333 36.30 39.12 17.25
C VAL D 333 35.97 40.42 17.97
N GLY D 334 36.31 41.54 17.34
CA GLY D 334 35.88 42.84 17.84
C GLY D 334 34.36 42.97 18.03
N GLY D 335 33.59 42.45 17.09
CA GLY D 335 32.13 42.45 17.21
C GLY D 335 31.72 41.64 18.45
N LEU D 336 32.30 40.46 18.57
CA LEU D 336 32.05 39.59 19.71
C LEU D 336 32.43 40.19 21.08
N ARG D 337 33.59 40.86 21.17
CA ARG D 337 34.02 41.52 22.40
C ARG D 337 33.06 42.61 22.82
N ALA D 338 32.59 43.38 21.85
CA ALA D 338 31.61 44.42 22.12
C ALA D 338 30.32 43.78 22.62
N GLY D 339 29.84 42.77 21.90
CA GLY D 339 28.69 42.01 22.37
C GLY D 339 28.84 41.52 23.80
N MET D 340 30.03 41.04 24.17
CA MET D 340 30.22 40.44 25.49
C MET D 340 30.24 41.52 26.53
N GLY D 341 30.82 42.66 26.17
CA GLY D 341 30.81 43.83 27.04
C GLY D 341 29.42 44.29 27.41
N TYR D 342 28.51 44.29 26.43
CA TYR D 342 27.11 44.67 26.65
C TYR D 342 26.40 43.66 27.54
N CYS D 343 26.73 42.37 27.37
CA CYS D 343 26.09 41.30 28.13
C CYS D 343 26.76 41.10 29.49
N GLY D 344 27.92 41.73 29.70
CA GLY D 344 28.65 41.55 30.94
C GLY D 344 29.30 40.18 31.03
N ALA D 345 29.47 39.52 29.89
CA ALA D 345 30.11 38.20 29.84
C ALA D 345 31.63 38.30 29.91
N GLN D 346 32.23 37.86 31.01
CA GLN D 346 33.70 37.82 31.07
C GLN D 346 34.27 36.72 30.17
N ASP D 347 33.52 35.63 30.00
CA ASP D 347 33.95 34.53 29.16
C ASP D 347 32.77 33.96 28.37
N LEU D 348 33.08 33.08 27.42
CA LEU D 348 32.04 32.51 26.59
C LEU D 348 31.09 31.60 27.34
N GLU D 349 31.57 30.96 28.41
CA GLU D 349 30.69 30.16 29.22
C GLU D 349 29.53 31.00 29.77
N PHE D 350 29.83 32.19 30.25
CA PHE D 350 28.79 33.08 30.76
C PHE D 350 27.76 33.41 29.66
N LEU D 351 28.26 33.65 28.46
CA LEU D 351 27.40 34.08 27.37
C LEU D 351 26.39 32.98 27.06
N ARG D 352 26.90 31.77 26.83
CA ARG D 352 26.08 30.59 26.57
C ARG D 352 25.05 30.36 27.64
N GLU D 353 25.45 30.51 28.90
CA GLU D 353 24.59 30.14 30.02
C GLU D 353 23.60 31.22 30.44
N ASN D 354 23.97 32.48 30.30
CA ASN D 354 23.18 33.57 30.90
C ASN D 354 22.62 34.65 29.97
N ALA D 355 23.18 34.82 28.79
CA ALA D 355 22.73 35.91 27.91
C ALA D 355 21.24 35.69 27.58
N GLN D 356 20.47 36.76 27.57
CA GLN D 356 19.07 36.68 27.26
C GLN D 356 18.76 37.39 25.94
N PHE D 357 17.83 36.85 25.19
CA PHE D 357 17.38 37.46 23.94
C PHE D 357 16.03 38.10 24.15
N ILE D 358 15.74 39.11 23.32
CA ILE D 358 14.40 39.62 23.15
C ILE D 358 14.00 39.41 21.69
N ARG D 359 12.74 39.03 21.47
CA ARG D 359 12.25 38.75 20.13
C ARG D 359 11.62 40.00 19.54
N MET D 360 11.82 40.20 18.24
CA MET D 360 11.19 41.34 17.58
C MET D 360 10.47 40.93 16.30
N SER D 361 9.62 41.82 15.78
CA SER D 361 8.96 41.60 14.51
C SER D 361 9.87 42.02 13.35
N GLY D 362 9.41 41.82 12.12
CA GLY D 362 10.19 42.16 10.95
C GLY D 362 10.46 43.65 10.84
N ALA D 363 9.52 44.45 11.36
CA ALA D 363 9.70 45.89 11.45
C ALA D 363 10.87 46.24 12.40
N GLY D 364 11.24 45.28 13.24
CA GLY D 364 12.34 45.46 14.17
C GLY D 364 13.70 45.30 13.52
N LEU D 365 13.71 44.91 12.24
CA LEU D 365 14.95 44.81 11.47
C LEU D 365 15.30 46.17 10.86
N LEU D 366 14.27 46.96 10.61
CA LEU D 366 14.42 48.28 10.01
C LEU D 366 15.05 49.27 10.99
N GLU D 367 14.65 49.16 12.27
CA GLU D 367 15.13 50.03 13.34
C GLU D 367 16.65 49.91 13.52
N SER D 368 17.20 48.78 13.10
CA SER D 368 18.63 48.53 13.14
C SER D 368 19.29 48.83 11.79
#